data_6GPI
#
_entry.id   6GPI
#
loop_
_entity.id
_entity.type
_entity.pdbx_description
1 polymer "tc-DNA (5'-D(*(TCJ)P*(TTK)P*(TCJ)P*(TCS)P*(TCS)P*(TCJ)P*(TTK)P*(TTK)P*(TCY)P*(TCJ))-3')"
2 polymer "DNA (5'-D(*GP*TP*AP*AP*GP*CP*CP*GP*AP*G)-3')"
#
loop_
_entity_poly.entity_id
_entity_poly.type
_entity_poly.pdbx_seq_one_letter_code
_entity_poly.pdbx_strand_id
1 'polydeoxyribonucleotide' (F7H)(EAN)(TCJ)(F4Q)(F4Q)(TCJ)(EAN)(EAN)(TCY)(TCJ) A
2 'polydeoxyribonucleotide' (DG)(DT)(DA)(DA)(DG)(DC)(DC)(DG)(DA)(DG) B
#
loop_
_chem_comp.id
_chem_comp.type
_chem_comp.name
_chem_comp.formula
DA DNA linking 2'-DEOXYADENOSINE-5'-MONOPHOSPHATE 'C10 H14 N5 O6 P'
DC DNA linking 2'-DEOXYCYTIDINE-5'-MONOPHOSPHATE 'C9 H14 N3 O7 P'
DG DNA linking 2'-DEOXYGUANOSINE-5'-MONOPHOSPHATE 'C10 H14 N5 O7 P'
DT DNA linking THYMIDINE-5'-MONOPHOSPHATE 'C10 H15 N2 O8 P'
EAN DNA linking '[(1~{S},2~{R},4~{R},6~{S},8~{R})-8-[5-methyl-2,4-bis(oxidanylidene)pyrimidin-1-yl]-6-oxidanyl-9-oxatricyclo[4.3.0.0^{2,4}]nonan-2-yl] dihydrogen phosphate' 'C13 H17 N2 O8 P'
F4Q DNA linking '[(1~{S},2~{R},4~{R},6~{S},8~{R})-8-(2-azanyl-6-oxidanylidene-1~{H}-purin-9-yl)-6-oxidanyl-9-oxatricyclo[4.3.0.0^{2,4}]nonan-2-yl] dihydrogen phosphate' 'C13 H16 N5 O7 P'
F7H DNA linking 4-azanyl-1-[(1~{S},2~{R},4~{S},6~{S},8~{R})-2,6-bis(oxidanyl)-9-oxatricyclo[4.3.0.0^{2,4}]nonan-8-yl]-5-methyl-pyrimidin-2-one 'C13 H17 N3 O4'
TCJ DNA linking '[(1~{S},2~{R},4~{R},6~{S},8~{R})-8-(4-azanyl-5-methyl-2-oxidanylidene-pyrimidin-1-yl)-6-oxidanyl-9-oxatricyclo[4.3.0.0^{2,4}]nonan-2-yl] dihydrogen phosphate' 'C13 H18 N3 O7 P'
TCY DNA linking '(2R,3aS,4aR,5aR,5bS)-2-(6-amino-9H-purin-9-yl)-3a-hydroxyhexahydrocyclopropa[4,5]cyclopenta[1,2-b]furan-5a(4H)-yl dihydrogen phosphate' 'C13 H16 N5 O6 P'
#
# COMPACT_ATOMS: atom_id res chain seq x y z
O5' F7H A 1 9.40 -11.81 -9.04
C5' F7H A 1 10.00 -11.26 -7.88
C4' F7H A 1 11.21 -10.36 -8.03
O4' F7H A 1 11.11 -9.60 -9.24
C1' F7H A 1 11.41 -8.22 -8.99
N1 F7H A 1 10.31 -7.34 -9.46
C6 F7H A 1 8.99 -7.77 -9.46
C5 F7H A 1 7.98 -6.97 -9.87
C7 F7H A 1 6.53 -7.43 -9.88
C4 F7H A 1 8.33 -5.63 -10.30
N4 F7H A 1 7.39 -4.77 -10.71
N3 F7H A 1 9.62 -5.22 -10.30
C2 F7H A 1 10.64 -6.05 -9.90
O2 F7H A 1 11.82 -5.67 -9.91
C3' F7H A 1 11.23 -9.39 -6.87
C2' F7H A 1 11.63 -8.04 -7.48
C7' F7H A 1 9.80 -9.41 -6.29
C6' F7H A 1 9.12 -10.67 -6.81
C8' F7H A 1 9.84 -11.96 -6.56
O3' F7H A 1 12.17 -9.84 -5.89
HO5' F7H A 1 8.70 -11.24 -9.34
H4' F7H A 1 12.13 -10.95 -8.06
H1' F7H A 1 12.33 -7.97 -9.51
H6 F7H A 1 8.77 -8.79 -9.13
H71 F7H A 1 6.41 -8.31 -9.25
H72 F7H A 1 6.22 -7.66 -10.89
H73 F7H A 1 5.89 -6.64 -9.48
H41 F7H A 1 7.65 -3.83 -11.00
H42 F7H A 1 6.42 -5.05 -10.71
H2' F7H A 1 11.04 -7.23 -7.08
H2'' F7H A 1 12.70 -7.85 -7.30
H7' F7H A 1 9.22 -8.54 -6.63
H7'' F7H A 1 9.82 -9.43 -5.21
H6' F7H A 1 8.04 -10.69 -6.95
H8' F7H A 1 10.71 -11.96 -5.90
H8'' F7H A 1 9.26 -12.89 -6.59
C7 EAN A 2 7.37 -6.01 -6.16
C6 EAN A 2 9.65 -4.96 -6.25
C5 EAN A 2 8.33 -4.91 -6.60
C4 EAN A 2 7.82 -3.79 -7.41
C2 EAN A 2 10.13 -2.88 -7.41
P EAN A 2 12.66 -8.92 -4.65
O1P EAN A 2 13.97 -8.31 -5.03
O2P EAN A 2 12.57 -9.72 -3.42
O5' EAN A 2 11.58 -7.73 -4.57
C5' EAN A 2 11.89 -6.56 -3.86
C4' EAN A 2 12.73 -5.49 -4.55
O4' EAN A 2 12.37 -5.40 -5.93
C1' EAN A 2 12.00 -4.06 -6.27
N1 EAN A 2 10.55 -3.99 -6.64
O4 EAN A 2 6.65 -3.66 -7.76
N3 EAN A 2 8.78 -2.85 -7.75
O2 EAN A 2 10.91 -2.00 -7.77
C3' EAN A 2 12.43 -4.15 -3.89
C2' EAN A 2 12.29 -3.17 -5.05
C7' EAN A 2 11.11 -4.36 -3.10
C6' EAN A 2 10.87 -5.85 -3.00
C8' EAN A 2 11.98 -6.64 -2.37
O3' EAN A 2 13.51 -3.81 -3.02
H73 EAN A 2 7.36 -6.80 -6.91
H71 EAN A 2 6.36 -5.60 -6.06
H72 EAN A 2 7.69 -6.42 -5.20
H6 EAN A 2 10.00 -5.80 -5.65
H4' EAN A 2 13.78 -5.73 -4.46
H1' EAN A 2 12.61 -3.72 -7.11
H3 EAN A 2 8.47 -2.06 -8.29
H2' EAN A 2 11.50 -2.44 -4.88
H2'' EAN A 2 13.24 -2.65 -5.21
H7' EAN A 2 10.26 -3.90 -3.62
H7'' EAN A 2 11.20 -3.93 -2.10
H6' EAN A 2 9.85 -6.24 -2.96
H8' EAN A 2 12.79 -6.09 -1.90
H8'' EAN A 2 11.74 -7.61 -1.92
P TCJ A 3 13.74 -2.33 -2.41
O1P TCJ A 3 14.53 -1.55 -3.39
O2P TCJ A 3 14.23 -2.47 -1.02
O5' TCJ A 3 12.26 -1.70 -2.36
C5' TCJ A 3 12.08 -0.34 -2.03
C4' TCJ A 3 12.24 0.69 -3.12
O4' TCJ A 3 11.84 0.14 -4.38
C1' TCJ A 3 10.80 0.95 -4.97
N1 TCJ A 3 9.50 0.21 -5.01
C6 TCJ A 3 9.25 -0.88 -4.19
C5 TCJ A 3 8.05 -1.54 -4.23
C7 TCJ A 3 7.77 -2.72 -3.33
C4 TCJ A 3 7.06 -1.04 -5.16
N4 TCJ A 3 5.86 -1.63 -5.24
N3 TCJ A 3 7.32 0.03 -5.96
C2 TCJ A 3 8.53 0.67 -5.92
O2 TCJ A 3 8.77 1.63 -6.66
C3' TCJ A 3 11.33 1.87 -2.79
C2' TCJ A 3 10.67 2.22 -4.13
C7' TCJ A 3 10.35 1.36 -1.70
C6' TCJ A 3 10.91 0.06 -1.17
C8' TCJ A 3 12.31 0.11 -0.61
O3' TCJ A 3 12.11 2.97 -2.30
H4' TCJ A 3 13.29 1.02 -3.18
H1' TCJ A 3 11.11 1.22 -5.98
H6 TCJ A 3 10.02 -1.22 -3.50
H73 TCJ A 3 8.48 -2.77 -2.51
H71 TCJ A 3 7.83 -3.65 -3.92
H72 TCJ A 3 6.76 -2.64 -2.92
H41 TCJ A 3 5.17 -1.28 -5.89
H42 TCJ A 3 5.63 -2.41 -4.65
H2' TCJ A 3 9.63 2.49 -4.00
H2'' TCJ A 3 11.20 3.03 -4.61
H7' TCJ A 3 9.36 1.19 -2.13
H7'' TCJ A 3 10.27 2.08 -0.89
H6' TCJ A 3 10.23 -0.71 -0.81
H8' TCJ A 3 12.78 1.08 -0.49
H8'' TCJ A 3 12.61 -0.67 0.09
C8 F4Q A 4 7.02 3.06 -3.38
C2 F4Q A 4 3.48 3.50 -5.95
C4 F4Q A 4 5.41 3.56 -4.75
C5 F4Q A 4 5.19 2.34 -4.16
C6 F4Q A 4 4.00 1.59 -4.48
P F4Q A 4 11.49 4.47 -2.13
O1P F4Q A 4 11.72 5.20 -3.40
O2P F4Q A 4 12.00 5.04 -0.86
O5' F4Q A 4 9.91 4.22 -1.97
C5' F4Q A 4 9.03 5.30 -1.75
C4' F4Q A 4 8.61 6.16 -2.93
O4' F4Q A 4 8.56 5.35 -4.11
C1' F4Q A 4 7.22 5.32 -4.62
N9 F4Q A 4 6.59 4.03 -4.25
N7 F4Q A 4 6.23 2.03 -3.28
O6 F4Q A 4 3.67 0.48 -4.08
N1 F4Q A 4 3.19 2.26 -5.40
N2 F4Q A 4 2.58 4.02 -6.80
N3 F4Q A 4 4.61 4.19 -5.68
C3' F4Q A 4 7.20 6.70 -2.66
C2' F4Q A 4 6.46 6.46 -3.98
C7' F4Q A 4 6.65 5.88 -1.47
C6' F4Q A 4 7.82 5.11 -0.87
C8' F4Q A 4 8.97 5.94 -0.39
O3' F4Q A 4 7.27 8.09 -2.34
H8 F4Q A 4 7.94 3.15 -2.80
H4' F4Q A 4 9.31 6.98 -3.07
H1' F4Q A 4 7.24 5.44 -5.71
H1 F4Q A 4 2.31 1.82 -5.66
H22 F4Q A 4 2.75 4.91 -7.23
H21 F4Q A 4 1.73 3.51 -7.02
H2' F4Q A 4 5.42 6.20 -3.81
H2'' F4Q A 4 6.53 7.34 -4.61
H7' F4Q A 4 5.89 5.17 -1.80
H7'' F4Q A 4 6.23 6.54 -0.72
H6' F4Q A 4 7.64 4.14 -0.43
H8' F4Q A 4 8.85 7.02 -0.36
H8'' F4Q A 4 9.63 5.50 0.37
C8 F4Q A 5 2.94 5.25 -2.67
C2 F4Q A 5 -0.65 3.29 -4.34
C4 F4Q A 5 1.12 4.55 -3.67
C5 F4Q A 5 1.63 3.58 -2.83
C6 F4Q A 5 0.96 2.31 -2.74
P F4Q A 5 5.97 9.07 -2.34
O1P F4Q A 5 5.75 9.55 -3.73
O2P F4Q A 5 6.12 10.05 -1.25
O5' F4Q A 5 4.73 8.10 -1.95
C5' F4Q A 5 3.43 8.63 -1.84
C4' F4Q A 5 2.58 8.78 -3.09
O4' F4Q A 5 2.92 7.75 -4.01
C1' F4Q A 5 1.79 6.92 -4.26
N9 F4Q A 5 1.96 5.62 -3.56
N7 F4Q A 5 2.80 4.03 -2.21
O6 F4Q A 5 1.28 1.34 -2.06
N1 F4Q A 5 -0.19 2.25 -3.53
N2 F4Q A 5 -1.76 3.07 -5.04
N3 F4Q A 5 0.00 4.47 -4.45
C3' F4Q A 5 1.11 8.62 -2.71
C2' F4Q A 5 0.56 7.64 -3.74
C7' F4Q A 5 1.11 8.07 -1.25
C6' F4Q A 5 2.53 8.16 -0.72
C8' F4Q A 5 3.11 9.53 -0.68
O3' F4Q A 5 0.46 9.89 -2.77
H8 F4Q A 5 3.75 5.89 -2.37
H4' F4Q A 5 2.76 9.76 -3.54
H1' F4Q A 5 1.68 6.74 -5.34
H1 F4Q A 5 -0.72 1.39 -3.50
H22 F4Q A 5 -2.13 3.80 -5.63
H21 F4Q A 5 -2.25 2.19 -4.96
H2' F4Q A 5 -0.17 6.96 -3.31
H2'' F4Q A 5 0.09 8.20 -4.56
H7' F4Q A 5 0.78 7.02 -1.23
H7'' F4Q A 5 0.46 8.66 -0.62
H6' F4Q A 5 2.88 7.41 -0.02
H8' F4Q A 5 2.47 10.39 -0.89
H8'' F4Q A 5 3.93 9.73 0.02
P TCJ A 6 -1.17 10.06 -2.74
O1P TCJ A 6 -1.70 9.84 -4.09
O2P TCJ A 6 -1.47 11.34 -2.05
O5' TCJ A 6 -1.67 8.87 -1.79
C5' TCJ A 6 -3.05 8.61 -1.63
C4' TCJ A 6 -3.75 7.70 -2.64
O4' TCJ A 6 -2.85 6.68 -3.07
C1' TCJ A 6 -3.45 5.38 -2.89
N1 TCJ A 6 -2.66 4.55 -1.93
C6 TCJ A 6 -1.59 5.06 -1.20
C5 TCJ A 6 -0.87 4.29 -0.35
C7 TCJ A 6 0.30 4.87 0.43
C4 TCJ A 6 -1.27 2.90 -0.21
N4 TCJ A 6 -0.61 2.07 0.60
N3 TCJ A 6 -2.32 2.41 -0.91
C2 TCJ A 6 -3.04 3.20 -1.77
O2 TCJ A 6 -4.01 2.76 -2.39
C3' TCJ A 6 -4.93 7.06 -1.94
C2' TCJ A 6 -4.88 5.60 -2.40
C7' TCJ A 6 -4.69 7.24 -0.43
C6' TCJ A 6 -3.63 8.31 -0.27
C8' TCJ A 6 -3.90 9.63 -0.94
O3' TCJ A 6 -6.12 7.71 -2.37
H4' TCJ A 6 -4.07 8.28 -3.50
H1' TCJ A 6 -3.47 4.88 -3.86
H6 TCJ A 6 -1.31 6.10 -1.33
H73 TCJ A 6 0.52 4.25 1.31
H71 TCJ A 6 1.19 4.90 -0.21
H72 TCJ A 6 0.06 5.88 0.76
H41 TCJ A 6 -0.89 1.10 0.68
H42 TCJ A 6 0.18 2.41 1.13
H2' TCJ A 6 -5.13 4.92 -1.59
H2'' TCJ A 6 -5.58 5.44 -3.24
H7' TCJ A 6 -4.34 6.32 0.03
H7'' TCJ A 6 -5.62 7.57 0.06
H6' TCJ A 6 -2.96 8.28 0.59
H8' TCJ A 6 -4.90 9.80 -1.35
H8'' TCJ A 6 -3.38 10.51 -0.56
C7 EAN A 7 -4.23 4.40 2.10
C6 EAN A 7 -5.84 3.16 0.63
C5 EAN A 7 -4.86 3.11 1.58
C4 EAN A 7 -4.41 1.84 2.11
C2 EAN A 7 -6.05 0.74 0.60
P EAN A 7 -7.60 7.10 -2.13
O1P EAN A 7 -7.98 6.29 -3.32
O2P EAN A 7 -8.49 8.21 -1.69
O5' EAN A 7 -7.42 6.08 -0.88
C5' EAN A 7 -8.52 5.31 -0.46
C4' EAN A 7 -8.81 3.99 -1.14
O4' EAN A 7 -7.58 3.35 -1.50
C1' EAN A 7 -7.51 2.04 -0.92
N1 EAN A 7 -6.43 2.00 0.13
O4 EAN A 7 -3.52 1.69 2.96
N3 EAN A 7 -5.04 0.72 1.57
O2 EAN A 7 -6.55 -0.31 0.19
C3' EAN A 7 -9.56 3.09 -0.15
C2' EAN A 7 -8.87 1.74 -0.29
C7' EAN A 7 -9.35 3.75 1.24
C6' EAN A 7 -8.83 5.15 1.01
C8' EAN A 7 -9.70 6.04 0.16
O3' EAN A 7 -10.94 3.05 -0.51
H73 EAN A 7 -4.96 5.21 2.05
H71 EAN A 7 -3.37 4.65 1.48
H72 EAN A 7 -3.91 4.26 3.13
H6 EAN A 7 -6.18 4.12 0.26
H4' EAN A 7 -9.41 4.16 -2.04
H1' EAN A 7 -7.29 1.31 -1.68
H3 EAN A 7 -4.76 -0.18 1.91
H2' EAN A 7 -8.78 1.23 0.66
H2'' EAN A 7 -9.44 1.10 -0.99
H7' EAN A 7 -8.62 3.19 1.83
H7'' EAN A 7 -10.29 3.80 1.78
H6' EAN A 7 -8.16 5.60 1.75
H8' EAN A 7 -10.69 5.67 -0.12
H8'' EAN A 7 -9.59 7.12 0.27
C7 EAN A 8 -7.96 2.74 4.43
C6 EAN A 8 -8.63 0.51 3.47
C5 EAN A 8 -7.76 1.25 4.25
C4 EAN A 8 -6.63 0.60 4.91
C2 EAN A 8 -7.38 -1.54 3.89
P EAN A 8 -11.99 1.95 0.08
O1P EAN A 8 -11.88 0.72 -0.73
O2P EAN A 8 -13.30 2.62 0.23
O5' EAN A 8 -11.43 1.63 1.55
C5' EAN A 8 -12.00 0.59 2.30
C4' EAN A 8 -11.56 -0.84 2.01
O4' EAN A 8 -10.19 -0.84 1.61
C1' EAN A 8 -9.41 -1.68 2.47
N1 EAN A 8 -8.46 -0.86 3.30
O4 EAN A 8 -5.81 1.17 5.62
N3 EAN A 8 -6.53 -0.77 4.67
O2 EAN A 8 -7.21 -2.76 3.75
C3' EAN A 8 -11.69 -1.65 3.30
C2' EAN A 8 -10.37 -2.44 3.37
C7' EAN A 8 -11.86 -0.61 4.44
C6' EAN A 8 -12.15 0.73 3.79
C8' EAN A 8 -13.35 0.78 2.90
O3' EAN A 8 -12.82 -2.52 3.22
H73 EAN A 8 -7.28 3.27 3.77
H71 EAN A 8 -7.74 3.01 5.46
H72 EAN A 8 -8.99 3.01 4.21
H6 EAN A 8 -9.46 1.01 3.00
H4' EAN A 8 -12.17 -1.27 1.23
H1' EAN A 8 -8.84 -2.39 1.86
H3 EAN A 8 -5.75 -1.25 5.10
H2' EAN A 8 -10.00 -2.51 4.39
H2'' EAN A 8 -10.53 -3.45 2.97
H7' EAN A 8 -10.96 -0.52 5.04
H7'' EAN A 8 -12.71 -0.88 5.07
H6' EAN A 8 -11.82 1.64 4.27
H8' EAN A 8 -14.02 -0.09 2.88
H8'' EAN A 8 -13.83 1.74 2.72
O1P TCY A 9 -12.38 -4.93 3.81
P TCY A 9 -13.08 -3.71 4.30
O2P TCY A 9 -14.53 -3.77 4.58
C8' TCY A 9 -13.70 -3.84 7.61
O5' TCY A 9 -12.31 -3.20 5.62
C5' TCY A 9 -12.42 -3.90 6.84
C6' TCY A 9 -12.49 -3.13 8.13
C4' TCY A 9 -11.54 -5.11 7.06
C3' TCY A 9 -11.24 -5.22 8.56
C7' TCY A 9 -11.65 -3.85 9.17
O3' TCY A 9 -12.01 -6.28 9.12
C2' TCY A 9 -9.74 -5.50 8.62
C1' TCY A 9 -9.20 -4.97 7.30
O4' TCY A 9 -10.30 -4.92 6.37
N9 TCY A 9 -8.66 -3.60 7.47
C4 TCY A 9 -7.49 -3.29 8.11
N3 TCY A 9 -6.62 -4.18 8.67
C2 TCY A 9 -5.59 -3.54 9.22
N1 TCY A 9 -5.32 -2.24 9.25
C6 TCY A 9 -6.21 -1.38 8.66
N6 TCY A 9 -5.93 -0.07 8.66
C5 TCY A 9 -7.37 -1.93 8.06
N7 TCY A 9 -8.46 -1.37 7.40
C8 TCY A 9 -9.19 -2.40 7.09
H8' TCY A 9 -14.01 -4.76 8.11
H8'A TCY A 9 -14.50 -3.25 7.18
H6' TCY A 9 -12.46 -2.04 8.09
H4' TCY A 9 -12.04 -6.01 6.70
H7' TCY A 9 -10.78 -3.26 9.41
H7'A TCY A 9 -12.24 -4.00 10.07
H2' TCY A 9 -9.27 -5.01 9.47
H2'A TCY A 9 -9.57 -6.58 8.67
H1' TCY A 9 -8.43 -5.64 6.92
H2 TCY A 9 -4.85 -4.17 9.72
HN6 TCY A 9 -5.09 0.28 9.10
HN6A TCY A 9 -6.58 0.59 8.23
H8 TCY A 9 -10.14 -2.31 6.57
P TCJ A 10 -11.70 -6.92 10.59
O1P TCJ A 10 -10.71 -7.99 10.42
O2P TCJ A 10 -13.00 -7.22 11.23
O5' TCJ A 10 -11.00 -5.71 11.41
C5' TCJ A 10 -10.45 -5.98 12.68
C4' TCJ A 10 -9.08 -6.62 12.78
O4' TCJ A 10 -8.24 -6.10 11.74
C1' TCJ A 10 -7.06 -5.50 12.31
N1 TCJ A 10 -7.12 -4.00 12.18
C6 TCJ A 10 -8.26 -3.34 11.75
C5 TCJ A 10 -8.30 -1.99 11.65
C7 TCJ A 10 -9.54 -1.25 11.15
C4 TCJ A 10 -7.11 -1.26 12.02
N4 TCJ A 10 -7.08 0.08 11.96
N3 TCJ A 10 -6.00 -1.91 12.45
C2 TCJ A 10 -5.95 -3.27 12.53
O2 TCJ A 10 -4.95 -3.87 12.90
C3' TCJ A 10 -8.48 -6.23 14.12
C2' TCJ A 10 -7.02 -5.89 13.79
C7' TCJ A 10 -9.29 -5.02 14.63
C6' TCJ A 10 -10.57 -4.97 13.80
C8' TCJ A 10 -11.40 -6.20 13.82
O3' TCJ A 10 -8.55 -7.32 15.02
H4' TCJ A 10 -9.17 -7.70 12.69
H1' TCJ A 10 -6.17 -5.88 11.80
H6 TCJ A 10 -9.14 -3.91 11.48
H73 TCJ A 10 -9.44 -1.03 10.09
H71 TCJ A 10 -9.66 -0.32 11.70
H72 TCJ A 10 -10.42 -1.87 11.30
H41 TCJ A 10 -6.24 0.58 12.24
H42 TCJ A 10 -7.89 0.60 11.65
H2' TCJ A 10 -6.66 -5.08 14.41
H2'' TCJ A 10 -6.39 -6.77 13.91
H7' TCJ A 10 -8.73 -4.09 14.49
H7'' TCJ A 10 -9.53 -5.14 15.68
H6' TCJ A 10 -11.04 -4.01 13.61
H8' TCJ A 10 -11.14 -7.00 14.52
H8'' TCJ A 10 -12.47 -6.11 13.59
H3T TCJ A 10 -8.05 -7.09 15.81
O5' F7H A 1 9.64 -11.12 -10.57
C5' F7H A 1 10.22 -10.79 -9.32
C4' F7H A 1 11.47 -9.93 -9.32
O4' F7H A 1 11.46 -9.03 -10.45
C1' F7H A 1 11.60 -7.68 -10.00
N1 F7H A 1 10.34 -6.92 -10.29
C6 F7H A 1 9.10 -7.55 -10.39
C5 F7H A 1 7.96 -6.85 -10.62
C7 F7H A 1 6.61 -7.54 -10.72
C4 F7H A 1 8.09 -5.41 -10.75
N4 F7H A 1 7.00 -4.65 -10.98
N3 F7H A 1 9.29 -4.80 -10.67
C2 F7H A 1 10.45 -5.53 -10.45
O2 F7H A 1 11.54 -4.96 -10.39
C3' F7H A 1 11.47 -9.08 -8.05
C2' F7H A 1 11.88 -7.70 -8.51
C7' F7H A 1 10.03 -9.17 -7.48
C6' F7H A 1 9.32 -10.32 -8.21
C8' F7H A 1 9.98 -11.67 -8.13
O3' F7H A 1 12.41 -9.63 -7.12
HO5' F7H A 1 10.08 -11.91 -10.93
H4' F7H A 1 12.35 -10.56 -9.35
H1' F7H A 1 12.43 -7.22 -10.53
H6 F7H A 1 9.05 -8.62 -10.27
H71 F7H A 1 6.72 -8.61 -10.67
H72 F7H A 1 6.14 -7.27 -11.66
H73 F7H A 1 5.97 -7.20 -9.90
H41 F7H A 1 7.09 -3.66 -11.07
H42 F7H A 1 6.09 -5.09 -11.04
H2' F7H A 1 11.32 -6.92 -7.99
H2'' F7H A 1 12.94 -7.54 -8.33
H7' F7H A 1 9.47 -8.25 -7.68
H7'' F7H A 1 10.05 -9.37 -6.42
H6' F7H A 1 8.25 -10.26 -8.37
H8' F7H A 1 10.83 -11.78 -7.45
H8'' F7H A 1 9.37 -12.55 -8.29
C7 EAN A 2 7.67 -5.98 -6.79
C6 EAN A 2 9.88 -4.82 -6.88
C5 EAN A 2 8.55 -4.79 -7.13
C4 EAN A 2 7.92 -3.62 -7.74
C2 EAN A 2 10.20 -2.58 -7.77
P EAN A 2 12.75 -8.93 -5.69
O1P EAN A 2 14.17 -8.50 -5.72
O2P EAN A 2 12.28 -9.84 -4.62
O5' EAN A 2 11.85 -7.59 -5.65
C5' EAN A 2 12.21 -6.52 -4.81
C4' EAN A 2 13.03 -5.37 -5.40
O4' EAN A 2 12.63 -5.14 -6.76
C1' EAN A 2 12.19 -3.78 -6.91
N1 EAN A 2 10.71 -3.75 -7.19
O4 EAN A 2 6.74 -3.50 -8.01
N3 EAN A 2 8.83 -2.57 -8.01
O2 EAN A 2 10.90 -1.61 -8.04
C3' EAN A 2 12.74 -4.11 -4.59
C2' EAN A 2 12.53 -3.03 -5.64
C7' EAN A 2 11.45 -4.43 -3.76
C6' EAN A 2 11.23 -5.93 -3.84
C8' EAN A 2 12.35 -6.79 -3.34
O3' EAN A 2 13.84 -3.83 -3.74
H73 EAN A 2 8.18 -6.66 -6.11
H71 EAN A 2 7.41 -6.51 -7.71
H72 EAN A 2 6.75 -5.63 -6.32
H6 EAN A 2 10.31 -5.70 -6.41
H4' EAN A 2 14.09 -5.61 -5.36
H1' EAN A 2 12.72 -3.34 -7.76
H3 EAN A 2 8.44 -1.74 -8.43
H2' EAN A 2 11.72 -2.33 -5.36
H2'' EAN A 2 13.45 -2.47 -5.78
H7' EAN A 2 10.59 -3.91 -4.17
H7'' EAN A 2 11.60 -4.14 -2.72
H6' EAN A 2 10.21 -6.32 -3.80
H8' EAN A 2 13.19 -6.30 -2.83
H8'' EAN A 2 12.12 -7.80 -3.01
P TCJ A 3 14.05 -2.41 -2.98
O1P TCJ A 3 14.75 -1.49 -3.91
O2P TCJ A 3 14.63 -2.68 -1.65
O5' TCJ A 3 12.55 -1.86 -2.77
C5' TCJ A 3 12.33 -0.55 -2.28
C4' TCJ A 3 12.50 0.61 -3.25
O4' TCJ A 3 12.12 0.20 -4.57
C1' TCJ A 3 11.07 1.05 -5.07
N1 TCJ A 3 9.79 0.27 -5.17
C6 TCJ A 3 9.56 -0.87 -4.42
C5 TCJ A 3 8.37 -1.54 -4.47
C7 TCJ A 3 8.11 -2.79 -3.65
C4 TCJ A 3 7.35 -1.00 -5.36
N4 TCJ A 3 6.16 -1.60 -5.46
N3 TCJ A 3 7.59 0.11 -6.10
C2 TCJ A 3 8.79 0.77 -6.04
O2 TCJ A 3 9.01 1.77 -6.72
C3' TCJ A 3 11.57 1.73 -2.82
C2' TCJ A 3 10.92 2.21 -4.11
C7' TCJ A 3 10.56 1.08 -1.82
C6' TCJ A 3 11.12 -0.28 -1.43
C8' TCJ A 3 12.50 -0.27 -0.82
O3' TCJ A 3 12.31 2.76 -2.18
H4' TCJ A 3 13.52 0.96 -3.25
H1' TCJ A 3 11.35 1.41 -6.06
H6 TCJ A 3 10.34 -1.25 -3.78
H73 TCJ A 3 8.87 -2.89 -2.87
H71 TCJ A 3 8.14 -3.66 -4.31
H72 TCJ A 3 7.13 -2.72 -3.19
H41 TCJ A 3 5.45 -1.23 -6.08
H42 TCJ A 3 5.96 -2.43 -4.93
H2' TCJ A 3 9.87 2.48 -3.97
H2'' TCJ A 3 11.46 3.08 -4.50
H7' TCJ A 3 9.58 0.95 -2.28
H7'' TCJ A 3 10.46 1.70 -0.93
H6' TCJ A 3 10.44 -1.08 -1.19
H8' TCJ A 3 12.94 0.69 -0.57
H8'' TCJ A 3 12.78 -1.12 -0.20
C8 F4Q A 4 7.20 2.68 -3.22
C2 F4Q A 4 3.66 3.12 -5.80
C4 F4Q A 4 5.59 3.18 -4.60
C5 F4Q A 4 5.37 1.95 -4.00
C6 F4Q A 4 4.19 1.20 -4.33
P F4Q A 4 11.70 4.24 -1.86
O1P F4Q A 4 11.92 5.09 -3.05
O2P F4Q A 4 12.21 4.68 -0.54
O5' F4Q A 4 10.12 3.98 -1.73
C5' F4Q A 4 9.24 5.06 -1.58
C4' F4Q A 4 8.82 5.84 -2.81
O4' F4Q A 4 8.74 4.95 -3.93
C1' F4Q A 4 7.41 4.93 -4.46
N9 F4Q A 4 6.77 3.64 -4.10
N7 F4Q A 4 6.40 1.65 -3.13
O6 F4Q A 4 3.85 0.09 -3.92
N1 F4Q A 4 3.37 1.88 -5.26
N2 F4Q A 4 2.77 3.63 -6.67
N3 F4Q A 4 4.78 3.82 -5.51
C3' F4Q A 4 7.43 6.43 -2.57
C2' F4Q A 4 6.66 6.11 -3.85
C7' F4Q A 4 6.88 5.72 -1.31
C6' F4Q A 4 8.04 4.95 -0.67
C8' F4Q A 4 9.21 5.79 -0.26
O3' F4Q A 4 7.56 7.84 -2.35
H8 F4Q A 4 8.12 2.76 -2.66
H4' F4Q A 4 9.54 6.63 -3.01
H1' F4Q A 4 7.45 5.04 -5.55
H1 F4Q A 4 2.51 1.42 -5.53
H22 F4Q A 4 2.93 4.53 -7.10
H21 F4Q A 4 1.93 3.12 -6.88
H2' F4Q A 4 5.62 5.85 -3.64
H2'' F4Q A 4 6.69 6.96 -4.53
H7' F4Q A 4 6.09 5.01 -1.56
H7'' F4Q A 4 6.49 6.45 -0.60
H6' F4Q A 4 7.84 4.02 -0.15
H8' F4Q A 4 9.12 6.88 -0.31
H8'' F4Q A 4 9.87 5.40 0.51
C8 F4Q A 5 3.07 4.93 -2.42
C2 F4Q A 5 -0.41 2.93 -4.23
C4 F4Q A 5 1.31 4.22 -3.49
C5 F4Q A 5 1.78 3.26 -2.62
C6 F4Q A 5 1.11 1.99 -2.52
P F4Q A 5 6.30 8.86 -2.40
O1P F4Q A 5 6.08 9.26 -3.80
O2P F4Q A 5 6.53 9.90 -1.36
O5' F4Q A 5 5.06 7.95 -1.92
C5' F4Q A 5 3.77 8.51 -1.85
C4' F4Q A 5 2.89 8.52 -3.09
O4' F4Q A 5 3.18 7.36 -3.89
C1' F4Q A 5 1.99 6.59 -4.09
N9 F4Q A 5 2.13 5.31 -3.36
N7 F4Q A 5 2.90 3.72 -1.96
O6 F4Q A 5 1.39 1.03 -1.81
N1 F4Q A 5 0.00 1.91 -3.39
N2 F4Q A 5 -1.50 2.69 -4.99
N3 F4Q A 5 0.21 4.13 -4.32
C3' F4Q A 5 1.43 8.44 -2.65
C2' F4Q A 5 0.81 7.39 -3.56
C7' F4Q A 5 1.47 8.05 -1.16
C6' F4Q A 5 2.89 8.20 -0.67
C8' F4Q A 5 3.50 9.56 -0.82
O3' F4Q A 5 0.83 9.72 -2.83
H8 F4Q A 5 3.87 5.58 -2.11
H4' F4Q A 5 3.08 9.42 -3.68
H1' F4Q A 5 1.86 6.39 -5.16
H1 F4Q A 5 -0.53 1.05 -3.37
H22 F4Q A 5 -1.84 3.40 -5.62
H21 F4Q A 5 -1.97 1.80 -4.93
H2' F4Q A 5 0.11 6.75 -3.02
H2'' F4Q A 5 0.30 7.88 -4.40
H7' F4Q A 5 1.14 7.02 -1.02
H7'' F4Q A 5 0.82 8.71 -0.57
H6' F4Q A 5 3.27 7.54 0.11
H8' F4Q A 5 2.85 10.39 -1.14
H8'' F4Q A 5 4.33 9.83 -0.16
P TCJ A 6 -0.77 9.96 -2.70
O1P TCJ A 6 -1.37 9.85 -4.05
O2P TCJ A 6 -0.98 11.19 -1.90
O5' TCJ A 6 -1.28 8.71 -1.82
C5' TCJ A 6 -2.66 8.47 -1.69
C4' TCJ A 6 -3.35 7.60 -2.71
O4' TCJ A 6 -2.48 6.55 -3.14
C1' TCJ A 6 -3.11 5.28 -2.94
N1 TCJ A 6 -2.36 4.49 -1.89
C6 TCJ A 6 -1.37 5.05 -1.11
C5 TCJ A 6 -0.70 4.32 -0.17
C7 TCJ A 6 0.40 4.93 0.67
C4 TCJ A 6 -1.08 2.92 -0.03
N4 TCJ A 6 -0.45 2.13 0.86
N3 TCJ A 6 -2.06 2.38 -0.79
C2 TCJ A 6 -2.73 3.14 -1.73
O2 TCJ A 6 -3.63 2.64 -2.41
C3' TCJ A 6 -4.57 6.97 -2.06
C2' TCJ A 6 -4.55 5.52 -2.53
C7' TCJ A 6 -4.37 7.14 -0.53
C6' TCJ A 6 -3.27 8.17 -0.34
C8' TCJ A 6 -3.49 9.50 -0.98
O3' TCJ A 6 -5.74 7.66 -2.50
H4' TCJ A 6 -3.65 8.21 -3.57
H1' TCJ A 6 -3.10 4.72 -3.88
H6 TCJ A 6 -1.12 6.09 -1.24
H73 TCJ A 6 0.50 4.40 1.61
H71 TCJ A 6 1.36 4.88 0.13
H72 TCJ A 6 0.17 5.98 0.88
H41 TCJ A 6 -0.73 1.16 0.95
H42 TCJ A 6 0.28 2.51 1.44
H2' TCJ A 6 -4.86 4.84 -1.73
H2'' TCJ A 6 -5.21 5.39 -3.38
H7' TCJ A 6 -5.29 7.51 -0.07
H7'' TCJ A 6 -4.08 6.21 -0.06
H6' TCJ A 6 -2.61 8.09 0.53
H8' TCJ A 6 -4.48 9.71 -1.41
H8'' TCJ A 6 -2.95 10.36 -0.58
C7 EAN A 7 -4.01 4.44 2.21
C6 EAN A 7 -5.51 3.16 0.68
C5 EAN A 7 -4.63 3.15 1.72
C4 EAN A 7 -4.27 1.89 2.36
C2 EAN A 7 -5.81 0.75 0.78
P EAN A 7 -7.24 7.10 -2.27
O1P EAN A 7 -7.64 6.33 -3.46
O2P EAN A 7 -8.08 8.23 -1.83
O5' EAN A 7 -7.09 6.08 -1.04
C5' EAN A 7 -8.18 5.28 -0.66
C4' EAN A 7 -8.38 3.93 -1.33
O4' EAN A 7 -7.12 3.31 -1.56
C1' EAN A 7 -7.08 2.00 -0.95
N1 EAN A 7 -6.10 2.00 0.20
O4 EAN A 7 -3.48 1.78 3.31
N3 EAN A 7 -4.90 0.76 1.84
O2 EAN A 7 -6.31 -0.30 0.38
C3' EAN A 7 -9.18 3.05 -0.38
C2' EAN A 7 -8.48 1.69 -0.45
C7' EAN A 7 -9.08 3.73 1.02
C6' EAN A 7 -8.57 5.14 0.78
C8' EAN A 7 -9.40 5.98 -0.12
O3' EAN A 7 -10.54 2.98 -0.82
H73 EAN A 7 -4.73 5.26 2.12
H71 EAN A 7 -3.13 4.67 1.61
H72 EAN A 7 -3.71 4.34 3.26
H6 EAN A 7 -5.77 4.11 0.23
H4' EAN A 7 -8.92 4.05 -2.27
H1' EAN A 7 -6.78 1.26 -1.68
H3 EAN A 7 -4.68 -0.13 2.26
H2' EAN A 7 -8.47 1.20 0.53
H2'' EAN A 7 -8.99 1.04 -1.17
H7' EAN A 7 -8.39 3.20 1.66
H7'' EAN A 7 -10.06 3.78 1.48
H6' EAN A 7 -7.96 5.62 1.55
H8' EAN A 7 -10.37 5.59 -0.44
H8'' EAN A 7 -9.34 7.07 -0.02
C7 EAN A 8 -7.65 2.67 4.24
C6 EAN A 8 -8.39 0.42 3.39
C5 EAN A 8 -7.56 1.15 4.20
C4 EAN A 8 -6.56 0.49 5.04
C2 EAN A 8 -7.39 -1.67 4.12
P EAN A 8 -11.59 1.89 -0.23
O1P EAN A 8 -11.49 0.67 -1.04
O2P EAN A 8 -12.90 2.57 -0.08
O5' EAN A 8 -11.01 1.58 1.23
C5' EAN A 8 -11.65 0.63 2.04
C4' EAN A 8 -11.29 -0.83 1.85
O4' EAN A 8 -9.90 -0.95 1.52
C1' EAN A 8 -9.23 -1.79 2.48
N1 EAN A 8 -8.32 -0.96 3.34
O4 EAN A 8 -5.78 1.06 5.80
N3 EAN A 8 -6.55 -0.90 4.92
O2 EAN A 8 -7.30 -2.90 4.09
C3' EAN A 8 -11.53 -1.55 3.16
C2' EAN A 8 -10.31 -2.45 3.33
C7' EAN A 8 -11.64 -0.44 4.24
C6' EAN A 8 -11.82 0.88 3.51
C8' EAN A 8 -13.00 0.96 2.59
O3' EAN A 8 -12.75 -2.31 3.08
H73 EAN A 8 -7.40 3.02 5.24
H71 EAN A 8 -8.67 2.99 3.99
H72 EAN A 8 -6.96 3.10 3.52
H6 EAN A 8 -9.12 0.94 2.79
H4' EAN A 8 -11.90 -1.27 1.06
H1' EAN A 8 -8.66 -2.54 1.95
H3 EAN A 8 -5.87 -1.40 5.49
H2' EAN A 8 -10.00 -2.53 4.37
H2'' EAN A 8 -10.52 -3.44 2.93
H7' EAN A 8 -10.74 -0.40 4.85
H7'' EAN A 8 -12.51 -0.61 4.88
H6' EAN A 8 -11.42 1.79 3.95
H8' EAN A 8 -13.73 0.15 2.62
H8'' EAN A 8 -13.40 1.94 2.36
O1P TCY A 9 -12.53 -4.71 3.77
P TCY A 9 -13.15 -3.43 4.17
O2P TCY A 9 -14.62 -3.37 4.37
C8' TCY A 9 -13.83 -3.70 7.45
O5' TCY A 9 -12.44 -2.93 5.52
C5' TCY A 9 -12.53 -3.69 6.68
C6' TCY A 9 -12.63 -3.02 8.03
C4' TCY A 9 -11.63 -4.90 6.83
C3' TCY A 9 -11.39 -5.14 8.32
C7' TCY A 9 -11.82 -3.83 9.03
O3' TCY A 9 -12.17 -6.25 8.75
C2' TCY A 9 -9.89 -5.41 8.41
C1' TCY A 9 -9.31 -4.75 7.16
O4' TCY A 9 -10.37 -4.64 6.21
N9 TCY A 9 -8.79 -3.40 7.47
C4 TCY A 9 -7.66 -3.12 8.19
N3 TCY A 9 -6.81 -4.03 8.76
C2 TCY A 9 -5.81 -3.42 9.41
N1 TCY A 9 -5.58 -2.10 9.53
C6 TCY A 9 -6.42 -1.22 8.93
N6 TCY A 9 -6.17 0.09 9.01
C5 TCY A 9 -7.54 -1.75 8.23
N7 TCY A 9 -8.59 -1.16 7.53
C8 TCY A 9 -9.30 -2.17 7.11
H8' TCY A 9 -14.14 -4.65 7.87
H8'A TCY A 9 -14.62 -3.07 7.04
H6' TCY A 9 -12.60 -1.93 8.08
H4' TCY A 9 -12.09 -5.77 6.38
H7' TCY A 9 -10.96 -3.25 9.36
H7'A TCY A 9 -12.46 -4.06 9.89
H2' TCY A 9 -9.46 -4.98 9.33
H2'A TCY A 9 -9.70 -6.48 8.38
H1' TCY A 9 -8.51 -5.38 6.75
H2 TCY A 9 -5.10 -4.07 9.90
HN6 TCY A 9 -5.35 0.41 9.52
HN6A TCY A 9 -6.78 0.76 8.58
H8 TCY A 9 -10.20 -2.05 6.53
P TCJ A 10 -11.93 -7.04 10.14
O1P TCJ A 10 -10.87 -8.04 9.94
O2P TCJ A 10 -13.26 -7.49 10.63
O5' TCJ A 10 -11.39 -5.92 11.14
C5' TCJ A 10 -10.98 -6.28 12.44
C4' TCJ A 10 -9.61 -6.90 12.62
O4' TCJ A 10 -8.69 -6.34 11.68
C1' TCJ A 10 -7.60 -5.73 12.38
N1 TCJ A 10 -7.67 -4.24 12.28
C6 TCJ A 10 -8.81 -3.57 11.86
C5 TCJ A 10 -8.87 -2.22 11.80
C7 TCJ A 10 -10.13 -1.48 11.34
C4 TCJ A 10 -7.68 -1.48 12.19
N4 TCJ A 10 -7.67 -0.14 12.16
N3 TCJ A 10 -6.56 -2.14 12.59
C2 TCJ A 10 -6.51 -3.50 12.64
O2 TCJ A 10 -5.48 -4.09 13.00
C3' TCJ A 10 -9.13 -6.58 14.03
C2' TCJ A 10 -7.68 -6.17 13.84
C7' TCJ A 10 -10.04 -5.44 14.54
C6' TCJ A 10 -11.24 -5.36 13.61
C8' TCJ A 10 -12.04 -6.62 13.45
O3' TCJ A 10 -9.23 -7.72 14.86
H4' TCJ A 10 -9.67 -7.98 12.48
H1' TCJ A 10 -6.65 -6.08 11.95
H6 TCJ A 10 -9.68 -4.15 11.58
H73 TCJ A 10 -10.26 -0.59 11.95
H71 TCJ A 10 -11.00 -2.13 11.45
H72 TCJ A 10 -10.01 -1.19 10.30
H41 TCJ A 10 -6.84 0.36 12.43
H42 TCJ A 10 -8.49 0.37 11.86
H2' TCJ A 10 -7.40 -5.36 14.52
H2'' TCJ A 10 -7.00 -7.02 14.00
H7' TCJ A 10 -9.52 -4.48 14.53
H7'' TCJ A 10 -10.38 -5.65 15.55
H6' TCJ A 10 -11.72 -4.40 13.43
H8' TCJ A 10 -11.82 -7.45 14.12
H8'' TCJ A 10 -13.07 -6.54 13.11
H3T TCJ A 10 -9.09 -7.45 15.77
O5' F7H A 1 9.81 -11.51 -10.11
C5' F7H A 1 10.37 -11.11 -8.88
C4' F7H A 1 11.63 -10.27 -8.90
O4' F7H A 1 11.65 -9.43 -10.07
C1' F7H A 1 11.85 -8.06 -9.69
N1 F7H A 1 10.66 -7.25 -10.07
C6 F7H A 1 9.39 -7.80 -10.14
C5 F7H A 1 8.30 -7.05 -10.45
C7 F7H A 1 6.91 -7.64 -10.52
C4 F7H A 1 8.53 -5.63 -10.70
N4 F7H A 1 7.50 -4.82 -11.00
N3 F7H A 1 9.77 -5.10 -10.63
C2 F7H A 1 10.87 -5.87 -10.33
O2 F7H A 1 12.00 -5.38 -10.30
C3' F7H A 1 11.64 -9.37 -7.67
C2' F7H A 1 12.09 -8.01 -8.19
C7' F7H A 1 10.18 -9.40 -7.14
C6' F7H A 1 9.47 -10.57 -7.80
C8' F7H A 1 10.11 -11.91 -7.64
O3' F7H A 1 12.53 -9.90 -6.71
HO5' F7H A 1 10.28 -12.28 -10.45
H4' F7H A 1 12.51 -10.91 -8.90
H1' F7H A 1 12.74 -7.67 -10.20
H6 F7H A 1 9.27 -8.85 -9.93
H71 F7H A 1 6.37 -7.20 -11.36
H72 F7H A 1 6.36 -7.43 -9.60
H73 F7H A 1 6.97 -8.73 -10.66
H41 F7H A 1 7.65 -3.84 -11.17
H42 F7H A 1 6.55 -5.20 -11.05
H2' F7H A 1 11.52 -7.20 -7.73
H2'' F7H A 1 13.14 -7.86 -7.98
H7' F7H A 1 9.65 -8.47 -7.39
H7'' F7H A 1 10.19 -9.53 -6.06
H6' F7H A 1 8.39 -10.51 -7.97
H8' F7H A 1 10.94 -12.01 -6.94
H8'' F7H A 1 9.49 -12.80 -7.76
C7 EAN A 2 7.70 -6.10 -6.75
C6 EAN A 2 9.96 -5.01 -6.76
C5 EAN A 2 8.63 -4.95 -7.09
C4 EAN A 2 8.08 -3.78 -7.77
C2 EAN A 2 10.38 -2.82 -7.72
P EAN A 2 12.96 -9.09 -5.36
O1P EAN A 2 14.32 -8.53 -5.56
O2P EAN A 2 12.68 -9.96 -4.20
O5' EAN A 2 11.92 -7.84 -5.31
C5' EAN A 2 12.21 -6.72 -4.49
C4' EAN A 2 13.02 -5.58 -5.08
O4' EAN A 2 12.68 -5.39 -6.46
C1' EAN A 2 12.28 -4.04 -6.70
N1 EAN A 2 10.83 -3.98 -7.06
O4 EAN A 2 6.92 -3.63 -8.10
N3 EAN A 2 9.03 -2.78 -8.05
O2 EAN A 2 11.14 -1.88 -8.01
C3' EAN A 2 12.66 -4.31 -4.32
C2' EAN A 2 12.53 -3.24 -5.41
C7' EAN A 2 11.33 -4.63 -3.59
C6' EAN A 2 11.15 -6.14 -3.61
C8' EAN A 2 12.29 -6.93 -3.01
O3' EAN A 2 13.70 -4.00 -3.39
H73 EAN A 2 7.67 -6.80 -7.58
H71 EAN A 2 6.69 -5.72 -6.56
H72 EAN A 2 8.06 -6.62 -5.85
H6 EAN A 2 10.33 -5.88 -6.24
H4' EAN A 2 14.09 -5.78 -4.99
H1' EAN A 2 12.88 -3.61 -7.50
H3 EAN A 2 8.69 -1.96 -8.52
H2' EAN A 2 11.72 -2.55 -5.19
H2'' EAN A 2 13.47 -2.69 -5.50
H7' EAN A 2 10.48 -4.16 -4.12
H7'' EAN A 2 11.36 -4.27 -2.56
H6' EAN A 2 10.16 -6.56 -3.61
H8' EAN A 2 13.07 -6.38 -2.49
H8'' EAN A 2 12.07 -7.93 -2.65
P TCJ A 3 13.84 -2.56 -2.66
O1P TCJ A 3 14.64 -1.67 -3.54
O2P TCJ A 3 14.28 -2.78 -1.27
O5' TCJ A 3 12.33 -1.98 -2.63
C5' TCJ A 3 12.09 -0.67 -2.19
C4' TCJ A 3 12.31 0.47 -3.17
O4' TCJ A 3 11.96 0.03 -4.49
C1' TCJ A 3 10.94 0.88 -5.05
N1 TCJ A 3 9.63 0.15 -5.14
C6 TCJ A 3 9.39 -1.02 -4.41
C5 TCJ A 3 8.19 -1.66 -4.50
C7 TCJ A 3 7.90 -2.94 -3.71
C4 TCJ A 3 7.18 -1.09 -5.36
N4 TCJ A 3 5.97 -1.67 -5.48
N3 TCJ A 3 7.42 0.04 -6.06
C2 TCJ A 3 8.64 0.68 -5.99
O2 TCJ A 3 8.87 1.70 -6.63
C3' TCJ A 3 11.38 1.62 -2.79
C2' TCJ A 3 10.80 2.08 -4.12
C7' TCJ A 3 10.33 1.01 -1.83
C6' TCJ A 3 10.85 -0.36 -1.40
C8' TCJ A 3 12.20 -0.36 -0.73
O3' TCJ A 3 12.14 2.65 -2.15
H4' TCJ A 3 13.35 0.80 -3.15
H1' TCJ A 3 11.24 1.23 -6.04
H6 TCJ A 3 10.16 -1.42 -3.79
H73 TCJ A 3 8.70 -3.11 -2.98
H71 TCJ A 3 7.85 -3.78 -4.39
H72 TCJ A 3 6.96 -2.83 -3.18
H41 TCJ A 3 5.27 -1.26 -6.08
H42 TCJ A 3 5.77 -2.51 -4.97
H2' TCJ A 3 9.75 2.39 -4.02
H2'' TCJ A 3 11.38 2.91 -4.52
H7' TCJ A 3 9.37 0.88 -2.32
H7'' TCJ A 3 10.21 1.63 -0.94
H6' TCJ A 3 10.15 -1.16 -1.16
H8' TCJ A 3 12.65 0.60 -0.47
H8'' TCJ A 3 12.45 -1.19 -0.08
C8 F4Q A 4 7.11 2.76 -3.26
C2 F4Q A 4 3.58 3.46 -5.81
C4 F4Q A 4 5.50 3.39 -4.60
C5 F4Q A 4 5.24 2.15 -4.06
C6 F4Q A 4 4.02 1.46 -4.41
P F4Q A 4 11.56 4.15 -1.89
O1P F4Q A 4 11.75 4.94 -3.11
O2P F4Q A 4 12.13 4.63 -0.60
O5' F4Q A 4 9.98 3.92 -1.68
C5' F4Q A 4 9.12 5.03 -1.47
C4' F4Q A 4 8.74 5.87 -2.68
O4' F4Q A 4 8.70 5.05 -3.84
C1' F4Q A 4 7.38 5.07 -4.40
N9 F4Q A 4 6.71 3.79 -4.09
N7 F4Q A 4 6.27 1.76 -3.20
O6 F4Q A 4 3.64 0.35 -4.03
N1 F4Q A 4 3.24 2.20 -5.30
N2 F4Q A 4 2.70 4.03 -6.64
N3 F4Q A 4 4.72 4.09 -5.48
C3' F4Q A 4 7.35 6.46 -2.43
C2' F4Q A 4 6.62 6.22 -3.75
C7' F4Q A 4 6.77 5.66 -1.25
C6' F4Q A 4 7.90 4.88 -0.61
C8' F4Q A 4 9.07 5.69 -0.13
O3' F4Q A 4 7.46 7.85 -2.12
H8 F4Q A 4 8.03 2.79 -2.69
H4' F4Q A 4 9.47 6.68 -2.82
H1' F4Q A 4 7.43 5.21 -5.47
H1 F4Q A 4 2.35 1.79 -5.59
H22 F4Q A 4 2.90 4.94 -7.03
H21 F4Q A 4 1.84 3.56 -6.87
H2' F4Q A 4 5.57 5.97 -3.59
H2'' F4Q A 4 6.70 7.10 -4.38
H7' F4Q A 4 6.01 4.95 -1.58
H7'' F4Q A 4 6.34 6.33 -0.50
H6' F4Q A 4 7.70 3.92 -0.14
H8' F4Q A 4 8.98 6.78 -0.12
H8'' F4Q A 4 9.71 5.26 0.64
C8 F4Q A 5 3.09 4.98 -2.34
C2 F4Q A 5 -0.46 3.01 -4.08
C4 F4Q A 5 1.30 4.28 -3.38
C5 F4Q A 5 1.77 3.32 -2.50
C6 F4Q A 5 1.07 2.07 -2.38
P F4Q A 5 6.18 8.86 -2.13
O1P F4Q A 5 5.96 9.32 -3.52
O2P F4Q A 5 6.39 9.86 -1.06
O5' F4Q A 5 4.94 7.93 -1.70
C5' F4Q A 5 3.64 8.47 -1.65
C4' F4Q A 5 2.83 8.53 -2.94
O4' F4Q A 5 3.18 7.43 -3.78
C1' F4Q A 5 2.03 6.62 -4.04
N9 F4Q A 5 2.15 5.35 -3.28
N7 F4Q A 5 2.91 3.78 -1.86
O6 F4Q A 5 1.36 1.11 -1.66
N1 F4Q A 5 -0.05 2.00 -3.22
N2 F4Q A 5 -1.56 2.78 -4.81
N3 F4Q A 5 0.20 4.19 -4.20
C3' F4Q A 5 1.35 8.42 -2.58
C2' F4Q A 5 0.80 7.39 -3.57
C7' F4Q A 5 1.31 7.96 -1.10
C6' F4Q A 5 2.71 8.08 -0.54
C8' F4Q A 5 3.31 9.45 -0.57
O3' F4Q A 5 0.73 9.70 -2.75
H8 F4Q A 5 3.90 5.62 -2.05
H4' F4Q A 5 3.03 9.47 -3.46
H1' F4Q A 5 1.95 6.41 -5.11
H1 F4Q A 5 -0.59 1.15 -3.19
H22 F4Q A 5 -1.89 3.49 -5.45
H21 F4Q A 5 -2.05 1.91 -4.73
H2' F4Q A 5 0.07 6.74 -3.10
H2'' F4Q A 5 0.35 7.90 -4.42
H7' F4Q A 5 0.98 6.93 -1.01
H7'' F4Q A 5 0.64 8.60 -0.52
H6' F4Q A 5 3.05 7.37 0.22
H8' F4Q A 5 2.67 10.28 -0.86
H8'' F4Q A 5 4.10 9.68 0.13
P TCJ A 6 -0.88 9.89 -2.72
O1P TCJ A 6 -1.40 9.63 -4.09
O2P TCJ A 6 -1.18 11.20 -2.08
O5' TCJ A 6 -1.41 8.72 -1.75
C5' TCJ A 6 -2.78 8.46 -1.66
C4' TCJ A 6 -3.43 7.57 -2.71
O4' TCJ A 6 -2.51 6.53 -3.09
C1' TCJ A 6 -3.12 5.24 -2.92
N1 TCJ A 6 -2.40 4.47 -1.85
C6 TCJ A 6 -1.40 5.03 -1.06
C5 TCJ A 6 -0.75 4.29 -0.11
C7 TCJ A 6 0.33 4.92 0.75
C4 TCJ A 6 -1.14 2.90 0.03
N4 TCJ A 6 -0.54 2.11 0.94
N3 TCJ A 6 -2.12 2.37 -0.74
C2 TCJ A 6 -2.79 3.11 -1.68
O2 TCJ A 6 -3.69 2.63 -2.36
C3' TCJ A 6 -4.66 6.92 -2.09
C2' TCJ A 6 -4.59 5.47 -2.56
C7' TCJ A 6 -4.51 7.09 -0.56
C6' TCJ A 6 -3.41 8.13 -0.33
C8' TCJ A 6 -3.66 9.47 -0.96
O3' TCJ A 6 -5.82 7.60 -2.58
H4' TCJ A 6 -3.71 8.16 -3.58
H1' TCJ A 6 -3.07 4.70 -3.87
H6 TCJ A 6 -1.14 6.07 -1.20
H73 TCJ A 6 0.08 5.95 0.99
H71 TCJ A 6 1.27 4.89 0.20
H72 TCJ A 6 0.45 4.35 1.67
H41 TCJ A 6 -0.82 1.15 1.03
H42 TCJ A 6 0.19 2.48 1.52
H2' TCJ A 6 -4.91 4.78 -1.77
H2'' TCJ A 6 -5.20 5.33 -3.45
H7' TCJ A 6 -4.21 6.16 -0.08
H7'' TCJ A 6 -5.43 7.45 -0.12
H6' TCJ A 6 -2.78 8.06 0.56
H8' TCJ A 6 -4.63 9.67 -1.41
H8'' TCJ A 6 -3.14 10.33 -0.53
C7 EAN A 7 -3.97 4.44 2.16
C6 EAN A 7 -5.60 3.24 0.67
C5 EAN A 7 -4.64 3.17 1.64
C4 EAN A 7 -4.25 1.88 2.22
C2 EAN A 7 -5.89 0.82 0.68
P EAN A 7 -7.34 7.02 -2.46
O1P EAN A 7 -7.55 6.05 -3.56
O2P EAN A 7 -8.25 8.16 -2.32
O5' EAN A 7 -7.32 6.21 -1.08
C5' EAN A 7 -8.44 5.43 -0.71
C4' EAN A 7 -8.58 4.04 -1.31
O4' EAN A 7 -7.30 3.45 -1.49
C1' EAN A 7 -7.27 2.15 -0.89
N1 EAN A 7 -6.22 2.09 0.18
O4 EAN A 7 -3.40 1.73 3.10
N3 EAN A 7 -4.92 0.78 1.68
O2 EAN A 7 -6.42 -0.21 0.27
C3' EAN A 7 -9.38 3.20 -0.33
C2' EAN A 7 -8.66 1.85 -0.31
C7' EAN A 7 -9.31 3.96 1.03
C6' EAN A 7 -8.89 5.39 0.72
C8' EAN A 7 -9.70 6.13 -0.29
O3' EAN A 7 -10.72 3.08 -0.77
H73 EAN A 7 -4.67 5.28 2.08
H71 EAN A 7 -3.09 4.64 1.56
H72 EAN A 7 -3.69 4.31 3.20
H6 EAN A 7 -5.87 4.20 0.27
H4' EAN A 7 -9.12 4.10 -2.26
H1' EAN A 7 -7.04 1.41 -1.65
H3 EAN A 7 -4.67 -0.13 2.04
H2' EAN A 7 -8.58 1.45 0.70
H2'' EAN A 7 -9.18 1.15 -0.96
H7' EAN A 7 -8.58 3.51 1.70
H7'' EAN A 7 -10.29 3.97 1.50
H6' EAN A 7 -8.33 5.95 1.47
H8' EAN A 7 -10.64 5.68 -0.63
H8'' EAN A 7 -9.67 7.23 -0.28
C7 EAN A 8 -7.63 2.60 4.30
C6 EAN A 8 -8.40 0.41 3.35
C5 EAN A 8 -7.52 1.10 4.15
C4 EAN A 8 -6.45 0.39 4.85
C2 EAN A 8 -7.32 -1.71 3.84
P EAN A 8 -11.79 2.03 -0.14
O1P EAN A 8 -11.77 0.81 -0.99
O2P EAN A 8 -13.05 2.74 0.09
O5' EAN A 8 -11.16 1.65 1.29
C5' EAN A 8 -11.76 0.64 2.07
C4' EAN A 8 -11.37 -0.81 1.81
O4' EAN A 8 -9.98 -0.86 1.46
C1' EAN A 8 -9.28 -1.74 2.34
N1 EAN A 8 -8.32 -0.97 3.20
O4 EAN A 8 -5.61 0.93 5.58
N3 EAN A 8 -6.43 -0.99 4.64
O2 EAN A 8 -7.22 -2.94 3.73
C3' EAN A 8 -11.57 -1.58 3.11
C2' EAN A 8 -10.31 -2.45 3.22
C7' EAN A 8 -11.70 -0.52 4.22
C6' EAN A 8 -11.94 0.82 3.55
C8' EAN A 8 -13.13 0.90 2.64
O3' EAN A 8 -12.74 -2.39 3.03
H73 EAN A 8 -8.62 2.95 3.99
H71 EAN A 8 -6.86 3.09 3.71
H72 EAN A 8 -7.48 2.86 5.36
H6 EAN A 8 -9.19 0.95 2.85
H4' EAN A 8 -11.98 -1.23 1.02
H1' EAN A 8 -8.73 -2.48 1.76
H3 EAN A 8 -5.71 -1.51 5.11
H2' EAN A 8 -9.97 -2.53 4.25
H2'' EAN A 8 -10.50 -3.45 2.82
H7' EAN A 8 -10.80 -0.46 4.83
H7'' EAN A 8 -12.57 -0.74 4.85
H6' EAN A 8 -11.57 1.73 4.02
H8' EAN A 8 -13.82 0.05 2.62
H8'' EAN A 8 -13.56 1.88 2.44
O1P TCY A 9 -12.44 -4.82 3.65
P TCY A 9 -13.07 -3.56 4.11
O2P TCY A 9 -14.52 -3.53 4.39
C8' TCY A 9 -13.71 -3.70 7.40
O5' TCY A 9 -12.29 -3.06 5.43
C5' TCY A 9 -12.41 -3.75 6.66
C6' TCY A 9 -12.51 -2.98 7.94
C4' TCY A 9 -11.52 -4.96 6.90
C3' TCY A 9 -11.29 -5.08 8.40
C7' TCY A 9 -11.70 -3.71 8.99
O3' TCY A 9 -12.10 -6.13 8.93
C2' TCY A 9 -9.80 -5.38 8.52
C1' TCY A 9 -9.20 -4.83 7.24
O4' TCY A 9 -10.25 -4.76 6.26
N9 TCY A 9 -8.69 -3.45 7.45
C4 TCY A 9 -7.57 -3.14 8.17
N3 TCY A 9 -6.72 -4.01 8.80
C2 TCY A 9 -5.73 -3.37 9.41
N1 TCY A 9 -5.50 -2.05 9.46
C6 TCY A 9 -6.35 -1.20 8.82
N6 TCY A 9 -6.12 0.12 8.88
C5 TCY A 9 -7.46 -1.77 8.14
N7 TCY A 9 -8.49 -1.21 7.40
C8 TCY A 9 -9.20 -2.25 7.03
H8' TCY A 9 -14.03 -4.62 7.90
H8'A TCY A 9 -14.50 -3.11 6.94
H6' TCY A 9 -12.49 -1.89 7.91
H4' TCY A 9 -12.00 -5.86 6.52
H7' TCY A 9 -10.82 -3.11 9.25
H7'A TCY A 9 -12.31 -3.85 9.89
H2' TCY A 9 -9.36 -4.90 9.40
H2'A TCY A 9 -9.63 -6.45 8.57
H1' TCY A 9 -8.41 -5.47 6.88
H2 TCY A 9 -5.02 -3.99 9.95
HN6 TCY A 9 -5.32 0.47 9.39
HN6A TCY A 9 -6.74 0.77 8.42
H8 TCY A 9 -10.09 -2.17 6.43
P TCJ A 10 -11.89 -6.76 10.41
O1P TCJ A 10 -10.98 -7.91 10.28
O2P TCJ A 10 -13.24 -6.95 10.99
O5' TCJ A 10 -11.14 -5.61 11.25
C5' TCJ A 10 -10.64 -5.94 12.53
C4' TCJ A 10 -9.25 -6.55 12.64
O4' TCJ A 10 -8.38 -5.96 11.68
C1' TCJ A 10 -7.24 -5.37 12.34
N1 TCJ A 10 -7.32 -3.87 12.29
C6 TCJ A 10 -8.45 -3.20 11.83
C5 TCJ A 10 -8.51 -1.84 11.81
C7 TCJ A 10 -9.74 -1.10 11.31
C4 TCJ A 10 -7.34 -1.12 12.28
N4 TCJ A 10 -7.33 0.23 12.30
N3 TCJ A 10 -6.25 -1.78 12.72
C2 TCJ A 10 -6.19 -3.15 12.73
O2 TCJ A 10 -5.19 -3.74 13.12
C3' TCJ A 10 -8.71 -6.26 14.02
C2' TCJ A 10 -7.26 -5.85 13.79
C7' TCJ A 10 -9.58 -5.12 14.59
C6' TCJ A 10 -10.83 -5.02 13.71
C8' TCJ A 10 -11.64 -6.28 13.60
O3' TCJ A 10 -8.78 -7.42 14.85
H4' TCJ A 10 -9.31 -7.63 12.47
H1' TCJ A 10 -6.32 -5.71 11.85
H6 TCJ A 10 -9.31 -3.77 11.49
H73 TCJ A 10 -9.97 -0.28 12.00
H71 TCJ A 10 -10.59 -1.77 11.25
H72 TCJ A 10 -9.53 -0.68 10.32
H41 TCJ A 10 -6.52 0.72 12.63
H42 TCJ A 10 -8.14 0.74 11.98
H2' TCJ A 10 -6.95 -5.07 14.49
H2'' TCJ A 10 -6.60 -6.72 13.89
H7' TCJ A 10 -9.06 -4.16 14.56
H7'' TCJ A 10 -9.88 -5.33 15.61
H6' TCJ A 10 -11.32 -4.07 13.56
H8' TCJ A 10 -11.37 -7.11 14.25
H8'' TCJ A 10 -12.69 -6.19 13.33
H3T TCJ A 10 -8.33 -8.13 14.41
O5' F7H A 1 8.73 -11.86 -7.88
C5' F7H A 1 9.42 -11.26 -6.80
C4' F7H A 1 10.67 -10.46 -7.10
O4' F7H A 1 10.53 -9.78 -8.36
C1' F7H A 1 11.03 -8.44 -8.23
N1 F7H A 1 10.02 -7.46 -8.75
C6 F7H A 1 8.66 -7.68 -8.61
C5 F7H A 1 7.75 -6.75 -9.02
C7 F7H A 1 6.25 -6.97 -8.88
C4 F7H A 1 8.28 -5.53 -9.61
N4 F7H A 1 7.44 -4.56 -10.03
N3 F7H A 1 9.60 -5.33 -9.75
C2 F7H A 1 10.51 -6.29 -9.35
O2 F7H A 1 11.72 -6.12 -9.51
C3' F7H A 1 10.82 -9.41 -6.02
C2' F7H A 1 11.32 -8.16 -6.76
C7' F7H A 1 9.41 -9.26 -5.40
C6' F7H A 1 8.63 -10.52 -5.76
C8' F7H A 1 9.28 -11.83 -5.42
O3' F7H A 1 11.76 -9.84 -5.04
HO5' F7H A 1 9.12 -11.57 -8.71
H4' F7H A 1 11.55 -11.11 -7.13
H1' F7H A 1 11.95 -8.34 -8.80
H6 F7H A 1 8.33 -8.60 -8.17
H71 F7H A 1 6.06 -7.85 -8.28
H72 F7H A 1 5.81 -7.10 -9.87
H73 F7H A 1 5.81 -6.10 -8.40
H41 F7H A 1 7.82 -3.71 -10.43
H42 F7H A 1 6.44 -4.68 -9.94
H2' F7H A 1 10.80 -7.26 -6.41
H2'' F7H A 1 12.39 -8.05 -6.62
H7' F7H A 1 8.89 -8.38 -5.81
H7'' F7H A 1 9.48 -9.16 -4.31
H6' F7H A 1 7.55 -10.46 -5.84
H8' F7H A 1 10.18 -11.82 -4.80
H8'' F7H A 1 8.64 -12.70 -5.32
C7 EAN A 2 7.13 -5.88 -5.47
C6 EAN A 2 9.41 -4.86 -5.69
C5 EAN A 2 8.08 -4.80 -5.99
C4 EAN A 2 7.55 -3.72 -6.82
C2 EAN A 2 9.87 -2.83 -6.96
P EAN A 2 12.32 -8.84 -3.87
O1P EAN A 2 13.69 -8.43 -4.26
O2P EAN A 2 12.10 -9.51 -2.57
O5' EAN A 2 11.36 -7.55 -3.96
C5' EAN A 2 11.73 -6.36 -3.31
C4' EAN A 2 12.53 -5.31 -4.07
O4' EAN A 2 12.13 -5.28 -5.44
C1' EAN A 2 11.76 -3.96 -5.83
N1 EAN A 2 10.30 -3.90 -6.16
O4 EAN A 2 6.37 -3.59 -7.14
N3 EAN A 2 8.50 -2.79 -7.25
O2 EAN A 2 10.63 -1.97 -7.39
C3' EAN A 2 12.24 -3.95 -3.46
C2' EAN A 2 12.08 -3.02 -4.66
C7' EAN A 2 10.94 -4.13 -2.64
C6' EAN A 2 10.73 -5.62 -2.46
C8' EAN A 2 11.85 -6.38 -1.81
O3' EAN A 2 13.33 -3.56 -2.61
H73 EAN A 2 7.42 -6.14 -4.45
H71 EAN A 2 7.20 -6.75 -6.11
H72 EAN A 2 6.10 -5.49 -5.47
H6 EAN A 2 9.78 -5.67 -5.08
H4' EAN A 2 13.60 -5.55 -3.99
H1' EAN A 2 12.34 -3.65 -6.70
H3 EAN A 2 8.17 -2.03 -7.83
H2' EAN A 2 11.29 -2.29 -4.50
H2'' EAN A 2 13.02 -2.51 -4.86
H7' EAN A 2 10.08 -3.71 -3.17
H7'' EAN A 2 11.04 -3.67 -1.66
H6' EAN A 2 9.71 -6.01 -2.37
H8' EAN A 2 12.67 -5.80 -1.39
H8'' EAN A 2 11.62 -7.32 -1.32
P TCJ A 3 13.55 -2.06 -2.07
O1P TCJ A 3 14.31 -1.29 -3.09
O2P TCJ A 3 14.08 -2.14 -0.69
O5' TCJ A 3 12.07 -1.45 -1.99
C5' TCJ A 3 11.86 -0.10 -1.67
C4' TCJ A 3 12.09 0.95 -2.74
O4' TCJ A 3 11.77 0.40 -4.03
C1' TCJ A 3 10.79 1.22 -4.68
N1 TCJ A 3 9.49 0.48 -4.79
C6 TCJ A 3 9.14 -0.52 -3.89
C5 TCJ A 3 7.93 -1.15 -3.96
C7 TCJ A 3 7.53 -2.25 -2.98
C4 TCJ A 3 7.02 -0.71 -5.01
N4 TCJ A 3 5.80 -1.27 -5.12
N3 TCJ A 3 7.38 0.25 -5.88
C2 TCJ A 3 8.60 0.86 -5.82
O2 TCJ A 3 8.93 1.72 -6.64
C3' TCJ A 3 11.17 2.14 -2.48
C2' TCJ A 3 10.60 2.48 -3.85
C7' TCJ A 3 10.11 1.62 -1.47
C6' TCJ A 3 10.63 0.30 -0.89
C8' TCJ A 3 11.98 0.35 -0.24
O3' TCJ A 3 11.90 3.22 -1.92
H4' TCJ A 3 13.14 1.28 -2.73
H1' TCJ A 3 11.14 1.48 -5.67
H6 TCJ A 3 9.84 -0.83 -3.13
H73 TCJ A 3 6.62 -1.96 -2.46
H71 TCJ A 3 8.33 -2.40 -2.25
H72 TCJ A 3 7.37 -3.18 -3.53
H41 TCJ A 3 5.17 -0.97 -5.84
H42 TCJ A 3 5.52 -2.00 -4.48
H2' TCJ A 3 9.55 2.77 -3.79
H2'' TCJ A 3 11.18 3.30 -4.29
H7' TCJ A 3 9.15 1.43 -1.95
H7'' TCJ A 3 9.98 2.32 -0.64
H6' TCJ A 3 9.92 -0.47 -0.60
H8' TCJ A 3 12.44 1.32 -0.07
H8'' TCJ A 3 12.23 -0.43 0.48
C8 F4Q A 4 6.78 3.12 -3.34
C2 F4Q A 4 3.41 3.55 -6.14
C4 F4Q A 4 5.26 3.61 -4.82
C5 F4Q A 4 4.97 2.40 -4.20
C6 F4Q A 4 3.80 1.67 -4.58
P F4Q A 4 11.28 4.72 -1.77
O1P F4Q A 4 11.60 5.48 -3.01
O2P F4Q A 4 11.68 5.26 -0.46
O5' F4Q A 4 9.68 4.47 -1.75
C5' F4Q A 4 8.78 5.56 -1.66
C4' F4Q A 4 8.40 6.29 -2.92
O4' F4Q A 4 8.38 5.38 -4.02
C1' F4Q A 4 7.09 5.35 -4.62
N9 F4Q A 4 6.42 4.07 -4.27
N7 F4Q A 4 5.96 2.11 -3.27
O6 F4Q A 4 3.41 0.59 -4.14
N1 F4Q A 4 3.06 2.33 -5.57
N2 F4Q A 4 2.58 4.04 -7.08
N3 F4Q A 4 4.52 4.23 -5.80
C3' F4Q A 4 7.00 6.86 -2.75
C2' F4Q A 4 6.30 6.53 -4.06
C7' F4Q A 4 6.40 6.13 -1.52
C6' F4Q A 4 7.54 5.43 -0.81
C8' F4Q A 4 8.68 6.31 -0.35
O3' F4Q A 4 7.06 8.27 -2.53
H8 F4Q A 4 7.67 3.20 -2.72
H4' F4Q A 4 9.11 7.10 -3.12
H1' F4Q A 4 7.18 5.43 -5.70
H1 F4Q A 4 2.21 1.88 -5.89
H22 F4Q A 4 2.80 4.92 -7.52
H21 F4Q A 4 1.75 3.53 -7.34
H2' F4Q A 4 5.26 6.27 -3.92
H2'' F4Q A 4 6.37 7.37 -4.75
H7' F4Q A 4 5.66 5.39 -1.82
H7'' F4Q A 4 5.93 6.85 -0.84
H6' F4Q A 4 7.36 4.50 -0.27
H8' F4Q A 4 8.55 7.39 -0.44
H8'' F4Q A 4 9.31 5.95 0.45
C8 F4Q A 5 2.72 5.40 -2.88
C2 F4Q A 5 -0.73 3.27 -4.60
C4 F4Q A 5 0.97 4.60 -3.92
C5 F4Q A 5 1.46 3.69 -3.00
C6 F4Q A 5 0.81 2.43 -2.85
P F4Q A 5 5.75 9.24 -2.63
O1P F4Q A 5 5.63 9.70 -4.03
O2P F4Q A 5 5.83 10.24 -1.53
O5' F4Q A 5 4.51 8.25 -2.32
C5' F4Q A 5 3.19 8.75 -2.23
C4' F4Q A 5 2.37 8.87 -3.51
O4' F4Q A 5 2.74 7.80 -4.40
C1' F4Q A 5 1.63 6.95 -4.64
N9 F4Q A 5 1.79 5.71 -3.84
N7 F4Q A 5 2.56 4.22 -2.35
O6 F4Q A 5 1.10 1.50 -2.10
N1 F4Q A 5 -0.30 2.29 -3.71
N2 F4Q A 5 -1.81 2.99 -5.34
N3 F4Q A 5 -0.10 4.46 -4.75
C3' F4Q A 5 0.89 8.68 -3.16
C2' F4Q A 5 0.38 7.69 -4.20
C7' F4Q A 5 0.89 8.11 -1.72
C6' F4Q A 5 2.29 8.27 -1.15
C8' F4Q A 5 2.83 9.66 -1.10
O3' F4Q A 5 0.19 9.92 -3.22
H8 F4Q A 5 3.50 6.08 -2.58
H4' F4Q A 5 2.53 9.84 -3.98
H1' F4Q A 5 1.57 6.70 -5.71
H1 F4Q A 5 -0.82 1.43 -3.65
H22 F4Q A 5 -2.16 3.66 -6.01
H21 F4Q A 5 -2.28 2.09 -5.23
H2' F4Q A 5 -0.37 7.02 -3.79
H2'' F4Q A 5 -0.03 8.23 -5.05
H7' F4Q A 5 0.61 7.06 -1.72
H7'' F4Q A 5 0.20 8.67 -1.08
H6' F4Q A 5 2.66 7.53 -0.44
H8' F4Q A 5 2.15 10.48 -1.34
H8'' F4Q A 5 3.62 9.88 -0.39
P TCJ A 6 -1.44 10.02 -3.18
O1P TCJ A 6 -1.96 9.68 -4.52
O2P TCJ A 6 -1.80 11.32 -2.57
O5' TCJ A 6 -1.90 8.86 -2.16
C5' TCJ A 6 -3.26 8.50 -2.03
C4' TCJ A 6 -3.86 7.54 -3.04
O4' TCJ A 6 -2.89 6.53 -3.36
C1' TCJ A 6 -3.47 5.22 -3.21
N1 TCJ A 6 -2.74 4.44 -2.16
C6 TCJ A 6 -1.73 5.00 -1.36
C5 TCJ A 6 -1.09 4.26 -0.41
C7 TCJ A 6 0.00 4.82 0.47
C4 TCJ A 6 -1.51 2.87 -0.25
N4 TCJ A 6 -0.92 2.09 0.66
N3 TCJ A 6 -2.48 2.34 -1.03
C2 TCJ A 6 -3.12 3.09 -1.99
O2 TCJ A 6 -4.01 2.60 -2.68
C3' TCJ A 6 -5.05 6.86 -2.40
C2' TCJ A 6 -4.94 5.41 -2.85
C7' TCJ A 6 -4.86 7.06 -0.88
C6' TCJ A 6 -3.84 8.17 -0.69
C8' TCJ A 6 -4.17 9.48 -1.34
O3' TCJ A 6 -6.25 7.49 -2.87
H4' TCJ A 6 -4.16 8.07 -3.94
H1' TCJ A 6 -3.40 4.70 -4.17
H6 TCJ A 6 -1.45 6.03 -1.51
H73 TCJ A 6 0.82 4.11 0.56
H71 TCJ A 6 0.38 5.76 0.05
H72 TCJ A 6 -0.40 5.03 1.48
H41 TCJ A 6 -1.22 1.13 0.77
H42 TCJ A 6 -0.19 2.46 1.25
H2' TCJ A 6 -5.25 4.73 -2.05
H2'' TCJ A 6 -5.55 5.25 -3.73
H7' TCJ A 6 -4.50 6.14 -0.40
H7'' TCJ A 6 -5.80 7.36 -0.41
H6' TCJ A 6 -3.19 8.15 0.19
H8' TCJ A 6 -5.16 9.59 -1.77
H8'' TCJ A 6 -3.71 10.38 -0.94
C7 EAN A 7 -4.20 4.43 1.77
C6 EAN A 7 -5.90 3.19 0.41
C5 EAN A 7 -4.90 3.15 1.33
C4 EAN A 7 -4.45 1.87 1.90
C2 EAN A 7 -6.17 0.76 0.48
P EAN A 7 -7.73 6.85 -2.71
O1P EAN A 7 -7.93 5.84 -3.77
O2P EAN A 7 -8.70 7.96 -2.57
O5' EAN A 7 -7.68 6.08 -1.29
C5' EAN A 7 -8.78 5.35 -0.84
C4' EAN A 7 -9.01 3.94 -1.38
O4' EAN A 7 -7.75 3.33 -1.65
C1' EAN A 7 -7.67 2.05 -1.02
N1 EAN A 7 -6.55 2.02 -0.02
O4 EAN A 7 -3.56 1.74 2.73
N3 EAN A 7 -5.14 0.76 1.42
O2 EAN A 7 -6.72 -0.28 0.13
C3' EAN A 7 -9.73 3.14 -0.32
C2' EAN A 7 -9.00 1.79 -0.32
C7' EAN A 7 -9.57 3.93 1.00
C6' EAN A 7 -9.12 5.34 0.63
C8' EAN A 7 -10.00 6.08 -0.33
O3' EAN A 7 -11.10 3.00 -0.67
H73 EAN A 7 -3.39 4.65 1.09
H71 EAN A 7 -3.81 4.31 2.78
H72 EAN A 7 -4.92 5.26 1.76
H6 EAN A 7 -6.21 4.14 0.00
H4' EAN A 7 -9.60 3.99 -2.30
H1' EAN A 7 -7.50 1.29 -1.77
H3 EAN A 7 -4.86 -0.14 1.79
H2' EAN A 7 -8.87 1.41 0.69
H2'' EAN A 7 -9.57 1.06 -0.92
H7' EAN A 7 -8.82 3.49 1.65
H7'' EAN A 7 -10.52 4.00 1.52
H6' EAN A 7 -8.49 5.90 1.32
H8' EAN A 7 -10.97 5.65 -0.58
H8'' EAN A 7 -9.94 7.17 -0.35
C7 EAN A 8 -7.37 2.79 4.25
C6 EAN A 8 -8.26 0.60 3.43
C5 EAN A 8 -7.31 1.27 4.15
C4 EAN A 8 -6.24 0.55 4.84
C2 EAN A 8 -7.24 -1.55 3.94
P EAN A 8 -12.10 1.96 0.09
O1P EAN A 8 -12.04 0.66 -0.63
O2P EAN A 8 -13.40 2.62 0.28
O5' EAN A 8 -11.41 1.77 1.53
C5' EAN A 8 -11.88 0.76 2.39
C4' EAN A 8 -11.41 -0.67 2.15
O4' EAN A 8 -10.04 -0.66 1.72
C1' EAN A 8 -9.26 -1.55 2.52
N1 EAN A 8 -8.23 -0.78 3.31
O4 EAN A 8 -5.35 1.07 5.51
N3 EAN A 8 -6.28 -0.84 4.68
O2 EAN A 8 -7.19 -2.78 3.86
C3' EAN A 8 -11.49 -1.43 3.46
C2' EAN A 8 -10.22 -2.27 3.47
C7' EAN A 8 -11.53 -0.34 4.55
C6' EAN A 8 -11.89 0.97 3.88
C8' EAN A 8 -13.18 0.96 3.10
O3' EAN A 8 -12.66 -2.25 3.47
H73 EAN A 8 -6.90 3.23 3.38
H71 EAN A 8 -6.82 3.12 5.15
H72 EAN A 8 -8.40 3.11 4.32
H6 EAN A 8 -9.04 1.16 2.94
H4' EAN A 8 -12.04 -1.15 1.39
H1' EAN A 8 -8.76 -2.27 1.89
H3 EAN A 8 -5.56 -1.38 5.13
H2' EAN A 8 -9.80 -2.36 4.48
H2'' EAN A 8 -10.42 -3.27 3.08
H7' EAN A 8 -10.56 -0.24 5.06
H7'' EAN A 8 -12.30 -0.58 5.30
H6' EAN A 8 -11.52 1.91 4.29
H8' EAN A 8 -13.82 0.09 3.19
H8'' EAN A 8 -13.67 1.92 2.94
O1P TCY A 9 -12.21 -4.64 4.12
P TCY A 9 -12.91 -3.41 4.57
O2P TCY A 9 -14.35 -3.46 4.87
C8' TCY A 9 -13.49 -3.37 7.93
O5' TCY A 9 -12.14 -2.85 5.88
C5' TCY A 9 -12.24 -3.52 7.10
C6' TCY A 9 -12.22 -2.74 8.39
C4' TCY A 9 -11.44 -4.79 7.30
C3' TCY A 9 -11.11 -4.91 8.79
C7' TCY A 9 -11.39 -3.52 9.41
O3' TCY A 9 -11.96 -5.91 9.36
C2' TCY A 9 -9.64 -5.31 8.81
C1' TCY A 9 -9.11 -4.80 7.48
O4' TCY A 9 -10.22 -4.71 6.58
N9 TCY A 9 -8.50 -3.46 7.63
C4 TCY A 9 -7.32 -3.19 8.26
N3 TCY A 9 -6.48 -4.09 8.85
C2 TCY A 9 -5.41 -3.48 9.38
N1 TCY A 9 -5.11 -2.18 9.38
C6 TCY A 9 -5.96 -1.30 8.78
N6 TCY A 9 -5.64 0.00 8.76
C5 TCY A 9 -7.14 -1.82 8.19
N7 TCY A 9 -8.19 -1.23 7.51
C8 TCY A 9 -8.97 -2.24 7.21
H8' TCY A 9 -13.85 -4.26 8.45
H8'A TCY A 9 -14.26 -2.71 7.51
H6' TCY A 9 -12.11 -1.65 8.35
H4' TCY A 9 -12.02 -5.66 6.97
H7' TCY A 9 -10.46 -2.98 9.59
H7'A TCY A 9 -11.96 -3.62 10.34
H2' TCY A 9 -9.12 -4.85 9.66
H2'A TCY A 9 -9.55 -6.40 8.86
H1' TCY A 9 -8.37 -5.51 7.09
H2 TCY A 9 -4.70 -4.13 9.88
HN6 TCY A 9 -4.79 0.32 9.20
HN6A TCY A 9 -6.26 0.67 8.32
H8 TCY A 9 -9.91 -2.13 6.68
P TCJ A 10 -11.69 -6.61 10.79
O1P TCJ A 10 -10.80 -7.78 10.55
O2P TCJ A 10 -12.99 -6.82 11.46
O5' TCJ A 10 -10.85 -5.54 11.64
C5' TCJ A 10 -10.20 -5.97 12.81
C4' TCJ A 10 -8.83 -6.61 12.71
O4' TCJ A 10 -8.08 -5.95 11.68
C1' TCJ A 10 -6.87 -5.40 12.22
N1 TCJ A 10 -6.95 -3.90 12.26
C6 TCJ A 10 -8.12 -3.20 11.96
C5 TCJ A 10 -8.16 -1.84 12.01
C7 TCJ A 10 -9.44 -1.07 11.68
C4 TCJ A 10 -6.94 -1.14 12.38
N4 TCJ A 10 -6.92 0.19 12.44
N3 TCJ A 10 -5.81 -1.83 12.66
C2 TCJ A 10 -5.76 -3.20 12.61
O2 TCJ A 10 -4.73 -3.82 12.87
C3' TCJ A 10 -8.10 -6.41 14.02
C2' TCJ A 10 -6.70 -5.96 13.64
C7' TCJ A 10 -8.91 -5.32 14.80
C6' TCJ A 10 -10.24 -5.16 14.08
C8' TCJ A 10 -11.07 -6.40 13.97
O3' TCJ A 10 -8.07 -7.63 14.76
H4' TCJ A 10 -8.93 -7.67 12.48
H1' TCJ A 10 -6.02 -5.70 11.61
H6 TCJ A 10 -9.00 -3.75 11.70
H73 TCJ A 10 -9.33 -0.61 10.70
H71 TCJ A 10 -10.29 -1.75 11.68
H72 TCJ A 10 -9.59 -0.30 12.44
H41 TCJ A 10 -6.07 0.68 12.70
H42 TCJ A 10 -7.75 0.73 12.23
H2' TCJ A 10 -6.31 -5.21 14.32
H2'' TCJ A 10 -6.03 -6.81 13.61
H7' TCJ A 10 -8.38 -4.37 14.80
H7'' TCJ A 10 -9.08 -5.65 15.82
H6' TCJ A 10 -10.73 -4.19 14.08
H8' TCJ A 10 -10.75 -7.29 14.51
H8'' TCJ A 10 -12.15 -6.29 13.83
H3T TCJ A 10 -7.68 -8.30 14.19
O5' F7H A 1 9.56 -11.62 -9.61
C5' F7H A 1 10.21 -11.08 -8.48
C4' F7H A 1 11.36 -10.11 -8.70
O4' F7H A 1 11.13 -9.34 -9.88
C1' F7H A 1 11.46 -7.97 -9.63
N1 F7H A 1 10.33 -7.12 -10.13
C6 F7H A 1 9.01 -7.46 -9.89
C5 F7H A 1 7.98 -6.69 -10.33
C7 F7H A 1 6.53 -7.05 -10.08
C4 F7H A 1 8.33 -5.47 -11.05
N4 F7H A 1 7.37 -4.65 -11.51
N3 F7H A 1 9.62 -5.15 -11.28
C2 F7H A 1 10.66 -5.93 -10.84
O2 F7H A 1 11.82 -5.63 -11.05
C3' F7H A 1 11.40 -9.17 -7.51
C2' F7H A 1 11.67 -7.78 -8.13
C7' F7H A 1 10.03 -9.30 -6.81
C6' F7H A 1 9.39 -10.58 -7.32
C8' F7H A 1 10.20 -11.83 -7.19
O3' F7H A 1 12.46 -9.56 -6.65
HO5' F7H A 1 8.70 -11.19 -9.73
H4' F7H A 1 12.30 -10.65 -8.78
H1' F7H A 1 12.37 -7.71 -10.16
H6 F7H A 1 8.80 -8.38 -9.35
H71 F7H A 1 6.02 -6.22 -9.60
H72 F7H A 1 6.47 -7.93 -9.43
H73 F7H A 1 6.05 -7.26 -11.03
H41 F7H A 1 7.63 -3.81 -12.00
H42 F7H A 1 6.40 -4.87 -11.35
H2' F7H A 1 11.00 -7.03 -7.72
H2'' F7H A 1 12.70 -7.48 -7.94
H7' F7H A 1 9.38 -8.46 -7.05
H7'' F7H A 1 10.17 -9.36 -5.73
H6' F7H A 1 8.31 -10.65 -7.37
H8' F7H A 1 11.11 -11.79 -6.59
H8'' F7H A 1 9.67 -12.79 -7.19
C7 EAN A 2 7.61 -5.82 -6.65
C6 EAN A 2 9.86 -4.71 -6.70
C5 EAN A 2 8.53 -4.69 -7.06
C4 EAN A 2 7.99 -3.58 -7.85
C2 EAN A 2 10.29 -2.60 -7.82
P EAN A 2 12.91 -8.69 -5.35
O1P EAN A 2 14.22 -8.07 -5.66
O2P EAN A 2 12.77 -9.55 -4.16
O5' EAN A 2 11.82 -7.51 -5.25
C5' EAN A 2 12.11 -6.39 -4.46
C4' EAN A 2 12.93 -5.27 -5.07
O4' EAN A 2 12.58 -5.09 -6.44
C1' EAN A 2 12.18 -3.73 -6.69
N1 EAN A 2 10.73 -3.71 -7.07
O4 EAN A 2 6.83 -3.47 -8.22
N3 EAN A 2 8.93 -2.60 -8.17
O2 EAN A 2 11.04 -1.68 -8.16
C3' EAN A 2 12.60 -3.98 -4.32
C2' EAN A 2 12.44 -2.93 -5.41
C7' EAN A 2 11.29 -4.27 -3.52
C6' EAN A 2 11.08 -5.77 -3.55
C8' EAN A 2 12.20 -6.59 -2.97
O3' EAN A 2 13.68 -3.69 -3.44
H73 EAN A 2 7.91 -6.22 -5.67
H71 EAN A 2 7.66 -6.62 -7.39
H72 EAN A 2 6.58 -5.45 -6.58
H6 EAN A 2 10.23 -5.55 -6.12
H4' EAN A 2 13.99 -5.49 -4.98
H1' EAN A 2 12.77 -3.33 -7.50
H3 EAN A 2 8.61 -1.81 -8.71
H2' EAN A 2 11.60 -2.25 -5.20
H2'' EAN A 2 13.35 -2.36 -5.53
H7' EAN A 2 10.43 -3.78 -4.00
H7'' EAN A 2 11.39 -3.94 -2.49
H6' EAN A 2 10.07 -6.17 -3.54
H8' EAN A 2 13.00 -6.07 -2.46
H8'' EAN A 2 11.97 -7.59 -2.61
P TCJ A 3 13.89 -2.25 -2.72
O1P TCJ A 3 14.64 -1.37 -3.64
O2P TCJ A 3 14.44 -2.50 -1.36
O5' TCJ A 3 12.41 -1.69 -2.56
C5' TCJ A 3 12.21 -0.36 -2.17
C4' TCJ A 3 12.34 0.73 -3.22
O4' TCJ A 3 11.91 0.22 -4.49
C1' TCJ A 3 10.86 1.04 -5.03
N1 TCJ A 3 9.58 0.25 -5.09
C6 TCJ A 3 9.34 -0.82 -4.25
C5 TCJ A 3 8.17 -1.52 -4.29
C7 TCJ A 3 7.90 -2.70 -3.37
C4 TCJ A 3 7.19 -1.09 -5.28
N4 TCJ A 3 6.02 -1.74 -5.39
N3 TCJ A 3 7.44 -0.05 -6.10
C2 TCJ A 3 8.61 0.65 -6.04
O2 TCJ A 3 8.83 1.61 -6.79
C3' TCJ A 3 11.43 1.88 -2.83
C2' TCJ A 3 10.71 2.26 -4.13
C7' TCJ A 3 10.48 1.33 -1.73
C6' TCJ A 3 11.07 0.00 -1.27
C8' TCJ A 3 12.47 0.04 -0.75
O3' TCJ A 3 12.21 2.96 -2.33
H4' TCJ A 3 13.37 1.07 -3.30
H1' TCJ A 3 11.14 1.36 -6.03
H6 TCJ A 3 10.10 -1.11 -3.54
H73 TCJ A 3 8.72 -2.82 -2.66
H71 TCJ A 3 7.80 -3.61 -3.97
H72 TCJ A 3 6.97 -2.53 -2.83
H41 TCJ A 3 5.34 -1.44 -6.07
H42 TCJ A 3 5.81 -2.53 -4.78
H2' TCJ A 3 9.66 2.50 -3.96
H2'' TCJ A 3 11.21 3.11 -4.60
H7' TCJ A 3 9.48 1.16 -2.12
H7'' TCJ A 3 10.44 2.00 -0.88
H6' TCJ A 3 10.39 -0.79 -0.93
H8' TCJ A 3 12.93 1.02 -0.59
H8'' TCJ A 3 12.78 -0.75 -0.08
C8 F4Q A 4 7.10 2.99 -3.23
C2 F4Q A 4 3.61 3.45 -5.89
C4 F4Q A 4 5.52 3.49 -4.65
C5 F4Q A 4 5.26 2.29 -4.04
C6 F4Q A 4 4.09 1.55 -4.38
P F4Q A 4 11.62 4.45 -2.08
O1P F4Q A 4 11.77 5.22 -3.34
O2P F4Q A 4 12.22 4.98 -0.83
O5' F4Q A 4 10.05 4.20 -1.83
C5' F4Q A 4 9.19 5.29 -1.65
C4' F4Q A 4 8.78 6.10 -2.86
O4' F4Q A 4 8.70 5.23 -4.00
C1' F4Q A 4 7.35 5.23 -4.51
N9 F4Q A 4 6.71 3.95 -4.13
N7 F4Q A 4 6.28 1.98 -3.14
O6 F4Q A 4 3.72 0.46 -3.95
N1 F4Q A 4 3.29 2.23 -5.32
N2 F4Q A 4 2.74 3.97 -6.77
N3 F4Q A 4 4.75 4.13 -5.59
C3' F4Q A 4 7.40 6.69 -2.59
C2' F4Q A 4 6.62 6.40 -3.88
C7' F4Q A 4 6.84 5.94 -1.35
C6' F4Q A 4 7.99 5.16 -0.74
C8' F4Q A 4 9.17 5.98 -0.31
O3' F4Q A 4 7.51 8.09 -2.35
H8 F4Q A 4 8.01 3.08 -2.65
H4' F4Q A 4 9.50 6.89 -3.05
H1' F4Q A 4 7.37 5.32 -5.59
H1 F4Q A 4 2.42 1.78 -5.60
H22 F4Q A 4 2.94 4.86 -7.21
H21 F4Q A 4 1.89 3.46 -6.99
H2' F4Q A 4 5.57 6.16 -3.68
H2'' F4Q A 4 6.68 7.26 -4.55
H7' F4Q A 4 6.04 5.25 -1.63
H7'' F4Q A 4 6.46 6.65 -0.62
H6' F4Q A 4 7.79 4.21 -0.25
H8' F4Q A 4 9.08 7.07 -0.33
H8'' F4Q A 4 9.82 5.57 0.45
C8 F4Q A 5 3.06 5.09 -2.38
C2 F4Q A 5 -0.33 2.96 -4.24
C4 F4Q A 5 1.34 4.31 -3.47
C5 F4Q A 5 1.82 3.38 -2.57
C6 F4Q A 5 1.17 2.10 -2.47
P F4Q A 5 6.23 9.09 -2.36
O1P F4Q A 5 5.99 9.53 -3.75
O2P F4Q A 5 6.42 10.09 -1.28
O5' F4Q A 5 5.01 8.12 -1.94
C5' F4Q A 5 3.70 8.63 -1.87
C4' F4Q A 5 2.84 8.61 -3.13
O4' F4Q A 5 3.17 7.47 -3.91
C1' F4Q A 5 2.00 6.67 -4.13
N9 F4Q A 5 2.14 5.41 -3.35
N7 F4Q A 5 2.91 3.89 -1.89
O6 F4Q A 5 1.46 1.16 -1.72
N1 F4Q A 5 0.09 1.98 -3.35
N2 F4Q A 5 -1.38 2.68 -5.00
N3 F4Q A 5 0.28 4.17 -4.33
C3' F4Q A 5 1.39 8.51 -2.70
C2' F4Q A 5 0.80 7.47 -3.64
C7' F4Q A 5 1.40 8.09 -1.21
C6' F4Q A 5 2.82 8.28 -0.70
C8' F4Q A 5 3.38 9.66 -0.83
O3' F4Q A 5 0.77 9.79 -2.89
H8 F4Q A 5 3.85 5.77 -2.06
H4' F4Q A 5 3.02 9.52 -3.70
H1' F4Q A 5 1.89 6.44 -5.18
H1 F4Q A 5 -0.43 1.09 -3.33
H22 F4Q A 5 -1.72 3.37 -5.66
H21 F4Q A 5 -1.84 1.78 -4.94
H2' F4Q A 5 0.08 6.83 -3.12
H2'' F4Q A 5 0.32 7.95 -4.49
H7' F4Q A 5 1.13 7.04 -1.11
H7'' F4Q A 5 0.73 8.71 -0.62
H6' F4Q A 5 3.20 7.63 0.08
H8' F4Q A 5 2.71 10.47 -1.13
H8'' F4Q A 5 4.19 9.95 -0.17
P TCJ A 6 -0.78 10.07 -2.54
O1P TCJ A 6 -1.50 10.38 -3.80
O2P TCJ A 6 -0.81 11.07 -1.44
O5' TCJ A 6 -1.34 8.67 -1.96
C5' TCJ A 6 -2.73 8.47 -1.78
C4' TCJ A 6 -3.50 7.64 -2.78
O4' TCJ A 6 -2.69 6.58 -3.29
C1' TCJ A 6 -3.31 5.31 -3.05
N1 TCJ A 6 -2.55 4.52 -2.03
C6 TCJ A 6 -1.54 5.10 -1.26
C5 TCJ A 6 -0.87 4.36 -0.32
C7 TCJ A 6 0.24 4.99 0.51
C4 TCJ A 6 -1.25 2.97 -0.17
N4 TCJ A 6 -0.62 2.18 0.73
N3 TCJ A 6 -2.23 2.43 -0.92
C2 TCJ A 6 -2.92 3.17 -1.86
O2 TCJ A 6 -3.82 2.67 -2.53
C3' TCJ A 6 -4.70 7.02 -2.08
C2' TCJ A 6 -4.74 5.58 -2.57
C7' TCJ A 6 -4.40 7.15 -0.56
C6' TCJ A 6 -3.26 8.14 -0.41
C8' TCJ A 6 -3.52 9.50 -0.99
O3' TCJ A 6 -5.88 7.74 -2.43
H4' TCJ A 6 -3.84 8.26 -3.62
H1' TCJ A 6 -3.35 4.74 -3.99
H6 TCJ A 6 -1.29 6.13 -1.40
H73 TCJ A 6 0.34 4.46 1.46
H71 TCJ A 6 1.18 4.92 -0.03
H72 TCJ A 6 0.01 6.04 0.70
H41 TCJ A 6 -0.90 1.22 0.83
H42 TCJ A 6 0.12 2.56 1.30
H2' TCJ A 6 -5.03 4.89 -1.78
H2'' TCJ A 6 -5.44 5.49 -3.41
H7' TCJ A 6 -4.10 6.19 -0.13
H7'' TCJ A 6 -5.28 7.52 -0.03
H6' TCJ A 6 -2.57 8.04 0.42
H8' TCJ A 6 -4.51 9.72 -1.36
H8'' TCJ A 6 -2.95 10.33 -0.58
C7 EAN A 7 -3.94 4.30 2.12
C6 EAN A 7 -5.59 3.13 0.63
C5 EAN A 7 -4.63 3.05 1.60
C4 EAN A 7 -4.25 1.74 2.16
C2 EAN A 7 -5.92 0.72 0.63
P EAN A 7 -7.37 7.23 -2.05
O1P EAN A 7 -7.92 6.51 -3.22
O2P EAN A 7 -8.11 8.37 -1.48
O5' EAN A 7 -7.12 6.15 -0.88
C5' EAN A 7 -8.19 5.40 -0.40
C4' EAN A 7 -8.53 4.09 -1.09
O4' EAN A 7 -7.33 3.41 -1.48
C1' EAN A 7 -7.30 2.09 -0.92
N1 EAN A 7 -6.23 2.00 0.14
O4 EAN A 7 -3.42 1.57 3.04
N3 EAN A 7 -4.94 0.66 1.61
O2 EAN A 7 -6.46 -0.30 0.21
C3' EAN A 7 -9.27 3.20 -0.10
C2' EAN A 7 -8.67 1.81 -0.31
C7' EAN A 7 -8.95 3.80 1.30
C6' EAN A 7 -8.40 5.20 1.08
C8' EAN A 7 -9.30 6.12 0.31
O3' EAN A 7 -10.66 3.25 -0.37
H73 EAN A 7 -3.69 4.17 3.17
H71 EAN A 7 -4.60 5.16 2.01
H72 EAN A 7 -3.03 4.47 1.55
H6 EAN A 7 -5.85 4.10 0.24
H4' EAN A 7 -9.16 4.27 -1.96
H1' EAN A 7 -7.09 1.36 -1.70
H3 EAN A 7 -4.70 -0.25 1.98
H2' EAN A 7 -8.60 1.26 0.62
H2'' EAN A 7 -9.28 1.26 -1.02
H7' EAN A 7 -8.20 3.20 1.82
H7'' EAN A 7 -9.85 3.87 1.91
H6' EAN A 7 -7.68 5.61 1.78
H8' EAN A 7 -10.32 5.79 0.10
H8'' EAN A 7 -9.16 7.19 0.45
C7 EAN A 8 -7.43 2.70 4.50
C6 EAN A 8 -8.27 0.51 3.58
C5 EAN A 8 -7.38 1.20 4.38
C4 EAN A 8 -6.35 0.47 5.13
C2 EAN A 8 -7.26 -1.62 4.15
P EAN A 8 -11.73 2.20 0.25
O1P EAN A 8 -11.76 1.01 -0.62
O2P EAN A 8 -12.97 2.94 0.53
O5' EAN A 8 -11.06 1.79 1.65
C5' EAN A 8 -11.66 0.78 2.40
C4' EAN A 8 -11.28 -0.65 2.12
O4' EAN A 8 -9.90 -0.73 1.73
C1' EAN A 8 -9.20 -1.62 2.59
N1 EAN A 8 -8.23 -0.87 3.46
O4 EAN A 8 -5.52 0.99 5.86
N3 EAN A 8 -6.38 -0.91 4.95
O2 EAN A 8 -7.21 -2.85 4.06
C3' EAN A 8 -11.47 -1.47 3.39
C2' EAN A 8 -10.23 -2.35 3.46
C7' EAN A 8 -11.58 -0.43 4.54
C6' EAN A 8 -11.79 0.93 3.90
C8' EAN A 8 -13.00 1.05 3.03
O3' EAN A 8 -12.67 -2.25 3.27
H73 EAN A 8 -8.41 3.08 4.18
H71 EAN A 8 -6.66 3.16 3.88
H72 EAN A 8 -7.28 2.99 5.55
H6 EAN A 8 -9.02 1.07 3.04
H4' EAN A 8 -11.91 -1.04 1.32
H1' EAN A 8 -8.65 -2.35 1.99
H3 EAN A 8 -5.68 -1.44 5.45
H2' EAN A 8 -9.88 -2.46 4.49
H2'' EAN A 8 -10.43 -3.32 3.03
H7' EAN A 8 -10.67 -0.42 5.14
H7'' EAN A 8 -12.44 -0.65 5.18
H6' EAN A 8 -11.38 1.81 4.38
H8' EAN A 8 -13.70 0.22 3.01
H8'' EAN A 8 -13.41 2.05 2.86
O1P TCY A 9 -12.36 -4.68 3.84
P TCY A 9 -13.05 -3.45 4.28
O2P TCY A 9 -14.52 -3.46 4.46
C8' TCY A 9 -13.86 -3.76 7.55
O5' TCY A 9 -12.38 -2.98 5.67
C5' TCY A 9 -12.54 -3.76 6.83
C6' TCY A 9 -12.67 -3.07 8.17
C4' TCY A 9 -11.66 -4.98 7.01
C3' TCY A 9 -11.43 -5.19 8.50
C7' TCY A 9 -11.88 -3.86 9.19
O3' TCY A 9 -12.22 -6.29 8.95
C2' TCY A 9 -9.93 -5.46 8.61
C1' TCY A 9 -9.34 -4.89 7.33
O4' TCY A 9 -10.40 -4.76 6.37
N9 TCY A 9 -8.77 -3.53 7.58
C4 TCY A 9 -7.60 -3.26 8.24
N3 TCY A 9 -6.75 -4.17 8.80
C2 TCY A 9 -5.72 -3.58 9.39
N1 TCY A 9 -5.45 -2.27 9.45
C6 TCY A 9 -6.31 -1.38 8.87
N6 TCY A 9 -6.01 -0.07 8.92
C5 TCY A 9 -7.46 -1.89 8.24
N7 TCY A 9 -8.53 -1.29 7.58
C8 TCY A 9 -9.27 -2.30 7.21
H8' TCY A 9 -14.18 -4.71 7.98
H8'A TCY A 9 -14.63 -3.13 7.11
H6' TCY A 9 -12.64 -1.99 8.20
H4' TCY A 9 -12.15 -5.85 6.57
H7' TCY A 9 -11.01 -3.28 9.50
H7'A TCY A 9 -12.50 -4.08 10.05
H2' TCY A 9 -9.49 -5.00 9.49
H2'A TCY A 9 -9.75 -6.53 8.63
H1' TCY A 9 -8.57 -5.55 6.95
H2 TCY A 9 -5.01 -4.23 9.86
HN6 TCY A 9 -5.17 0.25 9.39
HN6A TCY A 9 -6.63 0.60 8.50
H8 TCY A 9 -10.20 -2.18 6.67
P TCJ A 10 -12.00 -7.01 10.38
O1P TCJ A 10 -11.01 -8.09 10.19
O2P TCJ A 10 -13.33 -7.34 10.94
O5' TCJ A 10 -11.32 -5.88 11.30
C5' TCJ A 10 -10.77 -6.25 12.55
C4' TCJ A 10 -9.36 -6.78 12.60
O4' TCJ A 10 -8.56 -6.13 11.61
C1' TCJ A 10 -7.43 -5.49 12.23
N1 TCJ A 10 -7.57 -4.00 12.16
C6 TCJ A 10 -8.76 -3.37 11.80
C5 TCJ A 10 -8.86 -2.01 11.75
C7 TCJ A 10 -10.15 -1.32 11.37
C4 TCJ A 10 -7.68 -1.26 12.11
N4 TCJ A 10 -7.71 0.09 12.10
N3 TCJ A 10 -6.52 -1.87 12.46
C2 TCJ A 10 -6.43 -3.24 12.50
O2 TCJ A 10 -5.38 -3.79 12.82
C3' TCJ A 10 -8.78 -6.48 13.97
C2' TCJ A 10 -7.37 -5.97 13.69
C7' TCJ A 10 -9.72 -5.41 14.60
C6' TCJ A 10 -11.00 -5.38 13.77
C8' TCJ A 10 -11.72 -6.68 13.64
O3' TCJ A 10 -8.74 -7.65 14.77
H4' TCJ A 10 -9.37 -7.86 12.42
H1' TCJ A 10 -6.51 -5.80 11.72
H6 TCJ A 10 -9.61 -3.98 11.56
H73 TCJ A 10 -10.08 -1.01 10.32
H71 TCJ A 10 -10.30 -0.45 11.99
H72 TCJ A 10 -10.99 -2.01 11.49
H41 TCJ A 10 -6.88 0.61 12.33
H42 TCJ A 10 -8.56 0.58 11.83
H2' TCJ A 10 -7.10 -5.15 14.36
H2'' TCJ A 10 -6.65 -6.78 13.77
H7' TCJ A 10 -9.25 -4.42 14.57
H7'' TCJ A 10 -9.95 -5.66 15.63
H6' TCJ A 10 -11.54 -4.45 13.67
H8' TCJ A 10 -11.39 -7.52 14.26
H8'' TCJ A 10 -12.78 -6.65 13.40
H3T TCJ A 10 -8.04 -7.55 15.41
O5' F7H A 1 9.97 -11.96 -8.89
C5' F7H A 1 10.43 -11.30 -7.73
C4' F7H A 1 11.59 -10.32 -7.86
O4' F7H A 1 11.47 -9.59 -9.09
C1' F7H A 1 11.73 -8.19 -8.85
N1 F7H A 1 10.60 -7.35 -9.37
C6 F7H A 1 9.31 -7.85 -9.46
C5 F7H A 1 8.29 -7.06 -9.89
C7 F7H A 1 6.86 -7.60 -10.01
C4 F7H A 1 8.60 -5.69 -10.24
N4 F7H A 1 7.63 -4.86 -10.66
N3 F7H A 1 9.86 -5.22 -10.15
C2 F7H A 1 10.90 -6.02 -9.72
O2 F7H A 1 12.05 -5.59 -9.65
C3' F7H A 1 11.50 -9.33 -6.72
C2' F7H A 1 11.91 -8.00 -7.35
C7' F7H A 1 10.02 -9.37 -6.27
C6' F7H A 1 9.44 -10.70 -6.76
C8' F7H A 1 10.21 -11.93 -6.38
O3' F7H A 1 12.37 -9.74 -5.67
HO5' F7H A 1 10.56 -12.68 -9.10
H4' F7H A 1 12.55 -10.85 -7.84
H1' F7H A 1 12.66 -7.91 -9.36
H6 F7H A 1 9.12 -8.88 -9.18
H71 F7H A 1 6.55 -7.56 -11.05
H72 F7H A 1 6.20 -6.98 -9.41
H73 F7H A 1 6.81 -8.62 -9.66
H41 F7H A 1 7.86 -3.91 -10.90
H42 F7H A 1 6.69 -5.19 -10.74
H2' F7H A 1 11.30 -7.18 -6.98
H2'' F7H A 1 12.96 -7.80 -7.13
H7' F7H A 1 9.46 -8.55 -6.71
H7'' F7H A 1 9.96 -9.33 -5.18
H6' F7H A 1 8.39 -10.77 -6.97
H8' F7H A 1 11.02 -11.84 -5.66
H8'' F7H A 1 9.68 -12.89 -6.38
C7 EAN A 2 7.58 -6.22 -6.23
C6 EAN A 2 9.79 -5.04 -6.14
C5 EAN A 2 8.47 -5.04 -6.55
C4 EAN A 2 7.95 -3.91 -7.32
C2 EAN A 2 10.19 -2.86 -7.15
P EAN A 2 12.82 -8.77 -4.45
O1P EAN A 2 14.06 -8.07 -4.85
O2P EAN A 2 12.80 -9.57 -3.21
O5' EAN A 2 11.64 -7.67 -4.35
C5' EAN A 2 11.90 -6.49 -3.63
C4' EAN A 2 12.75 -5.41 -4.27
O4' EAN A 2 12.48 -5.32 -5.67
C1' EAN A 2 12.08 -3.99 -6.02
N1 EAN A 2 10.64 -3.98 -6.44
O4 EAN A 2 6.79 -3.83 -7.74
N3 EAN A 2 8.86 -2.88 -7.55
O2 EAN A 2 10.92 -1.91 -7.42
C3' EAN A 2 12.40 -4.08 -3.63
C2' EAN A 2 12.32 -3.10 -4.80
C7' EAN A 2 11.03 -4.30 -2.92
C6' EAN A 2 10.82 -5.81 -2.82
C8' EAN A 2 11.91 -6.57 -2.13
O3' EAN A 2 13.43 -3.73 -2.69
H73 EAN A 2 7.65 -6.96 -7.02
H71 EAN A 2 6.54 -5.88 -6.16
H72 EAN A 2 7.87 -6.66 -5.28
H6 EAN A 2 10.15 -5.87 -5.57
H4' EAN A 2 13.81 -5.64 -4.11
H1' EAN A 2 12.71 -3.63 -6.84
H3 EAN A 2 8.51 -2.08 -8.07
H2' EAN A 2 11.51 -2.38 -4.67
H2'' EAN A 2 13.26 -2.57 -4.91
H7' EAN A 2 10.22 -3.86 -3.50
H7'' EAN A 2 11.06 -3.87 -1.92
H6' EAN A 2 9.81 -6.20 -2.84
H8' EAN A 2 12.68 -6.01 -1.61
H8'' EAN A 2 11.66 -7.54 -1.69
P TCJ A 3 13.63 -2.25 -2.08
O1P TCJ A 3 14.49 -1.49 -3.02
O2P TCJ A 3 14.03 -2.40 -0.67
O5' TCJ A 3 12.16 -1.63 -2.13
C5' TCJ A 3 11.97 -0.26 -1.82
C4' TCJ A 3 12.20 0.76 -2.92
O4' TCJ A 3 11.87 0.19 -4.19
C1' TCJ A 3 10.85 0.98 -4.83
N1 TCJ A 3 9.57 0.21 -4.89
C6 TCJ A 3 9.29 -0.85 -4.02
C5 TCJ A 3 8.12 -1.54 -4.08
C7 TCJ A 3 7.81 -2.68 -3.13
C4 TCJ A 3 7.16 -1.12 -5.09
N4 TCJ A 3 5.99 -1.76 -5.21
N3 TCJ A 3 7.43 -0.10 -5.93
C2 TCJ A 3 8.61 0.59 -5.85
O2 TCJ A 3 8.85 1.54 -6.61
C3' TCJ A 3 11.28 1.94 -2.66
C2' TCJ A 3 10.68 2.26 -4.02
C7' TCJ A 3 10.25 1.45 -1.61
C6' TCJ A 3 10.77 0.15 -1.03
C8' TCJ A 3 12.13 0.20 -0.41
O3' TCJ A 3 12.04 3.04 -2.15
H4' TCJ A 3 13.24 1.08 -2.92
H1' TCJ A 3 11.17 1.22 -5.84
H6 TCJ A 3 10.03 -1.13 -3.28
H73 TCJ A 3 6.80 -2.57 -2.73
H71 TCJ A 3 8.53 -2.69 -2.31
H72 TCJ A 3 7.86 -3.62 -3.67
H41 TCJ A 3 5.33 -1.48 -5.91
H42 TCJ A 3 5.76 -2.54 -4.60
H2' TCJ A 3 9.64 2.55 -3.95
H2'' TCJ A 3 11.24 3.06 -4.50
H7' TCJ A 3 9.28 1.28 -2.06
H7'' TCJ A 3 10.15 2.17 -0.80
H6' TCJ A 3 10.06 -0.61 -0.71
H8' TCJ A 3 12.60 1.17 -0.26
H8'' TCJ A 3 12.39 -0.56 0.32
C8 F4Q A 4 7.02 2.97 -3.29
C2 F4Q A 4 3.46 3.34 -5.87
C4 F4Q A 4 5.39 3.43 -4.67
C5 F4Q A 4 5.21 2.20 -4.07
C6 F4Q A 4 4.05 1.42 -4.41
P F4Q A 4 11.43 4.54 -2.01
O1P F4Q A 4 11.64 5.24 -3.30
O2P F4Q A 4 11.95 5.15 -0.76
O5' F4Q A 4 9.84 4.29 -1.83
C5' F4Q A 4 8.96 5.37 -1.66
C4' F4Q A 4 8.54 6.16 -2.88
O4' F4Q A 4 8.51 5.29 -4.01
C1' F4Q A 4 7.18 5.23 -4.54
N9 F4Q A 4 6.57 3.93 -4.17
N7 F4Q A 4 6.25 1.93 -3.19
O6 F4Q A 4 3.74 0.30 -4.00
N1 F4Q A 4 3.21 2.09 -5.32
N2 F4Q A 4 2.55 3.83 -6.71
N3 F4Q A 4 4.58 4.04 -5.59
C3' F4Q A 4 7.14 6.69 -2.63
C2' F4Q A 4 6.39 6.38 -3.94
C7' F4Q A 4 6.58 5.92 -1.40
C6' F4Q A 4 7.76 5.21 -0.77
C8' F4Q A 4 8.91 6.07 -0.32
O3' F4Q A 4 7.19 8.09 -2.38
H8 F4Q A 4 7.93 3.08 -2.72
H4' F4Q A 4 9.24 6.97 -3.05
H1' F4Q A 4 7.21 5.33 -5.62
H1 F4Q A 4 2.35 1.61 -5.57
H22 F4Q A 4 2.69 4.73 -7.13
H21 F4Q A 4 1.71 3.30 -6.92
H2' F4Q A 4 5.36 6.10 -3.75
H2'' F4Q A 4 6.42 7.23 -4.60
H7' F4Q A 4 5.84 5.18 -1.70
H7'' F4Q A 4 6.15 6.61 -0.68
H6' F4Q A 4 7.59 4.25 -0.26
H8' F4Q A 4 8.77 7.15 -0.35
H8'' F4Q A 4 9.57 5.69 0.45
C8 F4Q A 5 2.88 5.23 -2.62
C2 F4Q A 5 -0.59 3.24 -4.49
C4 F4Q A 5 1.12 4.52 -3.72
C5 F4Q A 5 1.61 3.55 -2.86
C6 F4Q A 5 0.94 2.27 -2.81
P F4Q A 5 5.89 9.08 -2.41
O1P F4Q A 5 5.62 9.44 -3.81
O2P F4Q A 5 6.10 10.14 -1.40
O5' F4Q A 5 4.69 8.14 -1.89
C5' F4Q A 5 3.39 8.65 -1.81
C4' F4Q A 5 2.57 8.78 -3.09
O4' F4Q A 5 2.94 7.72 -3.98
C1' F4Q A 5 1.80 6.90 -4.27
N9 F4Q A 5 1.95 5.61 -3.56
N7 F4Q A 5 2.72 4.01 -2.18
O6 F4Q A 5 1.24 1.29 -2.12
N1 F4Q A 5 -0.17 2.20 -3.66
N2 F4Q A 5 -1.67 3.02 -5.24
N3 F4Q A 5 0.04 4.44 -4.55
C3' F4Q A 5 1.11 8.63 -2.73
C2' F4Q A 5 0.57 7.65 -3.77
C7' F4Q A 5 1.06 8.10 -1.28
C6' F4Q A 5 2.46 8.20 -0.71
C8' F4Q A 5 3.05 9.58 -0.68
O3' F4Q A 5 0.45 9.90 -2.83
H8 F4Q A 5 3.67 5.88 -2.28
H4' F4Q A 5 2.77 9.74 -3.56
H1' F4Q A 5 1.72 6.72 -5.34
H1 F4Q A 5 -0.68 1.34 -3.68
H22 F4Q A 5 -2.01 3.74 -5.86
H21 F4Q A 5 -2.14 2.12 -5.20
H2' F4Q A 5 -0.16 6.97 -3.34
H2'' F4Q A 5 0.11 8.19 -4.60
H7' F4Q A 5 0.74 7.06 -1.25
H7'' F4Q A 5 0.39 8.70 -0.67
H6' F4Q A 5 2.81 7.46 0.01
H8' F4Q A 5 2.41 10.43 -0.93
H8'' F4Q A 5 3.85 9.78 0.03
P TCJ A 6 -1.16 10.06 -2.79
O1P TCJ A 6 -1.67 9.94 -4.18
O2P TCJ A 6 -1.49 11.25 -1.99
O5' TCJ A 6 -1.65 8.75 -1.98
C5' TCJ A 6 -3.01 8.48 -1.86
C4' TCJ A 6 -3.69 7.66 -2.95
O4' TCJ A 6 -2.79 6.66 -3.43
C1' TCJ A 6 -3.38 5.35 -3.31
N1 TCJ A 6 -2.65 4.54 -2.27
C6 TCJ A 6 -1.64 5.08 -1.48
C5 TCJ A 6 -0.98 4.31 -0.56
C7 TCJ A 6 0.12 4.91 0.30
C4 TCJ A 6 -1.38 2.92 -0.44
N4 TCJ A 6 -0.78 2.11 0.44
N3 TCJ A 6 -2.37 2.41 -1.21
C2 TCJ A 6 -3.04 3.18 -2.13
O2 TCJ A 6 -3.94 2.72 -2.82
C3' TCJ A 6 -4.90 6.97 -2.35
C2' TCJ A 6 -4.84 5.55 -2.92
C7' TCJ A 6 -4.69 7.02 -0.81
C6' TCJ A 6 -3.59 8.03 -0.54
C8' TCJ A 6 -3.85 9.42 -1.05
O3' TCJ A 6 -6.08 7.67 -2.75
H4' TCJ A 6 -3.98 8.32 -3.77
H1' TCJ A 6 -3.32 4.84 -4.27
H6 TCJ A 6 -1.38 6.12 -1.59
H73 TCJ A 6 0.28 4.31 1.20
H71 TCJ A 6 1.05 4.93 -0.27
H72 TCJ A 6 -0.14 5.92 0.60
H41 TCJ A 6 -1.06 1.14 0.51
H42 TCJ A 6 -0.03 2.46 1.03
H2' TCJ A 6 -5.17 4.82 -2.19
H2'' TCJ A 6 -5.47 5.50 -3.81
H7' TCJ A 6 -4.39 6.05 -0.42
H7'' TCJ A 6 -5.59 7.36 -0.32
H6' TCJ A 6 -2.93 7.89 0.31
H8' TCJ A 6 -4.84 9.64 -1.44
H8'' TCJ A 6 -3.32 10.24 -0.57
C7 EAN A 7 -4.09 4.36 1.76
C6 EAN A 7 -5.75 3.15 0.32
C5 EAN A 7 -4.80 3.09 1.30
C4 EAN A 7 -4.45 1.81 1.91
C2 EAN A 7 -6.12 0.75 0.42
P EAN A 7 -7.56 7.05 -2.56
O1P EAN A 7 -7.87 6.20 -3.75
O2P EAN A 7 -8.48 8.15 -2.20
O5' EAN A 7 -7.40 6.09 -1.29
C5' EAN A 7 -8.49 5.35 -0.83
C4' EAN A 7 -8.78 4.01 -1.46
O4' EAN A 7 -7.54 3.36 -1.79
C1' EAN A 7 -7.48 2.05 -1.18
N1 EAN A 7 -6.42 2.02 -0.12
O4 EAN A 7 -3.60 1.66 2.81
N3 EAN A 7 -5.15 0.72 1.42
O2 EAN A 7 -6.69 -0.28 0.05
C3' EAN A 7 -9.50 3.15 -0.44
C2' EAN A 7 -8.85 1.77 -0.57
C7' EAN A 7 -9.25 3.83 0.92
C6' EAN A 7 -8.75 5.22 0.65
C8' EAN A 7 -9.64 6.09 -0.19
O3' EAN A 7 -10.90 3.11 -0.76
H73 EAN A 7 -3.71 4.22 2.77
H71 EAN A 7 -4.79 5.20 1.74
H72 EAN A 7 -3.25 4.57 1.09
H6 EAN A 7 -6.00 4.11 -0.12
H4' EAN A 7 -9.38 4.12 -2.35
H1' EAN A 7 -7.26 1.31 -1.95
H3 EAN A 7 -4.92 -0.18 1.81
H2' EAN A 7 -8.77 1.27 0.39
H2'' EAN A 7 -9.43 1.15 -1.27
H7' EAN A 7 -8.51 3.29 1.51
H7'' EAN A 7 -10.19 3.90 1.49
H6' EAN A 7 -8.05 5.70 1.35
H8' EAN A 7 -10.64 5.71 -0.42
H8'' EAN A 7 -9.54 7.17 -0.12
C7 EAN A 8 -7.44 2.79 4.10
C6 EAN A 8 -8.31 0.59 3.27
C5 EAN A 8 -7.41 1.27 4.04
C4 EAN A 8 -6.40 0.56 4.83
C2 EAN A 8 -7.36 -1.56 3.93
P EAN A 8 -11.91 2.05 -0.08
O1P EAN A 8 -11.87 0.79 -0.85
O2P EAN A 8 -13.21 2.74 0.13
O5' EAN A 8 -11.27 1.78 1.37
C5' EAN A 8 -11.79 0.79 2.20
C4' EAN A 8 -11.39 -0.65 1.94
O4' EAN A 8 -10.01 -0.70 1.52
C1' EAN A 8 -9.28 -1.57 2.36
N1 EAN A 8 -8.29 -0.80 3.20
O4 EAN A 8 -5.56 1.08 5.56
N3 EAN A 8 -6.46 -0.83 4.71
O2 EAN A 8 -7.31 -2.79 3.89
C3' EAN A 8 -11.52 -1.43 3.23
C2' EAN A 8 -10.28 -2.31 3.25
C7' EAN A 8 -11.53 -0.35 4.36
C6' EAN A 8 -11.81 0.99 3.69
C8' EAN A 8 -13.08 1.06 2.90
O3' EAN A 8 -12.72 -2.19 3.22
H73 EAN A 8 -6.97 3.14 5.02
H71 EAN A 8 -8.48 3.14 4.08
H72 EAN A 8 -6.90 3.20 3.24
H6 EAN A 8 -9.04 1.14 2.70
H4' EAN A 8 -12.04 -1.08 1.17
H1' EAN A 8 -8.73 -2.31 1.75
H3 EAN A 8 -5.78 -1.36 5.24
H2' EAN A 8 -9.89 -2.44 4.27
H2'' EAN A 8 -10.50 -3.29 2.82
H7' EAN A 8 -10.57 -0.31 4.87
H7'' EAN A 8 -12.32 -0.55 5.07
H6' EAN A 8 -11.39 1.90 4.12
H8' EAN A 8 -13.78 0.22 2.96
H8'' EAN A 8 -13.53 2.04 2.73
O1P TCY A 9 -12.33 -4.59 3.88
P TCY A 9 -13.05 -3.37 4.29
O2P TCY A 9 -14.51 -3.41 4.49
C8' TCY A 9 -13.72 -3.56 7.64
O5' TCY A 9 -12.38 -2.83 5.65
C5' TCY A 9 -12.45 -3.58 6.84
C6' TCY A 9 -12.51 -2.85 8.16
C4' TCY A 9 -11.55 -4.78 7.00
C3' TCY A 9 -11.25 -4.96 8.47
C7' TCY A 9 -11.63 -3.61 9.14
O3' TCY A 9 -12.03 -6.02 8.98
C2' TCY A 9 -9.75 -5.24 8.51
C1' TCY A 9 -9.23 -4.65 7.20
O4' TCY A 9 -10.32 -4.56 6.30
N9 TCY A 9 -8.69 -3.28 7.43
C4 TCY A 9 -7.56 -2.98 8.14
N3 TCY A 9 -6.73 -3.87 8.77
C2 TCY A 9 -5.72 -3.24 9.39
N1 TCY A 9 -5.48 -1.92 9.44
C6 TCY A 9 -6.30 -1.06 8.78
N6 TCY A 9 -6.00 0.24 8.78
C5 TCY A 9 -7.43 -1.61 8.10
N7 TCY A 9 -8.46 -1.04 7.38
C8 TCY A 9 -9.17 -2.07 7.00
H8' TCY A 9 -14.00 -4.51 8.11
H8'A TCY A 9 -14.54 -2.96 7.24
H6' TCY A 9 -12.49 -1.76 8.17
H4' TCY A 9 -12.05 -5.67 6.60
H7' TCY A 9 -10.74 -3.01 9.37
H7'A TCY A 9 -12.18 -3.80 10.06
H2' TCY A 9 -9.27 -4.79 9.37
H2'A TCY A 9 -9.57 -6.31 8.51
H1' TCY A 9 -8.45 -5.28 6.79
H2 TCY A 9 -5.03 -3.87 9.91
HN6 TCY A 9 -5.19 0.58 9.27
HN6A TCY A 9 -6.60 0.89 8.28
H8 TCY A 9 -10.07 -1.98 6.41
P TCJ A 10 -11.74 -6.80 10.39
O1P TCJ A 10 -10.69 -7.82 10.13
O2P TCJ A 10 -13.04 -7.22 10.94
O5' TCJ A 10 -11.11 -5.68 11.36
C5' TCJ A 10 -10.55 -6.12 12.58
C4' TCJ A 10 -9.13 -6.70 12.56
O4' TCJ A 10 -8.35 -5.98 11.61
C1' TCJ A 10 -7.18 -5.43 12.25
N1 TCJ A 10 -7.28 -3.93 12.30
C6 TCJ A 10 -8.44 -3.25 11.94
C5 TCJ A 10 -8.49 -1.88 11.94
C7 TCJ A 10 -9.77 -1.15 11.55
C4 TCJ A 10 -7.28 -1.18 12.34
N4 TCJ A 10 -7.24 0.16 12.35
N3 TCJ A 10 -6.17 -1.85 12.69
C2 TCJ A 10 -6.13 -3.22 12.72
O2 TCJ A 10 -5.12 -3.84 13.08
C3' TCJ A 10 -8.52 -6.52 13.94
C2' TCJ A 10 -7.12 -6.01 13.67
C7' TCJ A 10 -9.42 -5.49 14.68
C6' TCJ A 10 -10.70 -5.35 13.87
C8' TCJ A 10 -11.48 -6.61 13.65
O3' TCJ A 10 -8.49 -7.75 14.64
H4' TCJ A 10 -9.18 -7.76 12.29
H1' TCJ A 10 -6.29 -5.72 11.70
H6 TCJ A 10 -9.31 -3.80 11.65
H73 TCJ A 10 -9.83 -1.10 10.47
H71 TCJ A 10 -9.75 -0.13 11.97
H72 TCJ A 10 -10.62 -1.68 11.96
H41 TCJ A 10 -6.40 0.64 12.62
H42 TCJ A 10 -8.06 0.69 12.08
H2' TCJ A 10 -6.80 -5.25 14.39
H2'' TCJ A 10 -6.40 -6.84 13.68
H7' TCJ A 10 -8.93 -4.51 14.74
H7'' TCJ A 10 -9.66 -5.84 15.67
H6' TCJ A 10 -11.23 -4.39 13.85
H8' TCJ A 10 -11.16 -7.51 14.20
H8'' TCJ A 10 -12.54 -6.53 13.44
H3T TCJ A 10 -8.07 -8.41 14.07
O5' F7H A 1 9.31 -11.82 -8.59
C5' F7H A 1 9.95 -11.25 -7.46
C4' F7H A 1 11.08 -10.26 -7.70
O4' F7H A 1 10.83 -9.50 -8.87
C1' F7H A 1 11.15 -8.12 -8.65
N1 F7H A 1 10.04 -7.26 -9.13
C6 F7H A 1 8.71 -7.67 -9.08
C5 F7H A 1 7.70 -6.87 -9.53
C7 F7H A 1 6.25 -7.30 -9.47
C4 F7H A 1 8.07 -5.58 -10.07
N4 F7H A 1 7.13 -4.73 -10.54
N3 F7H A 1 9.37 -5.18 -10.11
C2 F7H A 1 10.38 -5.99 -9.66
O2 F7H A 1 11.55 -5.62 -9.69
C3' F7H A 1 11.12 -9.30 -6.52
C2' F7H A 1 11.38 -7.93 -7.14
C7' F7H A 1 9.75 -9.44 -5.83
C6' F7H A 1 9.13 -10.74 -6.31
C8' F7H A 1 9.95 -11.98 -6.16
O3' F7H A 1 12.17 -9.68 -5.63
HO5' F7H A 1 8.69 -11.18 -8.96
H4' F7H A 1 12.03 -10.78 -7.79
H1' F7H A 1 12.06 -7.86 -9.17
H6 F7H A 1 8.48 -8.64 -8.67
H71 F7H A 1 5.63 -6.47 -9.14
H72 F7H A 1 6.13 -8.14 -8.78
H73 F7H A 1 5.92 -7.61 -10.46
H41 F7H A 1 7.40 -3.84 -10.91
H42 F7H A 1 6.16 -5.01 -10.51
H2' F7H A 1 10.71 -7.17 -6.73
H2'' F7H A 1 12.41 -7.63 -6.98
H7' F7H A 1 9.08 -8.62 -6.11
H7'' F7H A 1 9.85 -9.47 -4.74
H6' F7H A 1 8.04 -10.83 -6.36
H8' F7H A 1 10.87 -11.92 -5.56
H8'' F7H A 1 9.44 -12.94 -6.15
C7 EAN A 2 7.27 -5.78 -5.87
C6 EAN A 2 9.56 -4.78 -6.03
C5 EAN A 2 8.24 -4.72 -6.37
C4 EAN A 2 7.76 -3.66 -7.25
C2 EAN A 2 10.08 -2.78 -7.32
P EAN A 2 12.66 -8.74 -4.38
O1P EAN A 2 13.95 -8.14 -4.77
O2P EAN A 2 12.57 -9.54 -3.15
O5' EAN A 2 11.56 -7.57 -4.31
C5' EAN A 2 11.88 -6.37 -3.64
C4' EAN A 2 12.68 -5.30 -4.37
O4' EAN A 2 12.28 -5.24 -5.74
C1' EAN A 2 11.93 -3.90 -6.11
N1 EAN A 2 10.48 -3.84 -6.48
O4 EAN A 2 6.60 -3.54 -7.63
N3 EAN A 2 8.73 -2.75 -7.66
O2 EAN A 2 10.87 -1.93 -7.73
C3' EAN A 2 12.37 -3.95 -3.73
C2' EAN A 2 12.23 -3.00 -4.91
C7' EAN A 2 11.05 -4.16 -2.94
C6' EAN A 2 10.86 -5.66 -2.78
C8' EAN A 2 12.00 -6.40 -2.14
O3' EAN A 2 13.45 -3.58 -2.86
H73 EAN A 2 7.80 -6.69 -5.61
H71 EAN A 2 6.54 -5.99 -6.65
H72 EAN A 2 6.76 -5.38 -4.99
H6 EAN A 2 9.90 -5.56 -5.36
H4' EAN A 2 13.75 -5.52 -4.30
H1' EAN A 2 12.54 -3.58 -6.96
H3 EAN A 2 8.43 -1.99 -8.25
H2' EAN A 2 11.43 -2.27 -4.75
H2'' EAN A 2 13.17 -2.47 -5.09
H7' EAN A 2 10.20 -3.75 -3.47
H7'' EAN A 2 11.13 -3.69 -1.95
H6' EAN A 2 9.85 -6.07 -2.72
H8' EAN A 2 12.81 -5.82 -1.70
H8'' EAN A 2 11.78 -7.35 -1.66
P TCJ A 3 13.67 -2.08 -2.30
O1P TCJ A 3 14.44 -1.31 -3.28
O2P TCJ A 3 14.17 -2.19 -0.91
O5' TCJ A 3 12.19 -1.47 -2.24
C5' TCJ A 3 11.99 -0.10 -1.97
C4' TCJ A 3 12.13 0.89 -3.10
O4' TCJ A 3 11.73 0.28 -4.33
C1' TCJ A 3 10.69 1.05 -4.95
N1 TCJ A 3 9.40 0.28 -4.94
C6 TCJ A 3 9.16 -0.74 -4.03
C5 TCJ A 3 7.98 -1.41 -4.03
C7 TCJ A 3 7.69 -2.54 -3.04
C4 TCJ A 3 6.98 -1.02 -5.01
N4 TCJ A 3 5.79 -1.64 -5.06
N3 TCJ A 3 7.23 -0.02 -5.89
C2 TCJ A 3 8.42 0.66 -5.89
O2 TCJ A 3 8.64 1.57 -6.69
C3' TCJ A 3 11.22 2.08 -2.83
C2' TCJ A 3 10.55 2.35 -4.16
C7' TCJ A 3 10.25 1.61 -1.71
C6' TCJ A 3 10.81 0.32 -1.13
C8' TCJ A 3 12.20 0.40 -0.57
O3' TCJ A 3 11.99 3.20 -2.38
H4' TCJ A 3 13.18 1.22 -3.17
H1' TCJ A 3 10.97 1.28 -5.97
H6 TCJ A 3 9.91 -1.00 -3.32
H73 TCJ A 3 8.41 -2.51 -2.22
H71 TCJ A 3 7.77 -3.50 -3.55
H72 TCJ A 3 6.69 -2.43 -2.63
H41 TCJ A 3 5.10 -1.36 -5.75
H42 TCJ A 3 5.59 -2.39 -4.41
H2' TCJ A 3 9.51 2.62 -4.04
H2'' TCJ A 3 11.07 3.14 -4.70
H7' TCJ A 3 9.25 1.41 -2.11
H7'' TCJ A 3 10.18 2.34 -0.92
H6' TCJ A 3 10.13 -0.44 -0.74
H8' TCJ A 3 12.66 1.38 -0.48
H8'' TCJ A 3 12.51 -0.34 0.16
C8 F4Q A 4 6.95 3.16 -3.33
C2 F4Q A 4 3.45 3.41 -6.00
C4 F4Q A 4 5.35 3.56 -4.76
C5 F4Q A 4 5.15 2.35 -4.12
C6 F4Q A 4 4.00 1.57 -4.45
P F4Q A 4 11.37 4.70 -2.27
O1P F4Q A 4 11.47 5.34 -3.60
O2P F4Q A 4 11.99 5.37 -1.09
O5' F4Q A 4 9.82 4.45 -1.94
C5' F4Q A 4 8.92 5.53 -1.77
C4' F4Q A 4 8.50 6.31 -3.00
O4' F4Q A 4 8.46 5.44 -4.12
C1' F4Q A 4 7.13 5.37 -4.64
N9 F4Q A 4 6.51 4.08 -4.25
N7 F4Q A 4 6.18 2.11 -3.21
O6 F4Q A 4 3.68 0.47 -4.01
N1 F4Q A 4 3.19 2.19 -5.40
N2 F4Q A 4 2.56 3.88 -6.88
N3 F4Q A 4 4.56 4.14 -5.71
C3' F4Q A 4 7.09 6.86 -2.76
C2' F4Q A 4 6.35 6.53 -4.05
C7' F4Q A 4 6.55 6.10 -1.51
C6' F4Q A 4 7.73 5.37 -0.88
C8' F4Q A 4 8.88 6.23 -0.45
O3' F4Q A 4 7.15 8.27 -2.52
H8 F4Q A 4 7.85 3.29 -2.74
H4' F4Q A 4 9.20 7.13 -3.18
H1' F4Q A 4 7.15 5.45 -5.73
H1 F4Q A 4 2.34 1.71 -5.67
H22 F4Q A 4 2.72 4.77 -7.34
H21 F4Q A 4 1.73 3.33 -7.09
H2' F4Q A 4 5.31 6.26 -3.86
H2'' F4Q A 4 6.39 7.38 -4.73
H7' F4Q A 4 5.80 5.37 -1.80
H7'' F4Q A 4 6.14 6.80 -0.79
H6' F4Q A 4 7.56 4.42 -0.38
H8' F4Q A 4 8.75 7.32 -0.47
H8'' F4Q A 4 9.54 5.86 0.33
C8 F4Q A 5 2.93 5.44 -2.60
C2 F4Q A 5 -0.49 3.29 -4.36
C4 F4Q A 5 1.19 4.65 -3.65
C5 F4Q A 5 1.70 3.72 -2.77
C6 F4Q A 5 1.07 2.43 -2.65
P F4Q A 5 5.86 9.25 -2.55
O1P F4Q A 5 5.54 9.56 -3.96
O2P F4Q A 5 6.10 10.35 -1.59
O5' F4Q A 5 4.67 8.33 -1.98
C5' F4Q A 5 3.36 8.85 -1.91
C4' F4Q A 5 2.54 8.94 -3.18
O4' F4Q A 5 2.92 7.87 -4.06
C1' F4Q A 5 1.80 7.02 -4.31
N9 F4Q A 5 1.98 5.77 -3.54
N7 F4Q A 5 2.81 4.25 -2.11
O6 F4Q A 5 1.40 1.49 -1.93
N1 F4Q A 5 -0.03 2.30 -3.49
N2 F4Q A 5 -1.57 3.00 -5.10
N3 F4Q A 5 0.10 4.50 -4.48
C3' F4Q A 5 1.07 8.79 -2.84
C2' F4Q A 5 0.55 7.76 -3.83
C7' F4Q A 5 1.03 8.30 -1.36
C6' F4Q A 5 2.43 8.42 -0.79
C8' F4Q A 5 3.01 9.80 -0.81
O3' F4Q A 5 0.41 10.03 -2.98
H8 F4Q A 5 3.71 6.13 -2.28
H4' F4Q A 5 2.72 9.90 -3.67
H1' F4Q A 5 1.73 6.80 -5.37
H1 F4Q A 5 -0.54 1.42 -3.47
H22 F4Q A 5 -1.93 3.69 -5.74
H21 F4Q A 5 -2.02 2.09 -5.01
H2' F4Q A 5 -0.17 7.07 -3.38
H2'' F4Q A 5 0.09 8.26 -4.68
H7' F4Q A 5 0.72 7.26 -1.30
H7'' F4Q A 5 0.35 8.92 -0.77
H6' F4Q A 5 2.78 7.70 -0.06
H8' F4Q A 5 2.36 10.64 -1.07
H8'' F4Q A 5 3.82 10.03 -0.10
P TCJ A 6 -1.19 10.20 -2.83
O1P TCJ A 6 -1.79 10.26 -4.18
O2P TCJ A 6 -1.43 11.31 -1.88
O5' TCJ A 6 -1.67 8.82 -2.13
C5' TCJ A 6 -3.04 8.52 -2.00
C4' TCJ A 6 -3.71 7.62 -3.03
O4' TCJ A 6 -2.79 6.61 -3.46
C1' TCJ A 6 -3.35 5.30 -3.23
N1 TCJ A 6 -2.59 4.58 -2.15
C6 TCJ A 6 -1.60 5.19 -1.41
C5 TCJ A 6 -0.91 4.51 -0.44
C7 TCJ A 6 0.18 5.19 0.38
C4 TCJ A 6 -1.26 3.11 -0.23
N4 TCJ A 6 -0.63 2.37 0.69
N3 TCJ A 6 -2.24 2.53 -0.97
C2 TCJ A 6 -2.93 3.22 -1.93
O2 TCJ A 6 -3.83 2.68 -2.58
C3' TCJ A 6 -4.90 6.94 -2.37
C2' TCJ A 6 -4.81 5.49 -2.85
C7' TCJ A 6 -4.68 7.09 -0.85
C6' TCJ A 6 -3.61 8.16 -0.65
C8' TCJ A 6 -3.92 9.49 -1.25
O3' TCJ A 6 -6.10 7.58 -2.79
H4' TCJ A 6 -4.04 8.21 -3.89
H1' TCJ A 6 -3.29 4.73 -4.17
H6 TCJ A 6 -1.36 6.23 -1.58
H73 TCJ A 6 -0.13 6.21 0.61
H71 TCJ A 6 1.10 5.21 -0.19
H72 TCJ A 6 0.33 4.66 1.32
H41 TCJ A 6 -0.89 1.40 0.82
H42 TCJ A 6 0.10 2.79 1.25
H2' TCJ A 6 -5.12 4.79 -2.06
H2'' TCJ A 6 -5.45 5.35 -3.73
H7' TCJ A 6 -4.34 6.16 -0.39
H7'' TCJ A 6 -5.59 7.42 -0.36
H6' TCJ A 6 -2.95 8.10 0.20
H8' TCJ A 6 -4.92 9.65 -1.66
H8'' TCJ A 6 -3.44 10.36 -0.83
C7 EAN A 7 -4.22 4.44 1.92
C6 EAN A 7 -5.78 3.18 0.41
C5 EAN A 7 -4.85 3.15 1.41
C4 EAN A 7 -4.41 1.88 2.00
C2 EAN A 7 -6.00 0.75 0.45
P EAN A 7 -7.57 6.93 -2.56
O1P EAN A 7 -7.86 6.02 -3.69
O2P EAN A 7 -8.50 8.04 -2.24
O5' EAN A 7 -7.38 6.04 -1.23
C5' EAN A 7 -8.45 5.27 -0.76
C4' EAN A 7 -8.72 3.94 -1.42
O4' EAN A 7 -7.48 3.31 -1.76
C1' EAN A 7 -7.40 2.01 -1.16
N1 EAN A 7 -6.36 2.00 -0.07
O4 EAN A 7 -3.58 1.75 2.89
N3 EAN A 7 -5.03 0.75 1.46
O2 EAN A 7 -6.49 -0.31 0.05
C3' EAN A 7 -9.44 3.05 -0.42
C2' EAN A 7 -8.77 1.70 -0.57
C7' EAN A 7 -9.20 3.71 0.97
C6' EAN A 7 -8.70 5.13 0.71
C8' EAN A 7 -9.60 5.99 -0.11
O3' EAN A 7 -10.83 3.01 -0.74
H73 EAN A 7 -4.04 4.36 3.00
H71 EAN A 7 -4.89 5.28 1.72
H72 EAN A 7 -3.27 4.61 1.42
H6 EAN A 7 -6.08 4.13 0.00
H4' EAN A 7 -9.33 4.07 -2.31
H1' EAN A 7 -7.14 1.27 -1.91
H3 EAN A 7 -4.76 -0.14 1.84
H2' EAN A 7 -8.69 1.18 0.39
H2'' EAN A 7 -9.33 1.08 -1.27
H7' EAN A 7 -8.45 3.16 1.54
H7'' EAN A 7 -10.12 3.76 1.53
H6' EAN A 7 -8.01 5.58 1.42
H8' EAN A 7 -10.60 5.61 -0.35
H8'' EAN A 7 -9.52 7.06 0.00
C7 EAN A 8 -7.55 2.71 4.30
C6 EAN A 8 -8.33 0.51 3.36
C5 EAN A 8 -7.42 1.22 4.12
C4 EAN A 8 -6.32 0.53 4.79
C2 EAN A 8 -7.19 -1.59 3.80
P EAN A 8 -11.87 1.94 -0.11
O1P EAN A 8 -11.76 0.68 -0.88
O2P EAN A 8 -13.18 2.59 0.04
O5' EAN A 8 -11.27 1.67 1.36
C5' EAN A 8 -11.79 0.64 2.15
C4' EAN A 8 -11.33 -0.78 1.90
O4' EAN A 8 -9.95 -0.77 1.52
C1' EAN A 8 -9.20 -1.65 2.37
N1 EAN A 8 -8.22 -0.87 3.19
O4 EAN A 8 -5.47 1.06 5.47
N3 EAN A 8 -6.29 -0.85 4.56
O2 EAN A 8 -7.07 -2.81 3.67
C3' EAN A 8 -11.48 -1.56 3.18
C2' EAN A 8 -10.20 -2.39 3.26
C7' EAN A 8 -11.60 -0.50 4.31
C6' EAN A 8 -11.92 0.83 3.63
C8' EAN A 8 -13.14 0.84 2.78
O3' EAN A 8 -12.64 -2.38 3.12
H73 EAN A 8 -8.50 3.07 3.90
H71 EAN A 8 -6.73 3.21 3.79
H72 EAN A 8 -7.51 2.96 5.37
H6 EAN A 8 -9.14 1.04 2.89
H4' EAN A 8 -11.94 -1.23 1.10
H1' EAN A 8 -8.66 -2.37 1.75
H3 EAN A 8 -5.54 -1.36 5.01
H2' EAN A 8 -9.82 -2.47 4.28
H2'' EAN A 8 -10.37 -3.39 2.86
H7' EAN A 8 -10.67 -0.40 4.87
H7'' EAN A 8 -12.42 -0.74 4.99
H6' EAN A 8 -11.57 1.75 4.09
H8' EAN A 8 -13.80 -0.02 2.80
H8'' EAN A 8 -13.63 1.81 2.59
O1P TCY A 9 -12.26 -4.80 3.71
P TCY A 9 -12.94 -3.58 4.17
O2P TCY A 9 -14.40 -3.60 4.42
C8' TCY A 9 -13.60 -3.87 7.45
O5' TCY A 9 -12.22 -3.07 5.52
C5' TCY A 9 -12.30 -3.83 6.70
C6' TCY A 9 -12.43 -3.13 8.02
C4' TCY A 9 -11.35 -5.00 6.88
C3' TCY A 9 -11.09 -5.17 8.36
C7' TCY A 9 -11.58 -3.86 9.03
O3' TCY A 9 -11.82 -6.30 8.84
C2' TCY A 9 -9.58 -5.38 8.45
C1' TCY A 9 -9.04 -4.78 7.16
O4' TCY A 9 -10.11 -4.70 6.23
N9 TCY A 9 -8.50 -3.42 7.37
C4 TCY A 9 -7.33 -3.13 8.04
N3 TCY A 9 -6.48 -4.02 8.62
C2 TCY A 9 -5.45 -3.39 9.21
N1 TCY A 9 -5.19 -2.08 9.25
C6 TCY A 9 -6.04 -1.22 8.62
N6 TCY A 9 -5.75 0.09 8.62
C5 TCY A 9 -7.20 -1.75 8.01
N7 TCY A 9 -8.27 -1.18 7.33
C8 TCY A 9 -9.00 -2.20 6.99
H8' TCY A 9 -13.86 -4.84 7.90
H8'A TCY A 9 -14.42 -3.30 7.02
H6' TCY A 9 -12.46 -2.04 8.04
H4' TCY A 9 -11.80 -5.90 6.46
H7' TCY A 9 -10.74 -3.23 9.31
H7'A TCY A 9 -12.18 -4.08 9.91
H2' TCY A 9 -9.15 -4.88 9.32
H2'A TCY A 9 -9.34 -6.44 8.48
H1' TCY A 9 -8.25 -5.43 6.76
H2 TCY A 9 -4.74 -4.02 9.71
HN6 TCY A 9 -4.91 0.42 9.07
HN6A TCY A 9 -6.36 0.75 8.14
H8 TCY A 9 -9.92 -2.11 6.45
P TCJ A 10 -11.56 -7.03 10.26
O1P TCJ A 10 -10.40 -7.94 10.11
O2P TCJ A 10 -12.84 -7.58 10.73
O5' TCJ A 10 -11.14 -5.84 11.26
C5' TCJ A 10 -10.65 -6.15 12.54
C4' TCJ A 10 -9.24 -6.70 12.66
O4' TCJ A 10 -8.40 -6.10 11.67
C1' TCJ A 10 -7.29 -5.44 12.29
N1 TCJ A 10 -7.42 -3.95 12.14
C6 TCJ A 10 -8.62 -3.34 11.78
C5 TCJ A 10 -8.72 -1.99 11.68
C7 TCJ A 10 -10.03 -1.30 11.28
C4 TCJ A 10 -7.54 -1.21 11.96
N4 TCJ A 10 -7.56 0.13 11.89
N3 TCJ A 10 -6.37 -1.81 12.31
C2 TCJ A 10 -6.28 -3.18 12.41
O2 TCJ A 10 -5.21 -3.72 12.72
C3' TCJ A 10 -8.69 -6.33 14.04
C2' TCJ A 10 -7.28 -5.83 13.76
C7' TCJ A 10 -9.64 -5.22 14.58
C6' TCJ A 10 -10.89 -5.23 13.71
C8' TCJ A 10 -11.63 -6.53 13.62
O3' TCJ A 10 -8.68 -7.45 14.90
H4' TCJ A 10 -9.25 -7.78 12.53
H1' TCJ A 10 -6.37 -5.77 11.82
H6 TCJ A 10 -9.48 -3.95 11.59
H73 TCJ A 10 -10.22 -0.48 11.97
H71 TCJ A 10 -9.94 -0.91 10.27
H72 TCJ A 10 -10.85 -2.02 11.33
H41 TCJ A 10 -6.73 0.67 12.08
H42 TCJ A 10 -8.42 0.61 11.63
H2' TCJ A 10 -7.02 -4.99 14.41
H2'' TCJ A 10 -6.56 -6.65 13.92
H7' TCJ A 10 -9.18 -4.24 14.52
H7'' TCJ A 10 -9.91 -5.44 15.62
H6' TCJ A 10 -11.44 -4.30 13.54
H8' TCJ A 10 -11.32 -7.34 14.28
H8'' TCJ A 10 -12.68 -6.51 13.34
H3T TCJ A 10 -8.03 -8.08 14.57
O5' F7H A 1 9.31 -11.79 -9.25
C5' F7H A 1 10.08 -11.21 -8.22
C4' F7H A 1 11.20 -10.25 -8.61
O4' F7H A 1 10.84 -9.53 -9.79
C1' F7H A 1 11.21 -8.16 -9.63
N1 F7H A 1 10.09 -7.27 -10.06
C6 F7H A 1 8.76 -7.67 -9.93
C5 F7H A 1 7.74 -6.85 -10.29
C7 F7H A 1 6.28 -7.26 -10.15
C4 F7H A 1 8.09 -5.54 -10.82
N4 F7H A 1 7.14 -4.67 -11.19
N3 F7H A 1 9.39 -5.17 -10.95
C2 F7H A 1 10.42 -6.00 -10.58
O2 F7H A 1 11.59 -5.67 -10.71
C3' F7H A 1 11.37 -9.26 -7.47
C2' F7H A 1 11.58 -7.92 -8.18
C7' F7H A 1 10.07 -9.35 -6.63
C6' F7H A 1 9.38 -10.65 -7.01
C8' F7H A 1 10.20 -11.91 -6.89
O3' F7H A 1 12.51 -9.62 -6.69
HO5' F7H A 1 9.85 -12.41 -9.75
H4' F7H A 1 12.12 -10.81 -8.77
H1' F7H A 1 12.08 -7.96 -10.26
H6 F7H A 1 8.55 -8.65 -9.53
H71 F7H A 1 5.80 -7.23 -11.14
H72 F7H A 1 5.76 -6.55 -9.49
H73 F7H A 1 6.21 -8.27 -9.74
H41 F7H A 1 7.40 -3.77 -11.56
H42 F7H A 1 6.17 -4.92 -11.12
H2' F7H A 1 10.96 -7.13 -7.73
H2'' F7H A 1 12.63 -7.62 -8.11
H7' F7H A 1 9.40 -8.52 -6.85
H7'' F7H A 1 10.31 -9.36 -5.56
H6' F7H A 1 8.29 -10.72 -6.94
H8' F7H A 1 11.17 -11.84 -6.40
H8'' F7H A 1 9.68 -12.86 -6.80
C7 EAN A 2 7.53 -5.91 -6.53
C6 EAN A 2 9.77 -4.82 -6.78
C5 EAN A 2 8.42 -4.79 -7.02
C4 EAN A 2 7.82 -3.69 -7.76
C2 EAN A 2 10.11 -2.71 -7.95
P EAN A 2 13.11 -8.67 -5.53
O1P EAN A 2 14.30 -7.97 -6.10
O2P EAN A 2 13.27 -9.46 -4.29
O5' EAN A 2 11.97 -7.56 -5.28
C5' EAN A 2 12.29 -6.37 -4.60
C4' EAN A 2 13.02 -5.27 -5.35
O4' EAN A 2 12.51 -5.18 -6.69
C1' EAN A 2 12.09 -3.85 -6.98
N1 EAN A 2 10.62 -3.81 -7.23
O4 EAN A 2 6.64 -3.57 -8.03
N3 EAN A 2 8.73 -2.70 -8.17
O2 EAN A 2 10.84 -1.80 -8.34
C3' EAN A 2 12.72 -3.95 -4.65
C2' EAN A 2 12.47 -2.97 -5.79
C7' EAN A 2 11.47 -4.22 -3.78
C6' EAN A 2 11.30 -5.72 -3.66
C8' EAN A 2 12.49 -6.45 -3.10
O3' EAN A 2 13.85 -3.60 -3.85
H73 EAN A 2 6.57 -5.49 -6.21
H71 EAN A 2 7.99 -6.43 -5.69
H72 EAN A 2 7.35 -6.61 -7.34
H6 EAN A 2 10.19 -5.65 -6.22
H4' EAN A 2 14.08 -5.47 -5.36
H1' EAN A 2 12.62 -3.49 -7.87
H3 EAN A 2 8.36 -1.91 -8.68
H2' EAN A 2 11.68 -2.26 -5.55
H2'' EAN A 2 13.39 -2.44 -6.03
H7' EAN A 2 10.57 -3.80 -4.24
H7'' EAN A 2 11.60 -3.79 -2.78
H6' EAN A 2 10.31 -6.14 -3.55
H8' EAN A 2 13.31 -5.86 -2.70
H8'' EAN A 2 12.32 -7.43 -2.65
P TCJ A 3 14.11 -2.11 -3.23
O1P TCJ A 3 14.64 -1.23 -4.30
O2P TCJ A 3 14.90 -2.27 -1.98
O5' TCJ A 3 12.65 -1.60 -2.84
C5' TCJ A 3 12.44 -0.26 -2.47
C4' TCJ A 3 12.54 0.81 -3.55
O4' TCJ A 3 12.10 0.26 -4.80
C1' TCJ A 3 11.03 1.05 -5.34
N1 TCJ A 3 9.76 0.25 -5.33
C6 TCJ A 3 9.55 -0.80 -4.45
C5 TCJ A 3 8.39 -1.52 -4.45
C7 TCJ A 3 8.15 -2.67 -3.48
C4 TCJ A 3 7.37 -1.13 -5.42
N4 TCJ A 3 6.21 -1.79 -5.47
N3 TCJ A 3 7.59 -0.10 -6.28
C2 TCJ A 3 8.76 0.61 -6.27
O2 TCJ A 3 8.95 1.55 -7.05
C3' TCJ A 3 11.61 1.95 -3.17
C2' TCJ A 3 10.89 2.30 -4.47
C7' TCJ A 3 10.68 1.40 -2.06
C6' TCJ A 3 11.29 0.09 -1.57
C8' TCJ A 3 12.69 0.17 -1.06
O3' TCJ A 3 12.40 3.05 -2.69
H4' TCJ A 3 13.57 1.15 -3.64
H1' TCJ A 3 11.27 1.34 -6.36
H6 TCJ A 3 10.33 -1.06 -3.75
H73 TCJ A 3 7.24 -2.46 -2.91
H71 TCJ A 3 9.00 -2.76 -2.80
H72 TCJ A 3 8.03 -3.58 -4.05
H41 TCJ A 3 5.51 -1.51 -6.15
H42 TCJ A 3 6.03 -2.56 -4.84
H2' TCJ A 3 9.85 2.54 -4.30
H2'' TCJ A 3 11.40 3.12 -4.97
H7' TCJ A 3 9.69 1.20 -2.45
H7'' TCJ A 3 10.63 2.09 -1.23
H6' TCJ A 3 10.64 -0.71 -1.21
H8' TCJ A 3 13.14 1.15 -0.92
H8'' TCJ A 3 13.03 -0.61 -0.37
C8 F4Q A 4 7.30 2.86 -3.41
C2 F4Q A 4 3.66 3.22 -5.88
C4 F4Q A 4 5.61 3.33 -4.72
C5 F4Q A 4 5.46 2.08 -4.15
C6 F4Q A 4 4.30 1.29 -4.47
P F4Q A 4 11.79 4.54 -2.45
O1P F4Q A 4 11.80 5.26 -3.75
O2P F4Q A 4 12.49 5.13 -1.29
O5' F4Q A 4 10.27 4.27 -2.04
C5' F4Q A 4 9.38 5.34 -1.83
C4' F4Q A 4 8.84 6.09 -3.02
O4' F4Q A 4 8.73 5.20 -4.14
C1' F4Q A 4 7.39 5.15 -4.60
N9 F4Q A 4 6.80 3.83 -4.25
N7 F4Q A 4 6.54 1.80 -3.32
O6 F4Q A 4 4.03 0.16 -4.07
N1 F4Q A 4 3.44 1.96 -5.35
N2 F4Q A 4 2.72 3.71 -6.69
N3 F4Q A 4 4.77 3.95 -5.61
C3' F4Q A 4 7.45 6.61 -2.69
C2' F4Q A 4 6.62 6.27 -3.92
C7' F4Q A 4 7.02 5.85 -1.40
C6' F4Q A 4 8.25 5.18 -0.83
C8' F4Q A 4 9.42 6.08 -0.51
O3' F4Q A 4 7.52 8.02 -2.45
H8 F4Q A 4 8.22 2.96 -2.87
H4' F4Q A 4 9.51 6.92 -3.28
H1' F4Q A 4 7.35 5.29 -5.68
H1 F4Q A 4 2.59 1.47 -5.61
H22 F4Q A 4 2.84 4.63 -7.10
H21 F4Q A 4 1.90 3.18 -6.89
H2' F4Q A 4 5.61 5.96 -3.64
H2'' F4Q A 4 6.56 7.13 -4.58
H7' F4Q A 4 6.28 5.08 -1.63
H7'' F4Q A 4 6.62 6.55 -0.67
H6' F4Q A 4 8.15 4.24 -0.29
H8' F4Q A 4 9.26 7.16 -0.57
H8'' F4Q A 4 10.16 5.74 0.21
C8 F4Q A 5 3.18 5.20 -2.45
C2 F4Q A 5 -0.30 3.12 -4.22
C4 F4Q A 5 1.41 4.44 -3.50
C5 F4Q A 5 1.93 3.49 -2.64
C6 F4Q A 5 1.29 2.20 -2.55
P F4Q A 5 6.22 8.99 -2.39
O1P F4Q A 5 5.88 9.39 -3.77
O2P F4Q A 5 6.48 10.03 -1.37
O5' F4Q A 5 5.04 8.03 -1.84
C5' F4Q A 5 3.74 8.56 -1.71
C4' F4Q A 5 2.89 8.70 -2.96
O4' F4Q A 5 3.20 7.64 -3.88
C1' F4Q A 5 2.04 6.83 -4.09
N9 F4Q A 5 2.22 5.56 -3.37
N7 F4Q A 5 3.04 3.99 -1.98
O6 F4Q A 5 1.62 1.25 -1.86
N1 F4Q A 5 0.17 2.12 -3.39
N2 F4Q A 5 -1.39 2.87 -4.95
N3 F4Q A 5 0.32 4.34 -4.31
C3' F4Q A 5 1.42 8.58 -2.55
C2' F4Q A 5 0.84 7.59 -3.56
C7' F4Q A 5 1.42 8.05 -1.09
C6' F4Q A 5 2.85 8.12 -0.57
C8' F4Q A 5 3.46 9.50 -0.57
O3' F4Q A 5 0.79 9.85 -2.64
H8 F4Q A 5 3.96 5.87 -2.13
H4' F4Q A 5 3.07 9.67 -3.43
H1' F4Q A 5 1.92 6.64 -5.17
H1 F4Q A 5 -0.34 1.24 -3.38
H22 F4Q A 5 -1.75 3.58 -5.57
H21 F4Q A 5 -1.84 1.97 -4.88
H2' F4Q A 5 0.11 6.92 -3.09
H2'' F4Q A 5 0.35 8.13 -4.37
H7' F4Q A 5 1.09 7.01 -1.04
H7'' F4Q A 5 0.79 8.67 -0.46
H6' F4Q A 5 3.21 7.37 0.13
H8' F4Q A 5 2.83 10.35 -0.79
H8'' F4Q A 5 4.29 9.69 0.11
P TCJ A 6 -0.81 10.05 -2.50
O1P TCJ A 6 -1.38 10.08 -3.86
O2P TCJ A 6 -1.04 11.18 -1.58
O5' TCJ A 6 -1.30 8.69 -1.77
C5' TCJ A 6 -2.68 8.44 -1.62
C4' TCJ A 6 -3.39 7.60 -2.68
O4' TCJ A 6 -2.52 6.58 -3.16
C1' TCJ A 6 -3.13 5.28 -3.00
N1 TCJ A 6 -2.39 4.47 -1.96
C6 TCJ A 6 -1.38 5.03 -1.19
C5 TCJ A 6 -0.72 4.28 -0.25
C7 TCJ A 6 0.39 4.88 0.60
C4 TCJ A 6 -1.13 2.88 -0.11
N4 TCJ A 6 -0.53 2.09 0.80
N3 TCJ A 6 -2.12 2.36 -0.86
C2 TCJ A 6 -2.78 3.13 -1.81
O2 TCJ A 6 -3.68 2.64 -2.48
C3' TCJ A 6 -4.58 6.94 -2.01
C2' TCJ A 6 -4.58 5.52 -2.57
C7' TCJ A 6 -4.32 7.00 -0.49
C6' TCJ A 6 -3.23 8.03 -0.28
C8' TCJ A 6 -3.51 9.40 -0.82
O3' TCJ A 6 -5.77 7.64 -2.37
H4' TCJ A 6 -3.71 8.24 -3.50
H1' TCJ A 6 -3.11 4.75 -3.95
H6 TCJ A 6 -1.10 6.06 -1.32
H73 TCJ A 6 0.13 5.90 0.86
H71 TCJ A 6 1.31 4.88 0.02
H72 TCJ A 6 0.53 4.29 1.50
H41 TCJ A 6 -0.83 1.12 0.89
H42 TCJ A 6 0.20 2.45 1.38
H2' TCJ A 6 -4.90 4.79 -1.81
H2'' TCJ A 6 -5.23 5.45 -3.44
H7' TCJ A 6 -3.99 6.05 -0.10
H7'' TCJ A 6 -5.22 7.33 0.04
H6' TCJ A 6 -2.55 7.93 0.57
H8' TCJ A 6 -4.50 9.61 -1.19
H8'' TCJ A 6 -2.97 10.25 -0.37
C7 EAN A 7 -3.93 4.38 2.14
C6 EAN A 7 -5.53 3.16 0.63
C5 EAN A 7 -4.60 3.11 1.64
C4 EAN A 7 -4.24 1.83 2.26
C2 EAN A 7 -5.86 0.76 0.69
P EAN A 7 -7.26 7.05 -2.12
O1P EAN A 7 -7.62 6.20 -3.29
O2P EAN A 7 -8.15 8.18 -1.74
O5' EAN A 7 -7.10 6.09 -0.85
C5' EAN A 7 -8.18 5.32 -0.42
C4' EAN A 7 -8.46 4.02 -1.16
O4' EAN A 7 -7.24 3.38 -1.52
C1' EAN A 7 -7.18 2.07 -0.96
N1 EAN A 7 -6.16 2.01 0.16
O4 EAN A 7 -3.43 1.68 3.15
N3 EAN A 7 -4.91 0.72 1.72
O2 EAN A 7 -6.40 -0.28 0.29
C3' EAN A 7 -9.22 3.09 -0.22
C2' EAN A 7 -8.57 1.73 -0.41
C7' EAN A 7 -9.01 3.68 1.20
C6' EAN A 7 -8.47 5.09 1.04
C8' EAN A 7 -9.34 6.01 0.24
O3' EAN A 7 -10.61 3.10 -0.58
H73 EAN A 7 -3.06 4.59 1.53
H71 EAN A 7 -3.63 4.25 3.17
H72 EAN A 7 -4.64 5.21 2.07
H6 EAN A 7 -5.77 4.13 0.21
H4' EAN A 7 -9.05 4.21 -2.06
H1' EAN A 7 -6.91 1.35 -1.73
H3 EAN A 7 -4.69 -0.17 2.11
H2' EAN A 7 -8.52 1.17 0.51
H2'' EAN A 7 -9.11 1.17 -1.17
H7' EAN A 7 -8.29 3.09 1.77
H7'' EAN A 7 -9.95 3.72 1.75
H6' EAN A 7 -7.79 5.50 1.78
H8' EAN A 7 -10.34 5.68 -0.03
H8'' EAN A 7 -9.22 7.09 0.40
C7 EAN A 8 -7.79 2.64 4.43
C6 EAN A 8 -8.51 0.43 3.48
C5 EAN A 8 -7.67 1.13 4.29
C4 EAN A 8 -6.62 0.44 5.04
C2 EAN A 8 -7.43 -1.68 4.03
P EAN A 8 -11.68 2.00 -0.07
O1P EAN A 8 -11.55 0.78 -0.90
O2P EAN A 8 -12.99 2.67 0.04
O5' EAN A 8 -11.18 1.65 1.41
C5' EAN A 8 -11.82 0.65 2.14
C4' EAN A 8 -11.44 -0.79 1.89
O4' EAN A 8 -10.04 -0.86 1.57
C1' EAN A 8 -9.35 -1.74 2.48
N1 EAN A 8 -8.42 -0.95 3.35
O4 EAN A 8 -5.80 0.99 5.78
N3 EAN A 8 -6.57 -0.94 4.85
O2 EAN A 8 -7.32 -2.90 3.92
C3' EAN A 8 -11.66 -1.57 3.17
C2' EAN A 8 -10.41 -2.44 3.32
C7' EAN A 8 -11.84 -0.52 4.29
C6' EAN A 8 -12.05 0.82 3.62
C8' EAN A 8 -13.21 0.91 2.67
O3' EAN A 8 -12.84 -2.38 3.05
H73 EAN A 8 -7.05 3.12 3.79
H71 EAN A 8 -7.60 2.92 5.46
H72 EAN A 8 -8.79 2.96 4.14
H6 EAN A 8 -9.29 0.96 2.95
H4' EAN A 8 -12.03 -1.21 1.08
H1' EAN A 8 -8.79 -2.48 1.91
H3 EAN A 8 -5.86 -1.45 5.34
H2' EAN A 8 -10.10 -2.52 4.36
H2'' EAN A 8 -10.60 -3.44 2.92
H7' EAN A 8 -10.95 -0.47 4.93
H7'' EAN A 8 -12.71 -0.74 4.90
H6' EAN A 8 -11.69 1.73 4.11
H8' EAN A 8 -13.90 0.07 2.62
H8'' EAN A 8 -13.63 1.89 2.45
O1P TCY A 9 -12.84 -4.80 3.71
P TCY A 9 -13.28 -3.46 4.16
O2P TCY A 9 -14.70 -3.24 4.50
C8' TCY A 9 -13.81 -3.71 7.42
O5' TCY A 9 -12.39 -3.07 5.45
C5' TCY A 9 -12.52 -3.78 6.66
C6' TCY A 9 -12.59 -3.04 7.97
C4' TCY A 9 -11.66 -5.01 6.87
C3' TCY A 9 -11.41 -5.17 8.37
C7' TCY A 9 -11.79 -3.82 9.00
O3' TCY A 9 -12.23 -6.22 8.87
C2' TCY A 9 -9.93 -5.50 8.46
C1' TCY A 9 -9.34 -4.90 7.19
O4' TCY A 9 -10.39 -4.82 6.22
N9 TCY A 9 -8.83 -3.53 7.45
C4 TCY A 9 -7.70 -3.21 8.15
N3 TCY A 9 -6.83 -4.10 8.73
C2 TCY A 9 -5.84 -3.45 9.35
N1 TCY A 9 -5.62 -2.13 9.43
C6 TCY A 9 -6.50 -1.27 8.83
N6 TCY A 9 -6.26 0.04 8.90
C5 TCY A 9 -7.61 -1.84 8.16
N7 TCY A 9 -8.68 -1.28 7.47
C8 TCY A 9 -9.37 -2.32 7.08
H8' TCY A 9 -14.15 -4.64 7.90
H8'A TCY A 9 -14.59 -3.08 6.99
H6' TCY A 9 -12.53 -1.95 7.96
H4' TCY A 9 -12.16 -5.89 6.47
H7' TCY A 9 -10.90 -3.24 9.27
H7'A TCY A 9 -12.40 -3.97 9.89
H2' TCY A 9 -9.47 -5.06 9.36
H2'A TCY A 9 -9.78 -6.57 8.45
H1' TCY A 9 -8.53 -5.52 6.82
H2 TCY A 9 -5.13 -4.07 9.87
HN6 TCY A 9 -5.46 0.39 9.39
HN6A TCY A 9 -6.90 0.69 8.46
H8 TCY A 9 -10.29 -2.23 6.52
P TCJ A 10 -12.00 -6.94 10.30
O1P TCJ A 10 -10.98 -8.00 10.13
O2P TCJ A 10 -13.32 -7.28 10.87
O5' TCJ A 10 -11.34 -5.78 11.23
C5' TCJ A 10 -10.81 -6.13 12.48
C4' TCJ A 10 -9.40 -6.71 12.55
O4' TCJ A 10 -8.57 -6.07 11.57
C1' TCJ A 10 -7.45 -5.45 12.21
N1 TCJ A 10 -7.58 -3.94 12.17
C6 TCJ A 10 -8.74 -3.31 11.75
C5 TCJ A 10 -8.84 -1.95 11.71
C7 TCJ A 10 -10.11 -1.24 11.26
C4 TCJ A 10 -7.67 -1.20 12.15
N4 TCJ A 10 -7.70 0.14 12.15
N3 TCJ A 10 -6.55 -1.82 12.56
C2 TCJ A 10 -6.46 -3.19 12.60
O2 TCJ A 10 -5.43 -3.76 12.97
C3' TCJ A 10 -8.83 -6.41 13.93
C2' TCJ A 10 -7.41 -5.94 13.66
C7' TCJ A 10 -9.74 -5.31 14.53
C6' TCJ A 10 -11.01 -5.25 13.69
C8' TCJ A 10 -11.77 -6.54 13.56
O3' TCJ A 10 -8.84 -7.57 14.73
H4' TCJ A 10 -9.43 -7.78 12.38
H1' TCJ A 10 -6.53 -5.75 11.70
H6 TCJ A 10 -9.58 -3.90 11.43
H73 TCJ A 10 -10.94 -1.95 11.24
H71 TCJ A 10 -9.95 -0.83 10.26
H72 TCJ A 10 -10.33 -0.44 11.96
H41 TCJ A 10 -6.89 0.67 12.45
H42 TCJ A 10 -8.53 0.64 11.85
H2' TCJ A 10 -7.12 -5.15 14.35
H2'' TCJ A 10 -6.72 -6.78 13.74
H7' TCJ A 10 -9.26 -4.33 14.50
H7'' TCJ A 10 -10.00 -5.54 15.56
H6' TCJ A 10 -11.53 -4.30 13.56
H8' TCJ A 10 -11.47 -7.37 14.20
H8'' TCJ A 10 -12.82 -6.49 13.32
H3T TCJ A 10 -8.61 -7.33 15.63
O5' F7H A 1 9.41 -11.85 -8.61
C5' F7H A 1 9.98 -11.20 -7.49
C4' F7H A 1 11.16 -10.27 -7.72
O4' F7H A 1 10.98 -9.56 -8.95
C1' F7H A 1 11.25 -8.16 -8.75
N1 F7H A 1 10.07 -7.35 -9.18
C6 F7H A 1 8.78 -7.85 -9.09
C5 F7H A 1 7.71 -7.09 -9.46
C7 F7H A 1 6.28 -7.60 -9.37
C4 F7H A 1 7.98 -5.74 -9.94
N4 F7H A 1 6.98 -4.94 -10.31
N3 F7H A 1 9.24 -5.28 -10.03
C2 F7H A 1 10.32 -6.05 -9.66
O2 F7H A 1 11.47 -5.62 -9.74
C3' F7H A 1 11.17 -9.26 -6.60
C2' F7H A 1 11.56 -7.94 -7.28
C7' F7H A 1 9.74 -9.25 -6.02
C6' F7H A 1 9.09 -10.57 -6.46
C8' F7H A 1 9.83 -11.82 -6.13
O3' F7H A 1 12.12 -9.65 -5.61
HO5' F7H A 1 8.69 -11.31 -8.96
H4' F7H A 1 12.09 -10.84 -7.74
H1' F7H A 1 12.12 -7.88 -9.35
H6 F7H A 1 8.63 -8.85 -8.73
H71 F7H A 1 5.69 -6.95 -8.73
H72 F7H A 1 6.27 -8.62 -8.95
H73 F7H A 1 5.84 -7.62 -10.37
H41 F7H A 1 7.17 -4.00 -10.65
H42 F7H A 1 6.02 -5.26 -10.26
H2' F7H A 1 11.00 -7.10 -6.87
H2'' F7H A 1 12.63 -7.76 -7.16
H7' F7H A 1 9.16 -8.42 -6.41
H7'' F7H A 1 9.77 -9.21 -4.93
H6' F7H A 1 8.01 -10.60 -6.59
H8' F7H A 1 10.71 -11.74 -5.47
H8'' F7H A 1 9.27 -12.75 -6.08
C7 EAN A 2 7.41 -5.97 -5.98
C6 EAN A 2 9.64 -4.84 -5.94
C5 EAN A 2 8.34 -4.82 -6.35
C4 EAN A 2 7.82 -3.70 -7.12
C2 EAN A 2 10.09 -2.69 -7.01
P EAN A 2 12.70 -8.66 -4.46
O1P EAN A 2 13.90 -8.00 -4.99
O2P EAN A 2 12.79 -9.43 -3.20
O5' EAN A 2 11.55 -7.54 -4.27
C5' EAN A 2 11.83 -6.39 -3.50
C4' EAN A 2 12.66 -5.26 -4.12
O4' EAN A 2 12.36 -5.15 -5.51
C1' EAN A 2 11.95 -3.81 -5.83
N1 EAN A 2 10.52 -3.80 -6.26
O4 EAN A 2 6.65 -3.60 -7.52
N3 EAN A 2 8.75 -2.70 -7.40
O2 EAN A 2 10.83 -1.77 -7.31
C3' EAN A 2 12.27 -3.96 -3.44
C2' EAN A 2 12.14 -2.95 -4.58
C7' EAN A 2 10.92 -4.25 -2.72
C6' EAN A 2 10.76 -5.76 -2.65
C8' EAN A 2 11.87 -6.52 -2.01
O3' EAN A 2 13.29 -3.59 -2.50
H73 EAN A 2 7.68 -6.37 -5.00
H71 EAN A 2 7.50 -6.75 -6.73
H72 EAN A 2 6.38 -5.62 -5.95
H6 EAN A 2 10.01 -5.67 -5.36
H4' EAN A 2 13.71 -5.46 -3.98
H1' EAN A 2 12.57 -3.42 -6.63
H3 EAN A 2 8.42 -1.90 -7.94
H2' EAN A 2 11.31 -2.27 -4.43
H2'' EAN A 2 13.07 -2.38 -4.68
H7' EAN A 2 10.08 -3.81 -3.26
H7'' EAN A 2 10.95 -3.84 -1.70
H6' EAN A 2 9.75 -6.18 -2.66
H8' EAN A 2 12.65 -5.96 -1.49
H8'' EAN A 2 11.65 -7.51 -1.61
P TCJ A 3 13.41 -2.10 -1.85
O1P TCJ A 3 14.24 -1.28 -2.76
O2P TCJ A 3 13.82 -2.25 -0.43
O5' TCJ A 3 11.91 -1.52 -1.88
C5' TCJ A 3 11.68 -0.17 -1.53
C4' TCJ A 3 11.96 0.92 -2.55
O4' TCJ A 3 11.69 0.41 -3.87
C1' TCJ A 3 10.72 1.24 -4.52
N1 TCJ A 3 9.42 0.50 -4.68
C6 TCJ A 3 9.11 -0.62 -3.90
C5 TCJ A 3 7.94 -1.29 -4.06
C7 TCJ A 3 7.59 -2.50 -3.21
C4 TCJ A 3 7.03 -0.80 -5.09
N4 TCJ A 3 5.86 -1.42 -5.31
N3 TCJ A 3 7.33 0.28 -5.84
C2 TCJ A 3 8.51 0.97 -5.65
O2 TCJ A 3 8.78 1.96 -6.33
C3' TCJ A 3 11.04 2.10 -2.28
C2' TCJ A 3 10.52 2.49 -3.66
C7' TCJ A 3 9.93 1.55 -1.34
C6' TCJ A 3 10.42 0.20 -0.80
C8' TCJ A 3 11.73 0.22 -0.08
O3' TCJ A 3 11.77 3.15 -1.66
H4' TCJ A 3 13.01 1.23 -2.49
H1' TCJ A 3 11.09 1.54 -5.50
H6 TCJ A 3 9.81 -0.95 -3.15
H73 TCJ A 3 7.65 -3.40 -3.82
H71 TCJ A 3 6.57 -2.40 -2.84
H72 TCJ A 3 8.27 -2.58 -2.37
H41 TCJ A 3 5.23 -1.09 -6.01
H42 TCJ A 3 5.61 -2.24 -4.75
H2' TCJ A 3 9.48 2.80 -3.63
H2'' TCJ A 3 11.14 3.30 -4.06
H7' TCJ A 3 9.00 1.40 -1.87
H7'' TCJ A 3 9.78 2.23 -0.50
H6' TCJ A 3 9.70 -0.57 -0.56
H8' TCJ A 3 12.19 1.19 0.14
H8'' TCJ A 3 11.94 -0.58 0.63
C8 F4Q A 4 6.86 3.10 -3.05
C2 F4Q A 4 3.46 3.45 -5.82
C4 F4Q A 4 5.32 3.55 -4.53
C5 F4Q A 4 5.09 2.33 -3.93
C6 F4Q A 4 3.94 1.54 -4.33
P F4Q A 4 11.21 4.67 -1.52
O1P F4Q A 4 11.52 5.40 -2.76
O2P F4Q A 4 11.68 5.21 -0.22
O5' F4Q A 4 9.60 4.49 -1.42
C5' F4Q A 4 8.76 5.60 -1.35
C4' F4Q A 4 8.38 6.34 -2.62
O4' F4Q A 4 8.38 5.40 -3.72
C1' F4Q A 4 7.08 5.34 -4.30
N9 F4Q A 4 6.46 4.05 -3.96
N7 F4Q A 4 6.07 2.06 -3.00
O6 F4Q A 4 3.63 0.42 -3.94
N1 F4Q A 4 3.16 2.20 -5.29
N2 F4Q A 4 2.58 3.94 -6.71
N3 F4Q A 4 4.55 4.16 -5.50
C3' F4Q A 4 6.96 6.89 -2.46
C2' F4Q A 4 6.27 6.50 -3.76
C7' F4Q A 4 6.38 6.22 -1.19
C6' F4Q A 4 7.53 5.53 -0.47
C8' F4Q A 4 8.69 6.39 -0.07
O3' F4Q A 4 7.02 8.31 -2.30
H8 F4Q A 4 7.73 3.21 -2.42
H4' F4Q A 4 9.09 7.14 -2.82
H1' F4Q A 4 7.17 5.43 -5.39
H1 F4Q A 4 2.32 1.73 -5.59
H22 F4Q A 4 2.75 4.84 -7.14
H21 F4Q A 4 1.75 3.41 -6.96
H2' F4Q A 4 5.23 6.21 -3.58
H2'' F4Q A 4 6.29 7.34 -4.46
H7' F4Q A 4 5.63 5.47 -1.46
H7'' F4Q A 4 5.94 6.95 -0.53
H6' F4Q A 4 7.34 4.61 0.08
H8' F4Q A 4 8.58 7.47 -0.18
H8'' F4Q A 4 9.33 6.06 0.75
C8 F4Q A 5 2.67 5.33 -2.59
C2 F4Q A 5 -0.76 3.25 -4.40
C4 F4Q A 5 0.93 4.58 -3.65
C5 F4Q A 5 1.44 3.62 -2.80
C6 F4Q A 5 0.81 2.32 -2.73
P F4Q A 5 5.70 9.26 -2.40
O1P F4Q A 5 5.50 9.61 -3.83
O2P F4Q A 5 5.82 10.33 -1.39
O5' F4Q A 5 4.49 8.28 -1.96
C5' F4Q A 5 3.18 8.78 -1.85
C4' F4Q A 5 2.33 8.87 -3.11
O4' F4Q A 5 2.68 7.80 -3.99
C1' F4Q A 5 1.55 6.96 -4.24
N9 F4Q A 5 1.72 5.69 -3.52
N7 F4Q A 5 2.56 4.12 -2.13
O6 F4Q A 5 1.14 1.36 -2.04
N1 F4Q A 5 -0.30 2.23 -3.57
N2 F4Q A 5 -1.85 3.00 -5.13
N3 F4Q A 5 -0.16 4.46 -4.48
C3' F4Q A 5 0.86 8.69 -2.71
C2' F4Q A 5 0.31 7.69 -3.73
C7' F4Q A 5 0.88 8.14 -1.26
C6' F4Q A 5 2.29 8.32 -0.72
C8' F4Q A 5 2.84 9.72 -0.73
O3' F4Q A 5 0.19 9.95 -2.77
H8 F4Q A 5 3.46 6.01 -2.26
H4' F4Q A 5 2.47 9.82 -3.59
H1' F4Q A 5 1.45 6.77 -5.31
H1 F4Q A 5 -0.81 1.35 -3.56
H22 F4Q A 5 -2.22 3.70 -5.75
H21 F4Q A 5 -2.31 2.09 -5.07
H2' F4Q A 5 -0.41 7.02 -3.28
H2'' F4Q A 5 -0.16 8.23 -4.55
H7' F4Q A 5 0.62 7.09 -1.22
H7'' F4Q A 5 0.19 8.71 -0.62
H6' F4Q A 5 2.68 7.60 0.00
H8' F4Q A 5 2.15 10.53 -0.97
H8'' F4Q A 5 3.65 9.96 -0.03
P TCJ A 6 -1.43 10.10 -2.73
O1P TCJ A 6 -1.95 9.92 -4.10
O2P TCJ A 6 -1.75 11.35 -2.00
O5' TCJ A 6 -1.92 8.85 -1.85
C5' TCJ A 6 -3.30 8.57 -1.73
C4' TCJ A 6 -3.95 7.71 -2.80
O4' TCJ A 6 -3.02 6.72 -3.26
C1' TCJ A 6 -3.57 5.41 -3.12
N1 TCJ A 6 -2.82 4.63 -2.08
C6 TCJ A 6 -1.81 5.20 -1.30
C5 TCJ A 6 -1.15 4.46 -0.37
C7 TCJ A 6 -0.05 5.09 0.48
C4 TCJ A 6 -1.53 3.07 -0.21
N4 TCJ A 6 -0.93 2.29 0.70
N3 TCJ A 6 -2.51 2.53 -0.98
C2 TCJ A 6 -3.18 3.26 -1.92
O2 TCJ A 6 -4.05 2.76 -2.62
C3' TCJ A 6 -5.14 6.99 -2.17
C2' TCJ A 6 -5.04 5.57 -2.71
C7' TCJ A 6 -4.91 7.09 -0.64
C6' TCJ A 6 -3.86 8.16 -0.40
C8' TCJ A 6 -4.17 9.51 -0.96
O3' TCJ A 6 -6.35 7.64 -2.56
H4' TCJ A 6 -4.28 8.34 -3.63
H1' TCJ A 6 -3.52 4.90 -4.08
H6 TCJ A 6 -1.56 6.24 -1.45
H73 TCJ A 6 -0.29 6.12 0.70
H71 TCJ A 6 0.90 5.05 -0.06
H72 TCJ A 6 0.05 4.54 1.43
H41 TCJ A 6 -1.21 1.32 0.80
H42 TCJ A 6 -0.20 2.67 1.28
H2' TCJ A 6 -5.33 4.84 -1.97
H2'' TCJ A 6 -5.67 5.47 -3.61
H7' TCJ A 6 -5.83 7.37 -0.14
H7'' TCJ A 6 -4.56 6.14 -0.24
H6' TCJ A 6 -3.20 8.07 0.46
H8' TCJ A 6 -5.16 9.69 -1.37
H8'' TCJ A 6 -3.67 10.37 -0.51
C7 EAN A 7 -4.36 4.52 2.00
C6 EAN A 7 -6.03 3.25 0.62
C5 EAN A 7 -5.01 3.22 1.55
C4 EAN A 7 -4.55 1.96 2.09
C2 EAN A 7 -6.24 0.82 0.67
P EAN A 7 -7.83 6.97 -2.37
O1P EAN A 7 -8.07 6.03 -3.50
O2P EAN A 7 -8.79 8.06 -2.12
O5' EAN A 7 -7.69 6.11 -1.03
C5' EAN A 7 -8.79 5.39 -0.53
C4' EAN A 7 -9.08 4.02 -1.11
O4' EAN A 7 -7.85 3.36 -1.46
C1' EAN A 7 -7.76 2.09 -0.82
N1 EAN A 7 -6.64 2.08 0.18
O4 EAN A 7 -3.64 1.84 2.92
N3 EAN A 7 -5.21 0.82 1.61
O2 EAN A 7 -6.76 -0.23 0.30
C3' EAN A 7 -9.77 3.18 -0.04
C2' EAN A 7 -9.10 1.82 -0.13
C7' EAN A 7 -9.52 3.93 1.30
C6' EAN A 7 -9.04 5.32 0.95
C8' EAN A 7 -9.95 6.13 0.08
O3' EAN A 7 -11.17 3.11 -0.33
H73 EAN A 7 -4.04 4.41 3.04
H71 EAN A 7 -5.07 5.34 1.92
H72 EAN A 7 -3.49 4.72 1.38
H6 EAN A 7 -6.35 4.19 0.23
H4' EAN A 7 -9.72 4.10 -1.99
H1' EAN A 7 -7.58 1.32 -1.57
H3 EAN A 7 -4.90 -0.07 1.96
H2' EAN A 7 -8.95 1.37 0.86
H2'' EAN A 7 -9.68 1.15 -0.75
H7' EAN A 7 -8.75 3.42 1.89
H7'' EAN A 7 -10.43 4.00 1.88
H6' EAN A 7 -8.35 5.83 1.63
H8' EAN A 7 -10.94 5.75 -0.14
H8'' EAN A 7 -9.85 7.22 0.11
C7 EAN A 8 -7.58 2.72 4.47
C6 EAN A 8 -8.50 0.57 3.56
C5 EAN A 8 -7.55 1.20 4.31
C4 EAN A 8 -6.48 0.44 4.97
C2 EAN A 8 -7.51 -1.61 3.99
P EAN A 8 -12.18 2.07 0.41
O1P EAN A 8 -12.08 0.76 -0.28
O2P EAN A 8 -13.50 2.73 0.53
O5' EAN A 8 -11.57 1.91 1.89
C5' EAN A 8 -12.03 0.86 2.71
C4' EAN A 8 -11.67 -0.56 2.33
O4' EAN A 8 -10.32 -0.58 1.82
C1' EAN A 8 -9.54 -1.52 2.57
N1 EAN A 8 -8.50 -0.82 3.40
O4 EAN A 8 -5.59 0.92 5.65
N3 EAN A 8 -6.54 -0.94 4.76
O2 EAN A 8 -7.48 -2.84 3.87
C3' EAN A 8 -11.71 -1.42 3.58
C2' EAN A 8 -10.48 -2.30 3.47
C7' EAN A 8 -11.66 -0.41 4.76
C6' EAN A 8 -11.97 0.96 4.20
C8' EAN A 8 -13.29 1.09 3.50
O3' EAN A 8 -12.93 -2.16 3.58
H73 EAN A 8 -8.61 3.08 4.42
H71 EAN A 8 -6.99 3.17 3.68
H72 EAN A 8 -7.14 2.98 5.44
H6 EAN A 8 -9.28 1.15 3.10
H4' EAN A 8 -12.35 -0.94 1.58
H1' EAN A 8 -9.04 -2.22 1.88
H3 EAN A 8 -5.84 -1.50 5.19
H2' EAN A 8 -10.04 -2.50 4.45
H2'' EAN A 8 -10.76 -3.24 2.99
H7' EAN A 8 -10.66 -0.40 5.22
H7'' EAN A 8 -12.40 -0.66 5.51
H6' EAN A 8 -11.52 1.85 4.66
H8' EAN A 8 -13.98 0.25 3.56
H8'' EAN A 8 -13.74 2.07 3.43
O1P TCY A 9 -12.60 -4.63 3.97
P TCY A 9 -13.19 -3.42 4.59
O2P TCY A 9 -14.62 -3.41 4.98
C8' TCY A 9 -13.58 -3.80 7.90
O5' TCY A 9 -12.31 -3.03 5.87
C5' TCY A 9 -12.35 -3.80 7.04
C6' TCY A 9 -12.35 -3.09 8.36
C4' TCY A 9 -11.44 -5.01 7.15
C3' TCY A 9 -11.06 -5.19 8.60
C7' TCY A 9 -11.43 -3.85 9.30
O3' TCY A 9 -11.79 -6.27 9.16
C2' TCY A 9 -9.56 -5.46 8.56
C1' TCY A 9 -9.11 -4.85 7.24
O4' TCY A 9 -10.26 -4.78 6.38
N9 TCY A 9 -8.60 -3.48 7.46
C4 TCY A 9 -7.42 -3.18 8.09
N3 TCY A 9 -6.51 -4.06 8.59
C2 TCY A 9 -5.47 -3.43 9.15
N1 TCY A 9 -5.25 -2.11 9.22
C6 TCY A 9 -6.16 -1.25 8.68
N6 TCY A 9 -5.91 0.07 8.75
C5 TCY A 9 -7.32 -1.80 8.08
N7 TCY A 9 -8.43 -1.24 7.46
C8 TCY A 9 -9.15 -2.27 7.12
H8' TCY A 9 -13.85 -4.75 8.36
H8'A TCY A 9 -14.42 -3.20 7.54
H6' TCY A 9 -12.34 -2.00 8.38
H4' TCY A 9 -11.96 -5.89 6.77
H7' TCY A 9 -10.54 -3.25 9.49
H7'A TCY A 9 -11.95 -4.05 10.24
H2' TCY A 9 -9.04 -5.01 9.41
H2'A TCY A 9 -9.38 -6.54 8.54
H1' TCY A 9 -8.34 -5.48 6.78
H2 TCY A 9 -4.72 -4.05 9.61
HN6 TCY A 9 -5.08 0.42 9.19
HN6A TCY A 9 -6.59 0.72 8.35
H8 TCY A 9 -10.10 -2.18 6.62
P TCJ A 10 -11.42 -6.94 10.61
O1P TCJ A 10 -10.44 -8.02 10.36
O2P TCJ A 10 -12.69 -7.24 11.30
O5' TCJ A 10 -10.67 -5.76 11.40
C5' TCJ A 10 -10.08 -6.05 12.66
C4' TCJ A 10 -8.69 -6.64 12.69
O4' TCJ A 10 -7.89 -6.05 11.65
C1' TCJ A 10 -6.70 -5.45 12.22
N1 TCJ A 10 -6.79 -3.95 12.13
C6 TCJ A 10 -7.95 -3.29 11.75
C5 TCJ A 10 -8.00 -1.93 11.70
C7 TCJ A 10 -9.27 -1.18 11.29
C4 TCJ A 10 -6.80 -1.20 12.07
N4 TCJ A 10 -6.78 0.14 12.05
N3 TCJ A 10 -5.68 -1.85 12.43
C2 TCJ A 10 -5.62 -3.22 12.48
O2 TCJ A 10 -4.59 -3.81 12.80
C3' TCJ A 10 -8.05 -6.29 14.02
C2' TCJ A 10 -6.62 -5.90 13.67
C7' TCJ A 10 -8.88 -5.10 14.59
C6' TCJ A 10 -10.19 -5.07 13.80
C8' TCJ A 10 -10.99 -6.34 13.81
O3' TCJ A 10 -8.07 -7.39 14.90
H4' TCJ A 10 -8.73 -7.73 12.57
H1' TCJ A 10 -5.82 -5.80 11.67
H6 TCJ A 10 -8.83 -3.87 11.49
H73 TCJ A 10 -9.14 -0.79 10.28
H71 TCJ A 10 -9.44 -0.35 11.98
H72 TCJ A 10 -10.12 -1.86 11.32
H41 TCJ A 10 -5.95 0.64 12.32
H42 TCJ A 10 -7.61 0.65 11.78
H2' TCJ A 10 -6.26 -5.10 14.32
H2'' TCJ A 10 -5.96 -6.76 13.76
H7' TCJ A 10 -8.37 -4.15 14.45
H7'' TCJ A 10 -9.09 -5.26 15.65
H6' TCJ A 10 -10.70 -4.12 13.65
H8' TCJ A 10 -10.68 -7.14 14.49
H8'' TCJ A 10 -12.06 -6.27 13.61
H3T TCJ A 10 -8.16 -8.20 14.38
O5' F7H A 1 9.71 -11.63 -8.96
C5' F7H A 1 10.24 -11.13 -7.75
C4' F7H A 1 11.39 -10.14 -7.82
O4' F7H A 1 11.25 -9.32 -9.00
C1' F7H A 1 11.45 -7.94 -8.66
N1 F7H A 1 10.26 -7.14 -9.12
C6 F7H A 1 8.99 -7.71 -9.19
C5 F7H A 1 7.91 -6.96 -9.58
C7 F7H A 1 6.52 -7.55 -9.66
C4 F7H A 1 8.15 -5.57 -9.88
N4 F7H A 1 7.14 -4.77 -10.26
N3 F7H A 1 9.39 -5.03 -9.82
C2 F7H A 1 10.48 -5.79 -9.44
O2 F7H A 1 11.61 -5.31 -9.39
C3' F7H A 1 11.31 -9.23 -6.61
C2' F7H A 1 11.61 -7.83 -7.15
C7' F7H A 1 9.88 -9.40 -6.05
C6' F7H A 1 9.31 -10.67 -6.66
C8' F7H A 1 10.12 -11.92 -6.49
O3' F7H A 1 12.28 -9.63 -5.64
HO5' F7H A 1 9.57 -10.91 -9.57
H4' F7H A 1 12.35 -10.66 -7.84
H1' F7H A 1 12.34 -7.57 -9.16
H6 F7H A 1 8.86 -8.74 -8.94
H71 F7H A 1 6.51 -8.56 -9.24
H72 F7H A 1 6.21 -7.61 -10.71
H73 F7H A 1 5.82 -6.93 -9.12
H41 F7H A 1 7.31 -3.80 -10.48
H42 F7H A 1 6.20 -5.14 -10.32
H2' F7H A 1 10.94 -7.09 -6.73
H2'' F7H A 1 12.64 -7.56 -6.92
H7' F7H A 1 9.24 -8.56 -6.34
H7'' F7H A 1 9.89 -9.48 -4.97
H6' F7H A 1 8.24 -10.76 -6.81
H8' F7H A 1 10.97 -11.89 -5.81
H8'' F7H A 1 9.61 -12.88 -6.57
C7 EAN A 2 7.22 -5.98 -5.86
C6 EAN A 2 9.44 -4.83 -5.94
C5 EAN A 2 8.12 -4.83 -6.26
C4 EAN A 2 7.54 -3.70 -7.01
C2 EAN A 2 9.81 -2.68 -7.01
P EAN A 2 12.54 -8.81 -4.25
O1P EAN A 2 13.92 -8.30 -4.29
O2P EAN A 2 12.11 -9.68 -3.13
O5' EAN A 2 11.53 -7.55 -4.33
C5' EAN A 2 11.84 -6.37 -3.60
C4' EAN A 2 12.59 -5.25 -4.29
O4' EAN A 2 12.17 -5.14 -5.66
C1' EAN A 2 11.75 -3.80 -5.94
N1 EAN A 2 10.29 -3.79 -6.29
O4 EAN A 2 6.37 -3.61 -7.35
N3 EAN A 2 8.45 -2.68 -7.33
O2 EAN A 2 10.53 -1.73 -7.33
C3' EAN A 2 12.24 -3.94 -3.59
C2' EAN A 2 12.02 -2.94 -4.72
C7' EAN A 2 10.97 -4.24 -2.76
C6' EAN A 2 10.83 -5.75 -2.68
C8' EAN A 2 12.00 -6.49 -2.11
O3' EAN A 2 13.34 -3.58 -2.74
H73 EAN A 2 7.29 -6.77 -6.62
H71 EAN A 2 6.19 -5.65 -5.78
H72 EAN A 2 7.54 -6.39 -4.90
H6 EAN A 2 9.83 -5.66 -5.37
H4' EAN A 2 13.66 -5.43 -4.25
H1' EAN A 2 12.32 -3.42 -6.79
H3 EAN A 2 8.08 -1.90 -7.83
H2' EAN A 2 11.19 -2.27 -4.50
H2'' EAN A 2 12.92 -2.35 -4.88
H7' EAN A 2 10.09 -3.83 -3.23
H7'' EAN A 2 11.08 -3.83 -1.75
H6' EAN A 2 9.83 -6.19 -2.61
H8' EAN A 2 12.81 -5.92 -1.66
H8'' EAN A 2 11.83 -7.48 -1.68
P TCJ A 3 13.51 -2.10 -2.10
O1P TCJ A 3 14.28 -1.27 -3.06
O2P TCJ A 3 13.99 -2.25 -0.71
O5' TCJ A 3 12.01 -1.51 -2.05
C5' TCJ A 3 11.81 -0.15 -1.76
C4' TCJ A 3 12.04 0.87 -2.87
O4' TCJ A 3 11.66 0.30 -4.13
C1' TCJ A 3 10.69 1.13 -4.78
N1 TCJ A 3 9.37 0.41 -4.84
C6 TCJ A 3 9.06 -0.64 -3.98
C5 TCJ A 3 7.86 -1.27 -4.06
C7 TCJ A 3 7.50 -2.42 -3.13
C4 TCJ A 3 6.91 -0.80 -5.05
N4 TCJ A 3 5.71 -1.38 -5.17
N3 TCJ A 3 7.22 0.23 -5.88
C2 TCJ A 3 8.44 0.86 -5.81
O2 TCJ A 3 8.72 1.79 -6.56
C3' TCJ A 3 11.15 2.08 -2.60
C2' TCJ A 3 10.57 2.41 -3.96
C7' TCJ A 3 10.11 1.60 -1.55
C6' TCJ A 3 10.60 0.28 -0.97
C8' TCJ A 3 11.96 0.32 -0.35
O3' TCJ A 3 11.94 3.15 -2.08
H4' TCJ A 3 13.09 1.17 -2.89
H1' TCJ A 3 11.02 1.37 -5.78
H6 TCJ A 3 9.79 -0.96 -3.26
H73 TCJ A 3 6.47 -2.32 -2.79
H71 TCJ A 3 8.17 -2.42 -2.26
H72 TCJ A 3 7.61 -3.36 -3.67
H41 TCJ A 3 5.05 -1.05 -5.87
H42 TCJ A 3 5.45 -2.14 -4.57
H2' TCJ A 3 9.52 2.74 -3.87
H2'' TCJ A 3 11.15 3.20 -4.44
H7' TCJ A 3 9.13 1.45 -2.01
H7'' TCJ A 3 10.02 2.33 -0.75
H6' TCJ A 3 9.88 -0.46 -0.65
H8' TCJ A 3 12.44 1.28 -0.21
H8'' TCJ A 3 12.21 -0.45 0.39
C8 F4Q A 4 6.93 3.17 -3.21
C2 F4Q A 4 3.49 3.42 -5.95
C4 F4Q A 4 5.37 3.56 -4.67
C5 F4Q A 4 5.14 2.37 -4.02
C6 F4Q A 4 3.99 1.57 -4.37
P F4Q A 4 11.38 4.68 -1.96
O1P F4Q A 4 11.64 5.36 -3.25
O2P F4Q A 4 11.90 5.26 -0.71
O5' F4Q A 4 9.79 4.48 -1.82
C5' F4Q A 4 8.93 5.58 -1.66
C4' F4Q A 4 8.50 6.34 -2.91
O4' F4Q A 4 8.46 5.43 -4.02
C1' F4Q A 4 7.14 5.37 -4.55
N9 F4Q A 4 6.52 4.08 -4.15
N7 F4Q A 4 6.15 2.13 -3.10
O6 F4Q A 4 3.67 0.48 -3.91
N1 F4Q A 4 3.20 2.19 -5.35
N2 F4Q A 4 2.62 3.86 -6.85
N3 F4Q A 4 4.60 4.14 -5.65
C3' F4Q A 4 7.10 6.88 -2.68
C2' F4Q A 4 6.35 6.52 -3.97
C7' F4Q A 4 6.56 6.16 -1.42
C6' F4Q A 4 7.74 5.46 -0.76
C8' F4Q A 4 8.90 6.33 -0.37
O3' F4Q A 4 7.14 8.29 -2.48
H8 F4Q A 4 7.83 3.30 -2.61
H4' F4Q A 4 9.19 7.16 -3.12
H1' F4Q A 4 7.16 5.44 -5.64
H1 F4Q A 4 2.35 1.72 -5.62
H22 F4Q A 4 2.78 4.74 -7.32
H21 F4Q A 4 1.79 3.33 -7.08
H2' F4Q A 4 5.31 6.24 -3.76
H2'' F4Q A 4 6.37 7.37 -4.65
H7' F4Q A 4 5.80 5.41 -1.68
H7'' F4Q A 4 6.13 6.88 -0.72
H6' F4Q A 4 7.58 4.52 -0.22
H8' F4Q A 4 8.78 7.41 -0.43
H8'' F4Q A 4 9.57 5.97 0.41
C8 F4Q A 5 2.75 5.49 -2.76
C2 F4Q A 5 -0.71 3.45 -4.57
C4 F4Q A 5 0.99 4.75 -3.83
C5 F4Q A 5 1.49 3.79 -2.98
C6 F4Q A 5 0.84 2.51 -2.89
P F4Q A 5 5.82 9.24 -2.52
O1P F4Q A 5 5.58 9.65 -3.92
O2P F4Q A 5 5.95 10.27 -1.47
O5' F4Q A 5 4.62 8.24 -2.09
C5' F4Q A 5 3.31 8.73 -1.93
C4' F4Q A 5 2.45 8.96 -3.16
O4' F4Q A 5 2.76 7.96 -4.15
C1' F4Q A 5 1.62 7.14 -4.40
N9 F4Q A 5 1.80 5.85 -3.69
N7 F4Q A 5 2.61 4.27 -2.31
O6 F4Q A 5 1.16 1.54 -2.20
N1 F4Q A 5 -0.27 2.42 -3.74
N2 F4Q A 5 -1.80 3.19 -5.31
N3 F4Q A 5 -0.10 4.65 -4.65
C3' F4Q A 5 0.99 8.79 -2.76
C2' F4Q A 5 0.40 7.88 -3.85
C7' F4Q A 5 0.99 8.14 -1.35
C6' F4Q A 5 2.42 8.19 -0.84
C8' F4Q A 5 3.00 9.57 -0.72
O3' F4Q A 5 0.33 10.05 -2.75
H8 F4Q A 5 3.53 6.14 -2.43
H4' F4Q A 5 2.62 9.95 -3.56
H1' F4Q A 5 1.51 6.97 -5.47
H1 F4Q A 5 -0.78 1.55 -3.75
H22 F4Q A 5 -2.16 3.90 -5.93
H21 F4Q A 5 -2.26 2.29 -5.26
H2' F4Q A 5 -0.34 7.18 -3.44
H2'' F4Q A 5 -0.04 8.48 -4.63
H7' F4Q A 5 0.66 7.09 -1.40
H7'' F4Q A 5 0.35 8.70 -0.68
H6' F4Q A 5 2.79 7.40 -0.20
H8' F4Q A 5 2.35 10.42 -0.86
H8'' F4Q A 5 3.83 9.71 -0.01
P TCJ A 6 -1.28 10.21 -2.60
O1P TCJ A 6 -1.86 10.30 -3.96
O2P TCJ A 6 -1.52 11.30 -1.63
O5' TCJ A 6 -1.76 8.82 -1.94
C5' TCJ A 6 -3.13 8.51 -1.81
C4' TCJ A 6 -3.81 7.66 -2.88
O4' TCJ A 6 -2.90 6.66 -3.36
C1' TCJ A 6 -3.47 5.35 -3.19
N1 TCJ A 6 -2.71 4.58 -2.15
C6 TCJ A 6 -1.72 5.17 -1.37
C5 TCJ A 6 -1.04 4.46 -0.42
C7 TCJ A 6 0.03 5.11 0.42
C4 TCJ A 6 -1.40 3.05 -0.27
N4 TCJ A 6 -0.77 2.29 0.64
N3 TCJ A 6 -2.36 2.49 -1.03
C2 TCJ A 6 -3.04 3.22 -1.98
O2 TCJ A 6 -3.91 2.69 -2.67
C3' TCJ A 6 -5.00 6.95 -2.22
C2' TCJ A 6 -4.93 5.53 -2.77
C7' TCJ A 6 -4.75 7.05 -0.70
C6' TCJ A 6 -3.69 8.11 -0.47
C8' TCJ A 6 -4.00 9.46 -1.02
O3' TCJ A 6 -6.19 7.61 -2.60
H4' TCJ A 6 -4.15 8.29 -3.70
H1' TCJ A 6 -3.44 4.81 -4.13
H6 TCJ A 6 -1.49 6.22 -1.51
H73 TCJ A 6 0.14 4.58 1.37
H71 TCJ A 6 0.99 5.08 -0.12
H72 TCJ A 6 -0.23 6.15 0.63
H41 TCJ A 6 -1.02 1.32 0.74
H42 TCJ A 6 -0.05 2.68 1.22
H2' TCJ A 6 -5.23 4.81 -2.00
H2'' TCJ A 6 -5.58 5.43 -3.64
H7' TCJ A 6 -4.41 6.09 -0.28
H7'' TCJ A 6 -5.68 7.35 -0.19
H6' TCJ A 6 -3.02 8.02 0.39
H8' TCJ A 6 -5.00 9.64 -1.42
H8'' TCJ A 6 -3.51 10.31 -0.57
C7 EAN A 7 -4.32 4.32 1.92
C6 EAN A 7 -5.87 3.04 0.41
C5 EAN A 7 -4.95 3.02 1.44
C4 EAN A 7 -4.58 1.76 2.08
C2 EAN A 7 -6.13 0.62 0.50
P EAN A 7 -7.67 6.99 -2.33
O1P EAN A 7 -8.10 6.28 -3.54
O2P EAN A 7 -8.52 8.08 -1.78
O5' EAN A 7 -7.43 5.91 -1.17
C5' EAN A 7 -8.50 5.14 -0.69
C4' EAN A 7 -8.80 3.81 -1.38
O4' EAN A 7 -7.57 3.17 -1.76
C1' EAN A 7 -7.48 1.87 -1.15
N1 EAN A 7 -6.46 1.87 -0.05
O4 EAN A 7 -3.78 1.65 3.00
N3 EAN A 7 -5.20 0.64 1.54
O2 EAN A 7 -6.64 -0.43 0.11
C3' EAN A 7 -9.51 2.90 -0.37
C2' EAN A 7 -8.87 1.55 -0.58
C7' EAN A 7 -9.21 3.52 1.02
C6' EAN A 7 -8.70 4.93 0.78
C8' EAN A 7 -9.63 5.83 0.02
O3' EAN A 7 -10.91 2.87 -0.65
H73 EAN A 7 -5.03 5.15 1.80
H71 EAN A 7 -3.42 4.52 1.34
H72 EAN A 7 -4.06 4.22 2.97
H6 EAN A 7 -6.14 3.98 -0.03
H4' EAN A 7 -9.43 3.97 -2.25
H1' EAN A 7 -7.21 1.14 -1.90
H3 EAN A 7 -4.96 -0.26 1.95
H2' EAN A 7 -8.80 0.99 0.35
H2'' EAN A 7 -9.42 0.97 -1.32
H7' EAN A 7 -8.46 2.96 1.55
H7'' EAN A 7 -10.13 3.58 1.61
H6' EAN A 7 -8.00 5.37 1.48
H8' EAN A 7 -10.63 5.47 -0.20
H8'' EAN A 7 -9.53 6.90 0.15
C7 EAN A 8 -7.67 2.53 4.38
C6 EAN A 8 -8.53 0.35 3.48
C5 EAN A 8 -7.60 1.03 4.23
C4 EAN A 8 -6.54 0.30 4.91
C2 EAN A 8 -7.48 -1.79 3.96
P EAN A 8 -11.94 1.79 0.01
O1P EAN A 8 -11.76 0.49 -0.69
O2P EAN A 8 -13.27 2.40 0.08
O5' EAN A 8 -11.38 1.62 1.52
C5' EAN A 8 -11.94 0.66 2.37
C4' EAN A 8 -11.60 -0.80 2.14
O4' EAN A 8 -10.25 -0.91 1.69
C1' EAN A 8 -9.52 -1.79 2.54
N1 EAN A 8 -8.50 -1.04 3.34
O4 EAN A 8 -5.67 0.82 5.61
N3 EAN A 8 -6.55 -1.08 4.72
O2 EAN A 8 -7.41 -3.02 3.85
C3' EAN A 8 -11.72 -1.54 3.47
C2' EAN A 8 -10.51 -2.46 3.48
C7' EAN A 8 -11.68 -0.44 4.55
C6' EAN A 8 -11.94 0.89 3.86
C8' EAN A 8 -13.22 0.99 3.09
O3' EAN A 8 -12.95 -2.26 3.51
H73 EAN A 8 -7.68 2.79 5.43
H71 EAN A 8 -8.57 2.93 3.91
H72 EAN A 8 -6.80 2.98 3.91
H6 EAN A 8 -9.32 0.90 2.98
H4' EAN A 8 -12.28 -1.24 1.41
H1' EAN A 8 -9.01 -2.55 1.94
H3 EAN A 8 -5.83 -1.61 5.17
H2' EAN A 8 -10.10 -2.57 4.49
H2'' EAN A 8 -10.79 -3.44 3.08
H7' EAN A 8 -10.70 -0.39 5.05
H7'' EAN A 8 -12.46 -0.60 5.30
H6' EAN A 8 -11.49 1.80 4.25
H8' EAN A 8 -13.94 0.18 3.18
H8'' EAN A 8 -13.64 1.97 2.90
O1P TCY A 9 -12.67 -4.68 4.16
P TCY A 9 -13.26 -3.41 4.63
O2P TCY A 9 -14.70 -3.35 4.97
C8' TCY A 9 -13.68 -3.58 7.99
O5' TCY A 9 -12.42 -2.93 5.92
C5' TCY A 9 -12.45 -3.66 7.12
C6' TCY A 9 -12.41 -2.92 8.44
C4' TCY A 9 -11.59 -4.89 7.25
C3' TCY A 9 -11.21 -5.07 8.72
C7' TCY A 9 -11.54 -3.73 9.40
O3' TCY A 9 -11.98 -6.13 9.28
C2' TCY A 9 -9.72 -5.39 8.67
C1' TCY A 9 -9.25 -4.83 7.34
O4' TCY A 9 -10.39 -4.72 6.49
N9 TCY A 9 -8.66 -3.48 7.54
C4 TCY A 9 -7.47 -3.21 8.15
N3 TCY A 9 -6.62 -4.13 8.70
C2 TCY A 9 -5.55 -3.53 9.25
N1 TCY A 9 -5.26 -2.22 9.28
C6 TCY A 9 -6.14 -1.33 8.73
N6 TCY A 9 -5.84 -0.02 8.76
C5 TCY A 9 -7.31 -1.84 8.13
N7 TCY A 9 -8.39 -1.24 7.49
C8 TCY A 9 -9.15 -2.25 7.16
H8' TCY A 9 -13.98 -4.51 8.47
H8'A TCY A 9 -14.49 -2.96 7.62
H6' TCY A 9 -12.35 -1.84 8.44
H4' TCY A 9 -12.13 -5.77 6.88
H7' TCY A 9 -10.63 -3.15 9.60
H7'A TCY A 9 -12.08 -3.89 10.32
H2' TCY A 9 -9.19 -4.94 9.51
H2'A TCY A 9 -9.57 -6.47 8.67
H1' TCY A 9 -8.51 -5.49 6.89
H2 TCY A 9 -4.83 -4.18 9.71
HN6 TCY A 9 -4.98 0.29 9.20
HN6A TCY A 9 -6.47 0.65 8.36
H8 TCY A 9 -10.10 -2.12 6.65
P TCJ A 10 -11.60 -6.84 10.70
O1P TCJ A 10 -10.62 -7.92 10.43
O2P TCJ A 10 -12.87 -7.18 11.38
O5' TCJ A 10 -10.87 -5.69 11.55
C5' TCJ A 10 -10.26 -6.03 12.77
C4' TCJ A 10 -8.83 -6.58 12.77
O4' TCJ A 10 -8.09 -5.95 11.72
C1' TCJ A 10 -6.92 -5.31 12.27
N1 TCJ A 10 -7.03 -3.82 12.18
C6 TCJ A 10 -8.23 -3.19 11.84
C5 TCJ A 10 -8.32 -1.83 11.77
C7 TCJ A 10 -9.60 -1.13 11.40
C4 TCJ A 10 -7.11 -1.07 12.07
N4 TCJ A 10 -7.12 0.27 12.02
N3 TCJ A 10 -5.96 -1.70 12.40
C2 TCJ A 10 -5.88 -3.07 12.47
O2 TCJ A 10 -4.83 -3.63 12.77
C3' TCJ A 10 -8.19 -6.24 14.10
C2' TCJ A 10 -6.80 -5.74 13.73
C7' TCJ A 10 -9.08 -5.14 14.74
C6' TCJ A 10 -10.39 -5.13 13.98
C8' TCJ A 10 -11.14 -6.43 13.93
O3' TCJ A 10 -8.12 -7.39 14.93
H4' TCJ A 10 -8.86 -7.66 12.61
H1' TCJ A 10 -6.03 -5.65 11.73
H6 TCJ A 10 -9.10 -3.78 11.62
H73 TCJ A 10 -9.74 -0.25 12.03
H71 TCJ A 10 -10.45 -1.79 11.53
H72 TCJ A 10 -9.56 -0.81 10.35
H41 TCJ A 10 -6.28 0.79 12.24
H42 TCJ A 10 -7.97 0.75 11.78
H2' TCJ A 10 -6.48 -4.92 14.37
H2'' TCJ A 10 -6.07 -6.56 13.81
H7' TCJ A 10 -8.61 -4.16 14.67
H7'' TCJ A 10 -9.27 -5.38 15.80
H6' TCJ A 10 -10.95 -4.19 13.89
H8' TCJ A 10 -10.78 -7.25 14.54
H8'' TCJ A 10 -12.22 -6.40 13.74
H3T TCJ A 10 -7.51 -8.02 14.53
#